data_3CTA
# 
_entry.id   3CTA 
# 
_audit_conform.dict_name       mmcif_pdbx.dic 
_audit_conform.dict_version    5.387 
_audit_conform.dict_location   http://mmcif.pdb.org/dictionaries/ascii/mmcif_pdbx.dic 
# 
loop_
_database_2.database_id 
_database_2.database_code 
_database_2.pdbx_database_accession 
_database_2.pdbx_DOI 
PDB   3CTA         pdb_00003cta 10.2210/pdb3cta/pdb 
RCSB  RCSB047184   ?            ?                   
WWPDB D_1000047184 ?            ?                   
# 
loop_
_pdbx_audit_revision_history.ordinal 
_pdbx_audit_revision_history.data_content_type 
_pdbx_audit_revision_history.major_revision 
_pdbx_audit_revision_history.minor_revision 
_pdbx_audit_revision_history.revision_date 
1 'Structure model' 1 0 2008-04-29 
2 'Structure model' 1 1 2011-07-13 
3 'Structure model' 1 2 2017-10-25 
4 'Structure model' 1 3 2018-11-14 
5 'Structure model' 1 4 2021-02-03 
6 'Structure model' 1 5 2024-02-21 
# 
_pdbx_audit_revision_details.ordinal             1 
_pdbx_audit_revision_details.revision_ordinal    1 
_pdbx_audit_revision_details.data_content_type   'Structure model' 
_pdbx_audit_revision_details.provider            repository 
_pdbx_audit_revision_details.type                'Initial release' 
_pdbx_audit_revision_details.description         ? 
_pdbx_audit_revision_details.details             ? 
# 
loop_
_pdbx_audit_revision_group.ordinal 
_pdbx_audit_revision_group.revision_ordinal 
_pdbx_audit_revision_group.data_content_type 
_pdbx_audit_revision_group.group 
1 2 'Structure model' 'Version format compliance' 
2 3 'Structure model' 'Refinement description'    
3 4 'Structure model' 'Data collection'           
4 4 'Structure model' 'Derived calculations'      
5 4 'Structure model' 'Structure summary'         
6 5 'Structure model' 'Database references'       
7 5 'Structure model' 'Structure summary'         
8 6 'Structure model' 'Data collection'           
9 6 'Structure model' 'Database references'       
# 
loop_
_pdbx_audit_revision_category.ordinal 
_pdbx_audit_revision_category.revision_ordinal 
_pdbx_audit_revision_category.data_content_type 
_pdbx_audit_revision_category.category 
1 3 'Structure model' software                     
2 4 'Structure model' audit_author                 
3 4 'Structure model' pdbx_struct_special_symmetry 
4 5 'Structure model' audit_author                 
5 5 'Structure model' citation_author              
6 5 'Structure model' struct_ref_seq_dif           
7 6 'Structure model' chem_comp_atom               
8 6 'Structure model' chem_comp_bond               
9 6 'Structure model' database_2                   
# 
loop_
_pdbx_audit_revision_item.ordinal 
_pdbx_audit_revision_item.revision_ordinal 
_pdbx_audit_revision_item.data_content_type 
_pdbx_audit_revision_item.item 
1 4 'Structure model' '_audit_author.identifier_ORCID'      
2 5 'Structure model' '_audit_author.identifier_ORCID'      
3 5 'Structure model' '_citation_author.identifier_ORCID'   
4 5 'Structure model' '_struct_ref_seq_dif.details'         
5 6 'Structure model' '_database_2.pdbx_DOI'                
6 6 'Structure model' '_database_2.pdbx_database_accession' 
# 
_pdbx_database_status.entry_id                        3CTA 
_pdbx_database_status.deposit_site                    RCSB 
_pdbx_database_status.process_site                    RCSB 
_pdbx_database_status.recvd_initial_deposition_date   2008-04-11 
_pdbx_database_status.status_code                     REL 
_pdbx_database_status.status_code_sf                  REL 
_pdbx_database_status.status_code_mr                  ? 
_pdbx_database_status.SG_entry                        Y 
_pdbx_database_status.pdb_format_compatible           Y 
_pdbx_database_status.status_code_cs                  ? 
_pdbx_database_status.methods_development_category    ? 
_pdbx_database_status.status_code_nmr_data            ? 
# 
_pdbx_database_related.db_name        TargetDB 
_pdbx_database_related.db_id          NYSGXRC-10141b 
_pdbx_database_related.details        . 
_pdbx_database_related.content_type   unspecified 
# 
loop_
_audit_author.name 
_audit_author.pdbx_ordinal 
_audit_author.identifier_ORCID 
'Bonanno, J.B.'                                                  1  ?                   
'Rutter, M.'                                                     2  ?                   
'Bain, K.T.'                                                     3  ?                   
'Mendoza, M.'                                                    4  ?                   
'Romero, R.'                                                     5  ?                   
'Smith, D.'                                                      6  ?                   
'Wasserman, S.'                                                  7  ?                   
'Sauder, J.M.'                                                   8  0000-0002-0254-4955 
'Burley, S.K.'                                                   9  0000-0002-2487-9713 
'Almo, S.C.'                                                     10 ?                   
'New York SGX Research Center for Structural Genomics (NYSGXRC)' 11 ?                   
# 
_citation.id                        primary 
_citation.title                     'Crystal structure of riboflavin kinase from Thermoplasma acidophilum.' 
_citation.journal_abbrev            'To be Published' 
_citation.journal_volume            ? 
_citation.page_first                ? 
_citation.page_last                 ? 
_citation.year                      ? 
_citation.journal_id_ASTM           ? 
_citation.country                   ? 
_citation.journal_id_ISSN           ? 
_citation.journal_id_CSD            0353 
_citation.book_publisher            ? 
_citation.pdbx_database_id_PubMed   ? 
_citation.pdbx_database_id_DOI      ? 
# 
loop_
_citation_author.citation_id 
_citation_author.name 
_citation_author.ordinal 
_citation_author.identifier_ORCID 
primary 'Bonanno, J.B.' 1  ?                   
primary 'Rutter, M.'    2  ?                   
primary 'Bain, K.T.'    3  ?                   
primary 'Mendoza, M.'   4  ?                   
primary 'Romero, R.'    5  ?                   
primary 'Smith, D.'     6  ?                   
primary 'Wasserman, S.' 7  ?                   
primary 'Sauder, J.M.'  8  ?                   
primary 'Burley, S.K.'  9  0000-0002-2487-9713 
primary 'Almo, S.C.'    10 ?                   
# 
loop_
_entity.id 
_entity.type 
_entity.src_method 
_entity.pdbx_description 
_entity.formula_weight 
_entity.pdbx_number_of_molecules 
_entity.pdbx_ec 
_entity.pdbx_mutation 
_entity.pdbx_fragment 
_entity.details 
1 polymer man 'Riboflavin kinase' 26245.066 1  2.7.1.- ? ? ? 
2 water   nat water               18.015    52 ?       ? ? ? 
# 
_entity_name_com.entity_id   1 
_entity_name_com.name        
;RFK, CTP:riboflavin 5'-phosphotransferase, CTP-dependent riboflavin kinase, Flavokinase
;
# 
_entity_poly.entity_id                      1 
_entity_poly.type                           'polypeptide(L)' 
_entity_poly.nstd_linkage                   no 
_entity_poly.nstd_monomer                   no 
_entity_poly.pdbx_seq_one_letter_code       
;MSLETDDQYYRAIKKIKEAAEASNRAYLTSSKLADMLGISQQSASRIIIDLEKNGYITRTVTKRGQILNITEKGLDVLYT
EFADLSRILAIKNNVVITGTVTSGMGEGRYYVARKQYIIQFQEKLGIIPYLGTLNIKVDQASLPELRKIRGFRGIHIEGF
KTEDRTFGSVKAFPAKIQNIPCFVIMPERTVYTDVIEIISDKYLREEINLHDGDRVSVEVYTEGHHHHHH
;
_entity_poly.pdbx_seq_one_letter_code_can   
;MSLETDDQYYRAIKKIKEAAEASNRAYLTSSKLADMLGISQQSASRIIIDLEKNGYITRTVTKRGQILNITEKGLDVLYT
EFADLSRILAIKNNVVITGTVTSGMGEGRYYVARKQYIIQFQEKLGIIPYLGTLNIKVDQASLPELRKIRGFRGIHIEGF
KTEDRTFGSVKAFPAKIQNIPCFVIMPERTVYTDVIEIISDKYLREEINLHDGDRVSVEVYTEGHHHHHH
;
_entity_poly.pdbx_strand_id                 A 
_entity_poly.pdbx_target_identifier         NYSGXRC-10141b 
# 
_pdbx_entity_nonpoly.entity_id   2 
_pdbx_entity_nonpoly.name        water 
_pdbx_entity_nonpoly.comp_id     HOH 
# 
loop_
_entity_poly_seq.entity_id 
_entity_poly_seq.num 
_entity_poly_seq.mon_id 
_entity_poly_seq.hetero 
1 1   MET n 
1 2   SER n 
1 3   LEU n 
1 4   GLU n 
1 5   THR n 
1 6   ASP n 
1 7   ASP n 
1 8   GLN n 
1 9   TYR n 
1 10  TYR n 
1 11  ARG n 
1 12  ALA n 
1 13  ILE n 
1 14  LYS n 
1 15  LYS n 
1 16  ILE n 
1 17  LYS n 
1 18  GLU n 
1 19  ALA n 
1 20  ALA n 
1 21  GLU n 
1 22  ALA n 
1 23  SER n 
1 24  ASN n 
1 25  ARG n 
1 26  ALA n 
1 27  TYR n 
1 28  LEU n 
1 29  THR n 
1 30  SER n 
1 31  SER n 
1 32  LYS n 
1 33  LEU n 
1 34  ALA n 
1 35  ASP n 
1 36  MET n 
1 37  LEU n 
1 38  GLY n 
1 39  ILE n 
1 40  SER n 
1 41  GLN n 
1 42  GLN n 
1 43  SER n 
1 44  ALA n 
1 45  SER n 
1 46  ARG n 
1 47  ILE n 
1 48  ILE n 
1 49  ILE n 
1 50  ASP n 
1 51  LEU n 
1 52  GLU n 
1 53  LYS n 
1 54  ASN n 
1 55  GLY n 
1 56  TYR n 
1 57  ILE n 
1 58  THR n 
1 59  ARG n 
1 60  THR n 
1 61  VAL n 
1 62  THR n 
1 63  LYS n 
1 64  ARG n 
1 65  GLY n 
1 66  GLN n 
1 67  ILE n 
1 68  LEU n 
1 69  ASN n 
1 70  ILE n 
1 71  THR n 
1 72  GLU n 
1 73  LYS n 
1 74  GLY n 
1 75  LEU n 
1 76  ASP n 
1 77  VAL n 
1 78  LEU n 
1 79  TYR n 
1 80  THR n 
1 81  GLU n 
1 82  PHE n 
1 83  ALA n 
1 84  ASP n 
1 85  LEU n 
1 86  SER n 
1 87  ARG n 
1 88  ILE n 
1 89  LEU n 
1 90  ALA n 
1 91  ILE n 
1 92  LYS n 
1 93  ASN n 
1 94  ASN n 
1 95  VAL n 
1 96  VAL n 
1 97  ILE n 
1 98  THR n 
1 99  GLY n 
1 100 THR n 
1 101 VAL n 
1 102 THR n 
1 103 SER n 
1 104 GLY n 
1 105 MET n 
1 106 GLY n 
1 107 GLU n 
1 108 GLY n 
1 109 ARG n 
1 110 TYR n 
1 111 TYR n 
1 112 VAL n 
1 113 ALA n 
1 114 ARG n 
1 115 LYS n 
1 116 GLN n 
1 117 TYR n 
1 118 ILE n 
1 119 ILE n 
1 120 GLN n 
1 121 PHE n 
1 122 GLN n 
1 123 GLU n 
1 124 LYS n 
1 125 LEU n 
1 126 GLY n 
1 127 ILE n 
1 128 ILE n 
1 129 PRO n 
1 130 TYR n 
1 131 LEU n 
1 132 GLY n 
1 133 THR n 
1 134 LEU n 
1 135 ASN n 
1 136 ILE n 
1 137 LYS n 
1 138 VAL n 
1 139 ASP n 
1 140 GLN n 
1 141 ALA n 
1 142 SER n 
1 143 LEU n 
1 144 PRO n 
1 145 GLU n 
1 146 LEU n 
1 147 ARG n 
1 148 LYS n 
1 149 ILE n 
1 150 ARG n 
1 151 GLY n 
1 152 PHE n 
1 153 ARG n 
1 154 GLY n 
1 155 ILE n 
1 156 HIS n 
1 157 ILE n 
1 158 GLU n 
1 159 GLY n 
1 160 PHE n 
1 161 LYS n 
1 162 THR n 
1 163 GLU n 
1 164 ASP n 
1 165 ARG n 
1 166 THR n 
1 167 PHE n 
1 168 GLY n 
1 169 SER n 
1 170 VAL n 
1 171 LYS n 
1 172 ALA n 
1 173 PHE n 
1 174 PRO n 
1 175 ALA n 
1 176 LYS n 
1 177 ILE n 
1 178 GLN n 
1 179 ASN n 
1 180 ILE n 
1 181 PRO n 
1 182 CYS n 
1 183 PHE n 
1 184 VAL n 
1 185 ILE n 
1 186 MET n 
1 187 PRO n 
1 188 GLU n 
1 189 ARG n 
1 190 THR n 
1 191 VAL n 
1 192 TYR n 
1 193 THR n 
1 194 ASP n 
1 195 VAL n 
1 196 ILE n 
1 197 GLU n 
1 198 ILE n 
1 199 ILE n 
1 200 SER n 
1 201 ASP n 
1 202 LYS n 
1 203 TYR n 
1 204 LEU n 
1 205 ARG n 
1 206 GLU n 
1 207 GLU n 
1 208 ILE n 
1 209 ASN n 
1 210 LEU n 
1 211 HIS n 
1 212 ASP n 
1 213 GLY n 
1 214 ASP n 
1 215 ARG n 
1 216 VAL n 
1 217 SER n 
1 218 VAL n 
1 219 GLU n 
1 220 VAL n 
1 221 TYR n 
1 222 THR n 
1 223 GLU n 
1 224 GLY n 
1 225 HIS n 
1 226 HIS n 
1 227 HIS n 
1 228 HIS n 
1 229 HIS n 
1 230 HIS n 
# 
_entity_src_gen.entity_id                          1 
_entity_src_gen.pdbx_src_id                        1 
_entity_src_gen.pdbx_alt_source_flag               sample 
_entity_src_gen.pdbx_seq_type                      ? 
_entity_src_gen.pdbx_beg_seq_num                   ? 
_entity_src_gen.pdbx_end_seq_num                   ? 
_entity_src_gen.gene_src_common_name               ? 
_entity_src_gen.gene_src_genus                     Thermoplasma 
_entity_src_gen.pdbx_gene_src_gene                 'rfk, Ta1064' 
_entity_src_gen.gene_src_species                   'Thermoplasma acidophilum' 
_entity_src_gen.gene_src_strain                    'DSM 1728 / AMRC-C165 / IFO 15155 / JCM 9062' 
_entity_src_gen.gene_src_tissue                    ? 
_entity_src_gen.gene_src_tissue_fraction           ? 
_entity_src_gen.gene_src_details                   ? 
_entity_src_gen.pdbx_gene_src_fragment             ? 
_entity_src_gen.pdbx_gene_src_scientific_name      'Thermoplasma acidophilum DSM 1728' 
_entity_src_gen.pdbx_gene_src_ncbi_taxonomy_id     273075 
_entity_src_gen.pdbx_gene_src_variant              ? 
_entity_src_gen.pdbx_gene_src_cell_line            ? 
_entity_src_gen.pdbx_gene_src_atcc                 25905 
_entity_src_gen.pdbx_gene_src_organ                ? 
_entity_src_gen.pdbx_gene_src_organelle            ? 
_entity_src_gen.pdbx_gene_src_cell                 ? 
_entity_src_gen.pdbx_gene_src_cellular_location    ? 
_entity_src_gen.host_org_common_name               ? 
_entity_src_gen.pdbx_host_org_scientific_name      'Escherichia coli BL21(DE3)' 
_entity_src_gen.pdbx_host_org_ncbi_taxonomy_id     469008 
_entity_src_gen.host_org_genus                     Escherichia 
_entity_src_gen.pdbx_host_org_gene                 ? 
_entity_src_gen.pdbx_host_org_organ                ? 
_entity_src_gen.host_org_species                   'Escherichia coli' 
_entity_src_gen.pdbx_host_org_tissue               ? 
_entity_src_gen.pdbx_host_org_tissue_fraction      ? 
_entity_src_gen.pdbx_host_org_strain               'BL21(DE3)' 
_entity_src_gen.pdbx_host_org_variant              ? 
_entity_src_gen.pdbx_host_org_cell_line            ? 
_entity_src_gen.pdbx_host_org_atcc                 ? 
_entity_src_gen.pdbx_host_org_culture_collection   ? 
_entity_src_gen.pdbx_host_org_cell                 ? 
_entity_src_gen.pdbx_host_org_organelle            ? 
_entity_src_gen.pdbx_host_org_cellular_location    ? 
_entity_src_gen.pdbx_host_org_vector_type          Plasmid 
_entity_src_gen.pdbx_host_org_vector               pET 
_entity_src_gen.host_org_details                   ? 
_entity_src_gen.expression_system_id               ? 
_entity_src_gen.plasmid_name                       'Modified pET26' 
_entity_src_gen.plasmid_details                    ? 
_entity_src_gen.pdbx_description                   ? 
# 
loop_
_chem_comp.id 
_chem_comp.type 
_chem_comp.mon_nstd_flag 
_chem_comp.name 
_chem_comp.pdbx_synonyms 
_chem_comp.formula 
_chem_comp.formula_weight 
ALA 'L-peptide linking' y ALANINE         ? 'C3 H7 N O2'     89.093  
ARG 'L-peptide linking' y ARGININE        ? 'C6 H15 N4 O2 1' 175.209 
ASN 'L-peptide linking' y ASPARAGINE      ? 'C4 H8 N2 O3'    132.118 
ASP 'L-peptide linking' y 'ASPARTIC ACID' ? 'C4 H7 N O4'     133.103 
CYS 'L-peptide linking' y CYSTEINE        ? 'C3 H7 N O2 S'   121.158 
GLN 'L-peptide linking' y GLUTAMINE       ? 'C5 H10 N2 O3'   146.144 
GLU 'L-peptide linking' y 'GLUTAMIC ACID' ? 'C5 H9 N O4'     147.129 
GLY 'peptide linking'   y GLYCINE         ? 'C2 H5 N O2'     75.067  
HIS 'L-peptide linking' y HISTIDINE       ? 'C6 H10 N3 O2 1' 156.162 
HOH non-polymer         . WATER           ? 'H2 O'           18.015  
ILE 'L-peptide linking' y ISOLEUCINE      ? 'C6 H13 N O2'    131.173 
LEU 'L-peptide linking' y LEUCINE         ? 'C6 H13 N O2'    131.173 
LYS 'L-peptide linking' y LYSINE          ? 'C6 H15 N2 O2 1' 147.195 
MET 'L-peptide linking' y METHIONINE      ? 'C5 H11 N O2 S'  149.211 
PHE 'L-peptide linking' y PHENYLALANINE   ? 'C9 H11 N O2'    165.189 
PRO 'L-peptide linking' y PROLINE         ? 'C5 H9 N O2'     115.130 
SER 'L-peptide linking' y SERINE          ? 'C3 H7 N O3'     105.093 
THR 'L-peptide linking' y THREONINE       ? 'C4 H9 N O3'     119.119 
TYR 'L-peptide linking' y TYROSINE        ? 'C9 H11 N O3'    181.189 
VAL 'L-peptide linking' y VALINE          ? 'C5 H11 N O2'    117.146 
# 
loop_
_pdbx_poly_seq_scheme.asym_id 
_pdbx_poly_seq_scheme.entity_id 
_pdbx_poly_seq_scheme.seq_id 
_pdbx_poly_seq_scheme.mon_id 
_pdbx_poly_seq_scheme.ndb_seq_num 
_pdbx_poly_seq_scheme.pdb_seq_num 
_pdbx_poly_seq_scheme.auth_seq_num 
_pdbx_poly_seq_scheme.pdb_mon_id 
_pdbx_poly_seq_scheme.auth_mon_id 
_pdbx_poly_seq_scheme.pdb_strand_id 
_pdbx_poly_seq_scheme.pdb_ins_code 
_pdbx_poly_seq_scheme.hetero 
A 1 1   MET 1   -1  ?   ?   ?   A . n 
A 1 2   SER 2   0   ?   ?   ?   A . n 
A 1 3   LEU 3   1   ?   ?   ?   A . n 
A 1 4   GLU 4   2   ?   ?   ?   A . n 
A 1 5   THR 5   3   ?   ?   ?   A . n 
A 1 6   ASP 6   4   ?   ?   ?   A . n 
A 1 7   ASP 7   5   5   ASP ASP A . n 
A 1 8   GLN 8   6   6   GLN GLN A . n 
A 1 9   TYR 9   7   7   TYR TYR A . n 
A 1 10  TYR 10  8   8   TYR TYR A . n 
A 1 11  ARG 11  9   9   ARG ARG A . n 
A 1 12  ALA 12  10  10  ALA ALA A . n 
A 1 13  ILE 13  11  11  ILE ILE A . n 
A 1 14  LYS 14  12  12  LYS LYS A . n 
A 1 15  LYS 15  13  13  LYS LYS A . n 
A 1 16  ILE 16  14  14  ILE ILE A . n 
A 1 17  LYS 17  15  15  LYS LYS A . n 
A 1 18  GLU 18  16  16  GLU GLU A . n 
A 1 19  ALA 19  17  17  ALA ALA A . n 
A 1 20  ALA 20  18  18  ALA ALA A . n 
A 1 21  GLU 21  19  19  GLU GLU A . n 
A 1 22  ALA 22  20  20  ALA ALA A . n 
A 1 23  SER 23  21  21  SER SER A . n 
A 1 24  ASN 24  22  22  ASN ASN A . n 
A 1 25  ARG 25  23  23  ARG ARG A . n 
A 1 26  ALA 26  24  24  ALA ALA A . n 
A 1 27  TYR 27  25  25  TYR TYR A . n 
A 1 28  LEU 28  26  26  LEU LEU A . n 
A 1 29  THR 29  27  27  THR THR A . n 
A 1 30  SER 30  28  28  SER SER A . n 
A 1 31  SER 31  29  29  SER SER A . n 
A 1 32  LYS 32  30  30  LYS LYS A . n 
A 1 33  LEU 33  31  31  LEU LEU A . n 
A 1 34  ALA 34  32  32  ALA ALA A . n 
A 1 35  ASP 35  33  33  ASP ASP A . n 
A 1 36  MET 36  34  34  MET MET A . n 
A 1 37  LEU 37  35  35  LEU LEU A . n 
A 1 38  GLY 38  36  36  GLY GLY A . n 
A 1 39  ILE 39  37  37  ILE ILE A . n 
A 1 40  SER 40  38  38  SER SER A . n 
A 1 41  GLN 41  39  39  GLN GLN A . n 
A 1 42  GLN 42  40  40  GLN GLN A . n 
A 1 43  SER 43  41  41  SER SER A . n 
A 1 44  ALA 44  42  42  ALA ALA A . n 
A 1 45  SER 45  43  43  SER SER A . n 
A 1 46  ARG 46  44  44  ARG ARG A . n 
A 1 47  ILE 47  45  45  ILE ILE A . n 
A 1 48  ILE 48  46  46  ILE ILE A . n 
A 1 49  ILE 49  47  47  ILE ILE A . n 
A 1 50  ASP 50  48  48  ASP ASP A . n 
A 1 51  LEU 51  49  49  LEU LEU A . n 
A 1 52  GLU 52  50  50  GLU GLU A . n 
A 1 53  LYS 53  51  51  LYS LYS A . n 
A 1 54  ASN 54  52  52  ASN ASN A . n 
A 1 55  GLY 55  53  53  GLY GLY A . n 
A 1 56  TYR 56  54  54  TYR TYR A . n 
A 1 57  ILE 57  55  55  ILE ILE A . n 
A 1 58  THR 58  56  56  THR THR A . n 
A 1 59  ARG 59  57  57  ARG ARG A . n 
A 1 60  THR 60  58  58  THR THR A . n 
A 1 61  VAL 61  59  59  VAL VAL A . n 
A 1 62  THR 62  60  60  THR THR A . n 
A 1 63  LYS 63  61  61  LYS LYS A . n 
A 1 64  ARG 64  62  62  ARG ARG A . n 
A 1 65  GLY 65  63  63  GLY GLY A . n 
A 1 66  GLN 66  64  64  GLN GLN A . n 
A 1 67  ILE 67  65  65  ILE ILE A . n 
A 1 68  LEU 68  66  66  LEU LEU A . n 
A 1 69  ASN 69  67  67  ASN ASN A . n 
A 1 70  ILE 70  68  68  ILE ILE A . n 
A 1 71  THR 71  69  69  THR THR A . n 
A 1 72  GLU 72  70  70  GLU GLU A . n 
A 1 73  LYS 73  71  71  LYS LYS A . n 
A 1 74  GLY 74  72  72  GLY GLY A . n 
A 1 75  LEU 75  73  73  LEU LEU A . n 
A 1 76  ASP 76  74  74  ASP ASP A . n 
A 1 77  VAL 77  75  75  VAL VAL A . n 
A 1 78  LEU 78  76  76  LEU LEU A . n 
A 1 79  TYR 79  77  77  TYR TYR A . n 
A 1 80  THR 80  78  78  THR THR A . n 
A 1 81  GLU 81  79  79  GLU GLU A . n 
A 1 82  PHE 82  80  80  PHE PHE A . n 
A 1 83  ALA 83  81  81  ALA ALA A . n 
A 1 84  ASP 84  82  82  ASP ASP A . n 
A 1 85  LEU 85  83  83  LEU LEU A . n 
A 1 86  SER 86  84  84  SER SER A . n 
A 1 87  ARG 87  85  85  ARG ARG A . n 
A 1 88  ILE 88  86  86  ILE ILE A . n 
A 1 89  LEU 89  87  87  LEU LEU A . n 
A 1 90  ALA 90  88  88  ALA ALA A . n 
A 1 91  ILE 91  89  89  ILE ILE A . n 
A 1 92  LYS 92  90  90  LYS LYS A . n 
A 1 93  ASN 93  91  91  ASN ASN A . n 
A 1 94  ASN 94  92  92  ASN ASN A . n 
A 1 95  VAL 95  93  93  VAL VAL A . n 
A 1 96  VAL 96  94  94  VAL VAL A . n 
A 1 97  ILE 97  95  95  ILE ILE A . n 
A 1 98  THR 98  96  96  THR THR A . n 
A 1 99  GLY 99  97  97  GLY GLY A . n 
A 1 100 THR 100 98  98  THR THR A . n 
A 1 101 VAL 101 99  99  VAL VAL A . n 
A 1 102 THR 102 100 100 THR THR A . n 
A 1 103 SER 103 101 101 SER SER A . n 
A 1 104 GLY 104 102 ?   ?   ?   A . n 
A 1 105 MET 105 103 ?   ?   ?   A . n 
A 1 106 GLY 106 104 ?   ?   ?   A . n 
A 1 107 GLU 107 105 ?   ?   ?   A . n 
A 1 108 GLY 108 106 ?   ?   ?   A . n 
A 1 109 ARG 109 107 ?   ?   ?   A . n 
A 1 110 TYR 110 108 ?   ?   ?   A . n 
A 1 111 TYR 111 109 ?   ?   ?   A . n 
A 1 112 VAL 112 110 ?   ?   ?   A . n 
A 1 113 ALA 113 111 ?   ?   ?   A . n 
A 1 114 ARG 114 112 ?   ?   ?   A . n 
A 1 115 LYS 115 113 ?   ?   ?   A . n 
A 1 116 GLN 116 114 114 GLN GLN A . n 
A 1 117 TYR 117 115 115 TYR TYR A . n 
A 1 118 ILE 118 116 116 ILE ILE A . n 
A 1 119 ILE 119 117 117 ILE ILE A . n 
A 1 120 GLN 120 118 118 GLN GLN A . n 
A 1 121 PHE 121 119 119 PHE PHE A . n 
A 1 122 GLN 122 120 120 GLN GLN A . n 
A 1 123 GLU 123 121 121 GLU GLU A . n 
A 1 124 LYS 124 122 122 LYS LYS A . n 
A 1 125 LEU 125 123 123 LEU LEU A . n 
A 1 126 GLY 126 124 124 GLY GLY A . n 
A 1 127 ILE 127 125 125 ILE ILE A . n 
A 1 128 ILE 128 126 126 ILE ILE A . n 
A 1 129 PRO 129 127 127 PRO PRO A . n 
A 1 130 TYR 130 128 128 TYR TYR A . n 
A 1 131 LEU 131 129 ?   ?   ?   A . n 
A 1 132 GLY 132 130 ?   ?   ?   A . n 
A 1 133 THR 133 131 ?   ?   ?   A . n 
A 1 134 LEU 134 132 132 LEU LEU A . n 
A 1 135 ASN 135 133 133 ASN ASN A . n 
A 1 136 ILE 136 134 134 ILE ILE A . n 
A 1 137 LYS 137 135 135 LYS LYS A . n 
A 1 138 VAL 138 136 136 VAL VAL A . n 
A 1 139 ASP 139 137 137 ASP ASP A . n 
A 1 140 GLN 140 138 138 GLN GLN A . n 
A 1 141 ALA 141 139 139 ALA ALA A . n 
A 1 142 SER 142 140 140 SER SER A . n 
A 1 143 LEU 143 141 141 LEU LEU A . n 
A 1 144 PRO 144 142 142 PRO PRO A . n 
A 1 145 GLU 145 143 143 GLU GLU A . n 
A 1 146 LEU 146 144 144 LEU LEU A . n 
A 1 147 ARG 147 145 145 ARG ARG A . n 
A 1 148 LYS 148 146 146 LYS LYS A . n 
A 1 149 ILE 149 147 147 ILE ILE A . n 
A 1 150 ARG 150 148 148 ARG ARG A . n 
A 1 151 GLY 151 149 149 GLY GLY A . n 
A 1 152 PHE 152 150 150 PHE PHE A . n 
A 1 153 ARG 153 151 151 ARG ARG A . n 
A 1 154 GLY 154 152 152 GLY GLY A . n 
A 1 155 ILE 155 153 153 ILE ILE A . n 
A 1 156 HIS 156 154 154 HIS HIS A . n 
A 1 157 ILE 157 155 155 ILE ILE A . n 
A 1 158 GLU 158 156 156 GLU GLU A . n 
A 1 159 GLY 159 157 157 GLY GLY A . n 
A 1 160 PHE 160 158 158 PHE PHE A . n 
A 1 161 LYS 161 159 159 LYS LYS A . n 
A 1 162 THR 162 160 160 THR THR A . n 
A 1 163 GLU 163 161 ?   ?   ?   A . n 
A 1 164 ASP 164 162 ?   ?   ?   A . n 
A 1 165 ARG 165 163 163 ARG ARG A . n 
A 1 166 THR 166 164 164 THR THR A . n 
A 1 167 PHE 167 165 165 PHE PHE A . n 
A 1 168 GLY 168 166 166 GLY GLY A . n 
A 1 169 SER 169 167 167 SER SER A . n 
A 1 170 VAL 170 168 168 VAL VAL A . n 
A 1 171 LYS 171 169 169 LYS LYS A . n 
A 1 172 ALA 172 170 170 ALA ALA A . n 
A 1 173 PHE 173 171 171 PHE PHE A . n 
A 1 174 PRO 174 172 172 PRO PRO A . n 
A 1 175 ALA 175 173 173 ALA ALA A . n 
A 1 176 LYS 176 174 174 LYS LYS A . n 
A 1 177 ILE 177 175 175 ILE ILE A . n 
A 1 178 GLN 178 176 176 GLN GLN A . n 
A 1 179 ASN 179 177 177 ASN ASN A . n 
A 1 180 ILE 180 178 178 ILE ILE A . n 
A 1 181 PRO 181 179 179 PRO PRO A . n 
A 1 182 CYS 182 180 180 CYS CYS A . n 
A 1 183 PHE 183 181 181 PHE PHE A . n 
A 1 184 VAL 184 182 182 VAL VAL A . n 
A 1 185 ILE 185 183 183 ILE ILE A . n 
A 1 186 MET 186 184 184 MET MET A . n 
A 1 187 PRO 187 185 185 PRO PRO A . n 
A 1 188 GLU 188 186 186 GLU GLU A . n 
A 1 189 ARG 189 187 187 ARG ARG A . n 
A 1 190 THR 190 188 188 THR THR A . n 
A 1 191 VAL 191 189 189 VAL VAL A . n 
A 1 192 TYR 192 190 190 TYR TYR A . n 
A 1 193 THR 193 191 191 THR THR A . n 
A 1 194 ASP 194 192 192 ASP ASP A . n 
A 1 195 VAL 195 193 193 VAL VAL A . n 
A 1 196 ILE 196 194 194 ILE ILE A . n 
A 1 197 GLU 197 195 195 GLU GLU A . n 
A 1 198 ILE 198 196 196 ILE ILE A . n 
A 1 199 ILE 199 197 197 ILE ILE A . n 
A 1 200 SER 200 198 198 SER SER A . n 
A 1 201 ASP 201 199 199 ASP ASP A . n 
A 1 202 LYS 202 200 ?   ?   ?   A . n 
A 1 203 TYR 203 201 ?   ?   ?   A . n 
A 1 204 LEU 204 202 ?   ?   ?   A . n 
A 1 205 ARG 205 203 ?   ?   ?   A . n 
A 1 206 GLU 206 204 ?   ?   ?   A . n 
A 1 207 GLU 207 205 ?   ?   ?   A . n 
A 1 208 ILE 208 206 ?   ?   ?   A . n 
A 1 209 ASN 209 207 ?   ?   ?   A . n 
A 1 210 LEU 210 208 ?   ?   ?   A . n 
A 1 211 HIS 211 209 ?   ?   ?   A . n 
A 1 212 ASP 212 210 ?   ?   ?   A . n 
A 1 213 GLY 213 211 ?   ?   ?   A . n 
A 1 214 ASP 214 212 212 ASP ASP A . n 
A 1 215 ARG 215 213 213 ARG ARG A . n 
A 1 216 VAL 216 214 214 VAL VAL A . n 
A 1 217 SER 217 215 215 SER SER A . n 
A 1 218 VAL 218 216 216 VAL VAL A . n 
A 1 219 GLU 219 217 217 GLU GLU A . n 
A 1 220 VAL 220 218 218 VAL VAL A . n 
A 1 221 TYR 221 219 219 TYR TYR A . n 
A 1 222 THR 222 220 220 THR THR A . n 
A 1 223 GLU 223 221 ?   ?   ?   A . n 
A 1 224 GLY 224 222 ?   ?   ?   A . n 
A 1 225 HIS 225 223 ?   ?   ?   A . n 
A 1 226 HIS 226 224 ?   ?   ?   A . n 
A 1 227 HIS 227 225 ?   ?   ?   A . n 
A 1 228 HIS 228 226 ?   ?   ?   A . n 
A 1 229 HIS 229 227 ?   ?   ?   A . n 
A 1 230 HIS 230 228 ?   ?   ?   A . n 
# 
loop_
_pdbx_nonpoly_scheme.asym_id 
_pdbx_nonpoly_scheme.entity_id 
_pdbx_nonpoly_scheme.mon_id 
_pdbx_nonpoly_scheme.ndb_seq_num 
_pdbx_nonpoly_scheme.pdb_seq_num 
_pdbx_nonpoly_scheme.auth_seq_num 
_pdbx_nonpoly_scheme.pdb_mon_id 
_pdbx_nonpoly_scheme.auth_mon_id 
_pdbx_nonpoly_scheme.pdb_strand_id 
_pdbx_nonpoly_scheme.pdb_ins_code 
B 2 HOH 1  301 301 HOH HOH A . 
B 2 HOH 2  302 3   HOH HOH A . 
B 2 HOH 3  303 6   HOH HOH A . 
B 2 HOH 4  304 7   HOH HOH A . 
B 2 HOH 5  305 8   HOH HOH A . 
B 2 HOH 6  306 11  HOH HOH A . 
B 2 HOH 7  307 12  HOH HOH A . 
B 2 HOH 8  308 13  HOH HOH A . 
B 2 HOH 9  309 14  HOH HOH A . 
B 2 HOH 10 310 16  HOH HOH A . 
B 2 HOH 11 311 17  HOH HOH A . 
B 2 HOH 12 312 18  HOH HOH A . 
B 2 HOH 13 313 19  HOH HOH A . 
B 2 HOH 14 314 20  HOH HOH A . 
B 2 HOH 15 315 22  HOH HOH A . 
B 2 HOH 16 316 23  HOH HOH A . 
B 2 HOH 17 317 24  HOH HOH A . 
B 2 HOH 18 318 26  HOH HOH A . 
B 2 HOH 19 319 30  HOH HOH A . 
B 2 HOH 20 320 31  HOH HOH A . 
B 2 HOH 21 321 32  HOH HOH A . 
B 2 HOH 22 322 34  HOH HOH A . 
B 2 HOH 23 323 35  HOH HOH A . 
B 2 HOH 24 324 36  HOH HOH A . 
B 2 HOH 25 325 41  HOH HOH A . 
B 2 HOH 26 326 47  HOH HOH A . 
B 2 HOH 27 327 48  HOH HOH A . 
B 2 HOH 28 328 57  HOH HOH A . 
B 2 HOH 29 329 58  HOH HOH A . 
B 2 HOH 30 330 62  HOH HOH A . 
B 2 HOH 31 331 63  HOH HOH A . 
B 2 HOH 32 332 64  HOH HOH A . 
B 2 HOH 33 333 65  HOH HOH A . 
B 2 HOH 34 334 66  HOH HOH A . 
B 2 HOH 35 335 67  HOH HOH A . 
B 2 HOH 36 336 68  HOH HOH A . 
B 2 HOH 37 337 69  HOH HOH A . 
B 2 HOH 38 338 1   HOH HOH A . 
B 2 HOH 39 339 3   HOH HOH A . 
B 2 HOH 40 340 4   HOH HOH A . 
B 2 HOH 41 341 5   HOH HOH A . 
B 2 HOH 42 342 7   HOH HOH A . 
B 2 HOH 43 343 9   HOH HOH A . 
B 2 HOH 44 344 11  HOH HOH A . 
B 2 HOH 45 345 12  HOH HOH A . 
B 2 HOH 46 346 14  HOH HOH A . 
B 2 HOH 47 347 22  HOH HOH A . 
B 2 HOH 48 348 29  HOH HOH A . 
B 2 HOH 49 349 30  HOH HOH A . 
B 2 HOH 50 350 63  HOH HOH A . 
B 2 HOH 51 351 66  HOH HOH A . 
B 2 HOH 52 352 67  HOH HOH A . 
# 
loop_
_pdbx_unobs_or_zero_occ_atoms.id 
_pdbx_unobs_or_zero_occ_atoms.PDB_model_num 
_pdbx_unobs_or_zero_occ_atoms.polymer_flag 
_pdbx_unobs_or_zero_occ_atoms.occupancy_flag 
_pdbx_unobs_or_zero_occ_atoms.auth_asym_id 
_pdbx_unobs_or_zero_occ_atoms.auth_comp_id 
_pdbx_unobs_or_zero_occ_atoms.auth_seq_id 
_pdbx_unobs_or_zero_occ_atoms.PDB_ins_code 
_pdbx_unobs_or_zero_occ_atoms.auth_atom_id 
_pdbx_unobs_or_zero_occ_atoms.label_alt_id 
_pdbx_unobs_or_zero_occ_atoms.label_asym_id 
_pdbx_unobs_or_zero_occ_atoms.label_comp_id 
_pdbx_unobs_or_zero_occ_atoms.label_seq_id 
_pdbx_unobs_or_zero_occ_atoms.label_atom_id 
1  1 Y 1 A ASP 5   ? CG  ? A ASP 7   CG  
2  1 Y 1 A ASP 5   ? OD1 ? A ASP 7   OD1 
3  1 Y 1 A ASP 5   ? OD2 ? A ASP 7   OD2 
4  1 Y 1 A GLN 6   ? CG  ? A GLN 8   CG  
5  1 Y 1 A GLN 6   ? CD  ? A GLN 8   CD  
6  1 Y 1 A GLN 6   ? OE1 ? A GLN 8   OE1 
7  1 Y 1 A GLN 6   ? NE2 ? A GLN 8   NE2 
8  1 Y 1 A GLU 19  ? CG  ? A GLU 21  CG  
9  1 Y 1 A GLU 19  ? CD  ? A GLU 21  CD  
10 1 Y 1 A GLU 19  ? OE1 ? A GLU 21  OE1 
11 1 Y 1 A GLU 19  ? OE2 ? A GLU 21  OE2 
12 1 Y 1 A ARG 23  ? CG  ? A ARG 25  CG  
13 1 Y 1 A ARG 23  ? CD  ? A ARG 25  CD  
14 1 Y 1 A ARG 23  ? NE  ? A ARG 25  NE  
15 1 Y 1 A ARG 23  ? CZ  ? A ARG 25  CZ  
16 1 Y 1 A ARG 23  ? NH1 ? A ARG 25  NH1 
17 1 Y 1 A ARG 23  ? NH2 ? A ARG 25  NH2 
18 1 Y 1 A ARG 62  ? CG  ? A ARG 64  CG  
19 1 Y 1 A ARG 62  ? CD  ? A ARG 64  CD  
20 1 Y 1 A ARG 62  ? NE  ? A ARG 64  NE  
21 1 Y 1 A ARG 62  ? CZ  ? A ARG 64  CZ  
22 1 Y 1 A ARG 62  ? NH1 ? A ARG 64  NH1 
23 1 Y 1 A ARG 62  ? NH2 ? A ARG 64  NH2 
24 1 Y 1 A GLN 114 ? CG  ? A GLN 116 CG  
25 1 Y 1 A GLN 114 ? CD  ? A GLN 116 CD  
26 1 Y 1 A GLN 114 ? OE1 ? A GLN 116 OE1 
27 1 Y 1 A GLN 114 ? NE2 ? A GLN 116 NE2 
28 1 Y 1 A ILE 116 ? CG1 ? A ILE 118 CG1 
29 1 Y 1 A ILE 116 ? CG2 ? A ILE 118 CG2 
30 1 Y 1 A ILE 116 ? CD1 ? A ILE 118 CD1 
31 1 Y 1 A ILE 125 ? CG1 ? A ILE 127 CG1 
32 1 Y 1 A ILE 125 ? CG2 ? A ILE 127 CG2 
33 1 Y 1 A ILE 125 ? CD1 ? A ILE 127 CD1 
34 1 Y 1 A ILE 126 ? CG1 ? A ILE 128 CG1 
35 1 Y 1 A ILE 126 ? CG2 ? A ILE 128 CG2 
36 1 Y 1 A ILE 126 ? CD1 ? A ILE 128 CD1 
37 1 Y 1 A LYS 159 ? CG  ? A LYS 161 CG  
38 1 Y 1 A LYS 159 ? CD  ? A LYS 161 CD  
39 1 Y 1 A LYS 159 ? CE  ? A LYS 161 CE  
40 1 Y 1 A LYS 159 ? NZ  ? A LYS 161 NZ  
41 1 Y 1 A THR 160 ? OG1 ? A THR 162 OG1 
42 1 Y 1 A THR 160 ? CG2 ? A THR 162 CG2 
43 1 Y 1 A ARG 163 ? CG  ? A ARG 165 CG  
44 1 Y 1 A ARG 163 ? CD  ? A ARG 165 CD  
45 1 Y 1 A ARG 163 ? NE  ? A ARG 165 NE  
46 1 Y 1 A ARG 163 ? CZ  ? A ARG 165 CZ  
47 1 Y 1 A ARG 163 ? NH1 ? A ARG 165 NH1 
48 1 Y 1 A ARG 163 ? NH2 ? A ARG 165 NH2 
49 1 Y 1 A THR 164 ? OG1 ? A THR 166 OG1 
50 1 Y 1 A THR 164 ? CG2 ? A THR 166 CG2 
51 1 Y 1 A GLN 176 ? CG  ? A GLN 178 CG  
52 1 Y 1 A GLN 176 ? CD  ? A GLN 178 CD  
53 1 Y 1 A GLN 176 ? OE1 ? A GLN 178 OE1 
54 1 Y 1 A GLN 176 ? NE2 ? A GLN 178 NE2 
55 1 Y 1 A GLU 186 ? CG  ? A GLU 188 CG  
56 1 Y 1 A GLU 186 ? CD  ? A GLU 188 CD  
57 1 Y 1 A GLU 186 ? OE1 ? A GLU 188 OE1 
58 1 Y 1 A GLU 186 ? OE2 ? A GLU 188 OE2 
59 1 Y 1 A ARG 187 ? CG  ? A ARG 189 CG  
60 1 Y 1 A ARG 187 ? CD  ? A ARG 189 CD  
61 1 Y 1 A ARG 187 ? NE  ? A ARG 189 NE  
62 1 Y 1 A ARG 187 ? CZ  ? A ARG 189 CZ  
63 1 Y 1 A ARG 187 ? NH1 ? A ARG 189 NH1 
64 1 Y 1 A ARG 187 ? NH2 ? A ARG 189 NH2 
65 1 Y 1 A SER 198 ? OG  ? A SER 200 OG  
66 1 Y 1 A ASP 199 ? OD1 ? A ASP 201 OD1 
67 1 Y 1 A ASP 199 ? OD2 ? A ASP 201 OD2 
# 
loop_
_software.name 
_software.version 
_software.date 
_software.type 
_software.contact_author 
_software.contact_author_email 
_software.classification 
_software.location 
_software.language 
_software.citation_id 
_software.pdbx_ordinal 
SCALA       3.2.19 22/12/2005           other   'Phil Evans'      pre@mrc-lmb.cam.ac.uk    'data scaling'    
http://www.ccp4.ac.uk/dist/html/INDEX.html Fortran_77 ? 1 
REFMAC      .      ?                    program 'Murshudov, G.N.' ccp4@dl.ac.uk            refinement        
http://www.ccp4.ac.uk/main.html            Fortran_77 ? 2 
PDB_EXTRACT 3.005  'September 10, 2007' package PDB               sw-help@rcsb.rutgers.edu 'data extraction' 
http://pdb.rutgers.edu/software/           C++        ? 3 
MAR345      CCD    ?                    ?       ?                 ?                        'data collection' ? ?          ? 4 
MOSFLM      .      ?                    ?       ?                 ?                        'data reduction'  ? ?          ? 5 
SHELXCD     .      ?                    ?       ?                 ?                        phasing           ? ?          ? 6 
SHELXE      .      ?                    ?       ?                 ?                        'model building'  ? ?          ? 7 
# 
_cell.length_a           77.087 
_cell.length_b           82.987 
_cell.length_c           80.544 
_cell.angle_alpha        90.000 
_cell.angle_beta         90.000 
_cell.angle_gamma        90.000 
_cell.entry_id           3CTA 
_cell.pdbx_unique_axis   ? 
_cell.Z_PDB              8 
_cell.length_a_esd       ? 
_cell.length_b_esd       ? 
_cell.length_c_esd       ? 
_cell.angle_alpha_esd    ? 
_cell.angle_beta_esd     ? 
_cell.angle_gamma_esd    ? 
# 
_symmetry.space_group_name_H-M             'C 2 2 21' 
_symmetry.entry_id                         3CTA 
_symmetry.Int_Tables_number                20 
_symmetry.pdbx_full_space_group_name_H-M   ? 
_symmetry.cell_setting                     ? 
_symmetry.space_group_name_Hall            ? 
# 
_exptl.crystals_number   1 
_exptl.entry_id          3CTA 
_exptl.method            'X-RAY DIFFRACTION' 
# 
_exptl_crystal.id                    1 
_exptl_crystal.density_Matthews      2.45 
_exptl_crystal.density_meas          ? 
_exptl_crystal.density_percent_sol   49.88 
_exptl_crystal.description           ? 
_exptl_crystal.F_000                 ? 
_exptl_crystal.preparation           ? 
# 
_exptl_crystal_grow.crystal_id      1 
_exptl_crystal_grow.method          'VAPOR DIFFUSION' 
_exptl_crystal_grow.pH              9.0 
_exptl_crystal_grow.temp            294 
_exptl_crystal_grow.pdbx_details    '100mM Bicine pH 9.0, 10% PEG 6000, VAPOR DIFFUSION, temperature 294K' 
_exptl_crystal_grow.temp_details    ? 
_exptl_crystal_grow.pdbx_pH_range   . 
# 
_diffrn.id                     1 
_diffrn.ambient_temp           100 
_diffrn.ambient_temp_details   ? 
_diffrn.crystal_id             1 
# 
_diffrn_detector.diffrn_id              1 
_diffrn_detector.detector               CCD 
_diffrn_detector.type                   'MAR CCD 165 mm' 
_diffrn_detector.pdbx_collection_date   2008-02-16 
_diffrn_detector.details                ? 
# 
_diffrn_radiation.diffrn_id                        1 
_diffrn_radiation.pdbx_diffrn_protocol             'SINGLE WAVELENGTH' 
_diffrn_radiation.monochromator                    diamond 
_diffrn_radiation.wavelength_id                    1 
_diffrn_radiation.pdbx_monochromatic_or_laue_m_l   M 
_diffrn_radiation.pdbx_scattering_type             x-ray 
# 
_diffrn_radiation_wavelength.id           1 
_diffrn_radiation_wavelength.wavelength   0.97958 
_diffrn_radiation_wavelength.wt           1.0 
# 
_diffrn_source.diffrn_id                   1 
_diffrn_source.source                      SYNCHROTRON 
_diffrn_source.type                        'APS BEAMLINE 31-ID' 
_diffrn_source.pdbx_wavelength_list        0.97958 
_diffrn_source.pdbx_wavelength             ? 
_diffrn_source.pdbx_synchrotron_site       APS 
_diffrn_source.pdbx_synchrotron_beamline   31-ID 
# 
_reflns.entry_id                     3CTA 
_reflns.d_resolution_high            2.200 
_reflns.d_resolution_low             23.122 
_reflns.number_all                   13460 
_reflns.number_obs                   13460 
_reflns.pdbx_Rmerge_I_obs            0.094 
_reflns.pdbx_netI_over_sigmaI        17.7 
_reflns.pdbx_Rsym_value              0.094 
_reflns.pdbx_redundancy              9.500 
_reflns.percent_possible_obs         100.000 
_reflns.observed_criterion_sigma_F   0 
_reflns.observed_criterion_sigma_I   0 
_reflns.B_iso_Wilson_estimate        38.3 
_reflns.R_free_details               ? 
_reflns.limit_h_max                  ? 
_reflns.limit_h_min                  ? 
_reflns.limit_k_max                  ? 
_reflns.limit_k_min                  ? 
_reflns.limit_l_max                  ? 
_reflns.limit_l_min                  ? 
_reflns.observed_criterion_F_max     ? 
_reflns.observed_criterion_F_min     ? 
_reflns.pdbx_chi_squared             ? 
_reflns.pdbx_scaling_rejects         ? 
_reflns.pdbx_diffrn_id               1 
_reflns.pdbx_ordinal                 1 
# 
_reflns_shell.d_res_high             2.20 
_reflns_shell.d_res_low              2.32 
_reflns_shell.number_measured_obs    ? 
_reflns_shell.number_measured_all    ? 
_reflns_shell.number_unique_obs      ? 
_reflns_shell.Rmerge_I_obs           0.694 
_reflns_shell.meanI_over_sigI_obs    3.4 
_reflns_shell.pdbx_Rsym_value        0.694 
_reflns_shell.pdbx_chi_squared       ? 
_reflns_shell.pdbx_redundancy        9.60 
_reflns_shell.percent_possible_obs   ? 
_reflns_shell.number_unique_all      1939 
_reflns_shell.percent_possible_all   100.00 
_reflns_shell.pdbx_diffrn_id         ? 
_reflns_shell.pdbx_ordinal           1 
# 
_refine.entry_id                                 3CTA 
_refine.ls_d_res_high                            2.200 
_refine.ls_d_res_low                             20.000 
_refine.pdbx_ls_sigma_F                          0.00 
_refine.ls_percent_reflns_obs                    100.000 
_refine.ls_number_reflns_obs                     13425 
_refine.pdbx_ls_cross_valid_method               THROUGHOUT 
_refine.pdbx_R_Free_selection_details            RANDOM 
_refine.ls_R_factor_obs                          0.237 
_refine.ls_R_factor_R_work                       0.236 
_refine.ls_R_factor_R_free                       0.270 
_refine.ls_percent_reflns_R_free                 5.000 
_refine.ls_number_reflns_R_free                  673 
_refine.B_iso_mean                               42.950 
_refine.aniso_B[1][1]                            0.250 
_refine.aniso_B[2][2]                            0.340 
_refine.aniso_B[3][3]                            -0.590 
_refine.aniso_B[1][2]                            0.000 
_refine.aniso_B[1][3]                            0.000 
_refine.aniso_B[2][3]                            0.000 
_refine.correlation_coeff_Fo_to_Fc               0.922 
_refine.correlation_coeff_Fo_to_Fc_free          0.899 
_refine.pdbx_overall_ESU_R                       0.245 
_refine.pdbx_overall_ESU_R_Free                  0.205 
_refine.overall_SU_ML                            0.147 
_refine.overall_SU_B                             5.580 
_refine.solvent_model_details                    'BABINET MODEL WITH MASK' 
_refine.pdbx_solvent_vdw_probe_radii             1.400 
_refine.pdbx_solvent_ion_probe_radii             0.800 
_refine.pdbx_solvent_shrinkage_radii             0.800 
_refine.pdbx_method_to_determine_struct          SAD 
_refine.pdbx_stereochemistry_target_values       'MAXIMUM LIKELIHOOD' 
_refine.pdbx_ls_sigma_I                          0 
_refine.ls_number_reflns_all                     13425 
_refine.ls_R_factor_all                          0.237 
_refine.ls_redundancy_reflns_obs                 ? 
_refine.pdbx_data_cutoff_high_absF               ? 
_refine.pdbx_data_cutoff_low_absF                ? 
_refine.ls_number_parameters                     ? 
_refine.ls_number_restraints                     ? 
_refine.ls_R_factor_R_free_error                 ? 
_refine.ls_R_factor_R_free_error_details         ? 
_refine.pdbx_starting_model                      ? 
_refine.pdbx_stereochem_target_val_spec_case     ? 
_refine.solvent_model_param_bsol                 ? 
_refine.solvent_model_param_ksol                 ? 
_refine.occupancy_max                            ? 
_refine.occupancy_min                            ? 
_refine.pdbx_isotropic_thermal_model             ? 
_refine.details                                  ? 
_refine.B_iso_min                                ? 
_refine.B_iso_max                                ? 
_refine.overall_SU_R_Cruickshank_DPI             ? 
_refine.overall_SU_R_free                        ? 
_refine.pdbx_data_cutoff_high_rms_absF           ? 
_refine.ls_wR_factor_R_free                      ? 
_refine.ls_wR_factor_R_work                      ? 
_refine.overall_FOM_free_R_set                   ? 
_refine.overall_FOM_work_R_set                   ? 
_refine.pdbx_overall_phase_error                 ? 
_refine.pdbx_refine_id                           'X-RAY DIFFRACTION' 
_refine.pdbx_diffrn_id                           1 
_refine.pdbx_TLS_residual_ADP_flag               ? 
_refine.pdbx_overall_SU_R_free_Cruickshank_DPI   ? 
_refine.pdbx_overall_SU_R_Blow_DPI               ? 
_refine.pdbx_overall_SU_R_free_Blow_DPI          ? 
# 
_refine_hist.pdbx_refine_id                   'X-RAY DIFFRACTION' 
_refine_hist.cycle_id                         LAST 
_refine_hist.pdbx_number_atoms_protein        1424 
_refine_hist.pdbx_number_atoms_nucleic_acid   0 
_refine_hist.pdbx_number_atoms_ligand         0 
_refine_hist.number_atoms_solvent             52 
_refine_hist.number_atoms_total               1476 
_refine_hist.d_res_high                       2.200 
_refine_hist.d_res_low                        20.000 
# 
loop_
_refine_ls_restr.type 
_refine_ls_restr.number 
_refine_ls_restr.dev_ideal 
_refine_ls_restr.dev_ideal_target 
_refine_ls_restr.weight 
_refine_ls_restr.pdbx_refine_id 
_refine_ls_restr.pdbx_restraint_function 
r_bond_refined_d       1441 0.015  0.022  ? 'X-RAY DIFFRACTION' ? 
r_angle_refined_deg    1946 1.401  1.973  ? 'X-RAY DIFFRACTION' ? 
r_dihedral_angle_1_deg 182  5.994  5.000  ? 'X-RAY DIFFRACTION' ? 
r_dihedral_angle_2_deg 54   38.868 23.889 ? 'X-RAY DIFFRACTION' ? 
r_dihedral_angle_3_deg 253  16.037 15.000 ? 'X-RAY DIFFRACTION' ? 
r_dihedral_angle_4_deg 8    23.689 15.000 ? 'X-RAY DIFFRACTION' ? 
r_chiral_restr         238  0.098  0.200  ? 'X-RAY DIFFRACTION' ? 
r_gen_planes_refined   1031 0.006  0.021  ? 'X-RAY DIFFRACTION' ? 
r_mcbond_it            925  0.928  1.500  ? 'X-RAY DIFFRACTION' ? 
r_mcangle_it           1485 1.757  2.000  ? 'X-RAY DIFFRACTION' ? 
r_scbond_it            516  2.712  3.000  ? 'X-RAY DIFFRACTION' ? 
r_scangle_it           461  4.714  4.500  ? 'X-RAY DIFFRACTION' ? 
# 
_refine_ls_shell.d_res_high                       2.200 
_refine_ls_shell.d_res_low                        2.257 
_refine_ls_shell.pdbx_total_number_of_bins_used   20 
_refine_ls_shell.percent_reflns_obs               100.000 
_refine_ls_shell.number_reflns_R_work             921 
_refine_ls_shell.R_factor_all                     ? 
_refine_ls_shell.R_factor_R_work                  0.238 
_refine_ls_shell.R_factor_R_free                  0.298 
_refine_ls_shell.percent_reflns_R_free            ? 
_refine_ls_shell.number_reflns_R_free             44 
_refine_ls_shell.R_factor_R_free_error            ? 
_refine_ls_shell.number_reflns_all                965 
_refine_ls_shell.number_reflns_obs                921 
_refine_ls_shell.redundancy_reflns_obs            ? 
_refine_ls_shell.pdbx_refine_id                   'X-RAY DIFFRACTION' 
# 
_struct.entry_id                  3CTA 
_struct.title                     'Crystal structure of riboflavin kinase from Thermoplasma acidophilum' 
_struct.pdbx_model_details        ? 
_struct.pdbx_CASP_flag            ? 
_struct.pdbx_model_type_details   ? 
# 
_struct_keywords.entry_id        3CTA 
_struct_keywords.text            
;STRUCTURAL GENOMICS, TRANSFERASE, PSI-2, Protein Structure Initiative, New York SGX Research Center for Structural Genomics, NYSGXRC, FMN, Kinase, Magnesium, Metal-binding, Nucleotide-binding
;
_struct_keywords.pdbx_keywords   TRANSFERASE 
# 
loop_
_struct_asym.id 
_struct_asym.pdbx_blank_PDB_chainid_flag 
_struct_asym.pdbx_modified 
_struct_asym.entity_id 
_struct_asym.details 
A N N 1 ? 
B N N 2 ? 
# 
_struct_ref.id                         1 
_struct_ref.db_name                    UNP 
_struct_ref.db_code                    RIFK_THEAC 
_struct_ref.pdbx_db_accession          Q9HJA6 
_struct_ref.entity_id                  1 
_struct_ref.pdbx_seq_one_letter_code   
;METDDQYYRAIKKIKEAAEASNRAYLTSSKLADMLGISQQSASRIIIDLEKNGYITRTVTKRGQILNITEKGLDVLYTEF
ADLSRILAIKNNVVITGTVTSGMGEGRYYVARKQYIIQFQEKLGIIPYLGTLNIKVDQASLPELRKIRGFRGIHIEGFKT
EDRTFGSVKAFPAKIQNIPCFVIMPERTVYTDVIEIISDKYLREEINLHDGDRVSVEVYT
;
_struct_ref.pdbx_align_begin           1 
_struct_ref.pdbx_db_isoform            ? 
# 
_struct_ref_seq.align_id                      1 
_struct_ref_seq.ref_id                        1 
_struct_ref_seq.pdbx_PDB_id_code              3CTA 
_struct_ref_seq.pdbx_strand_id                A 
_struct_ref_seq.seq_align_beg                 1 
_struct_ref_seq.pdbx_seq_align_beg_ins_code   ? 
_struct_ref_seq.seq_align_end                 222 
_struct_ref_seq.pdbx_seq_align_end_ins_code   ? 
_struct_ref_seq.pdbx_db_accession             Q9HJA6 
_struct_ref_seq.db_align_beg                  1 
_struct_ref_seq.pdbx_db_align_beg_ins_code    ? 
_struct_ref_seq.db_align_end                  220 
_struct_ref_seq.pdbx_db_align_end_ins_code    ? 
_struct_ref_seq.pdbx_auth_seq_align_beg       -1 
_struct_ref_seq.pdbx_auth_seq_align_end       220 
# 
loop_
_struct_ref_seq_dif.align_id 
_struct_ref_seq_dif.pdbx_pdb_id_code 
_struct_ref_seq_dif.mon_id 
_struct_ref_seq_dif.pdbx_pdb_strand_id 
_struct_ref_seq_dif.seq_num 
_struct_ref_seq_dif.pdbx_pdb_ins_code 
_struct_ref_seq_dif.pdbx_seq_db_name 
_struct_ref_seq_dif.pdbx_seq_db_accession_code 
_struct_ref_seq_dif.db_mon_id 
_struct_ref_seq_dif.pdbx_seq_db_seq_num 
_struct_ref_seq_dif.details 
_struct_ref_seq_dif.pdbx_auth_seq_num 
_struct_ref_seq_dif.pdbx_ordinal 
1 3CTA SER A 2   ? UNP Q9HJA6 ? ? 'expression tag' 0   1  
1 3CTA LEU A 3   ? UNP Q9HJA6 ? ? 'expression tag' 1   2  
1 3CTA GLU A 223 ? UNP Q9HJA6 ? ? 'expression tag' 221 3  
1 3CTA GLY A 224 ? UNP Q9HJA6 ? ? 'expression tag' 222 4  
1 3CTA HIS A 225 ? UNP Q9HJA6 ? ? 'expression tag' 223 5  
1 3CTA HIS A 226 ? UNP Q9HJA6 ? ? 'expression tag' 224 6  
1 3CTA HIS A 227 ? UNP Q9HJA6 ? ? 'expression tag' 225 7  
1 3CTA HIS A 228 ? UNP Q9HJA6 ? ? 'expression tag' 226 8  
1 3CTA HIS A 229 ? UNP Q9HJA6 ? ? 'expression tag' 227 9  
1 3CTA HIS A 230 ? UNP Q9HJA6 ? ? 'expression tag' 228 10 
# 
_pdbx_struct_assembly.id                   1 
_pdbx_struct_assembly.details              author_and_software_defined_assembly 
_pdbx_struct_assembly.method_details       PISA 
_pdbx_struct_assembly.oligomeric_details   dimeric 
_pdbx_struct_assembly.oligomeric_count     2 
# 
loop_
_pdbx_struct_assembly_prop.biol_id 
_pdbx_struct_assembly_prop.type 
_pdbx_struct_assembly_prop.value 
_pdbx_struct_assembly_prop.details 
1 'ABSA (A^2)' 2010  ? 
1 MORE         -8.7  ? 
1 'SSA (A^2)'  19240 ? 
# 
_pdbx_struct_assembly_gen.assembly_id       1 
_pdbx_struct_assembly_gen.oper_expression   1,2 
_pdbx_struct_assembly_gen.asym_id_list      A,B 
# 
loop_
_pdbx_struct_oper_list.id 
_pdbx_struct_oper_list.type 
_pdbx_struct_oper_list.name 
_pdbx_struct_oper_list.symmetry_operation 
_pdbx_struct_oper_list.matrix[1][1] 
_pdbx_struct_oper_list.matrix[1][2] 
_pdbx_struct_oper_list.matrix[1][3] 
_pdbx_struct_oper_list.vector[1] 
_pdbx_struct_oper_list.matrix[2][1] 
_pdbx_struct_oper_list.matrix[2][2] 
_pdbx_struct_oper_list.matrix[2][3] 
_pdbx_struct_oper_list.vector[2] 
_pdbx_struct_oper_list.matrix[3][1] 
_pdbx_struct_oper_list.matrix[3][2] 
_pdbx_struct_oper_list.matrix[3][3] 
_pdbx_struct_oper_list.vector[3] 
1 'identity operation'         1_555 x,y,z         1.0000000000  0.0000000000  0.0000000000  0.0000000000   0.0000000000  1.0000000000  0.0000000000 0.0000000000 0.0000000000  0.0000000000 1.0000000000 0.0000000000  
2 'crystal symmetry operation' 3_655 -x+1,y,-z+1/2 -0.8161359651 -0.0384932941 -0.5765764067 -25.0632213634 -0.0384932941 -0.9919411445 0.1207105305 4.8105729359 -0.5765764067 0.1207105305 0.8080771096 -8.3135552373 
# 
_struct_biol.id        1 
_struct_biol.details   'AUTHORS STATE THAT THE DIMERIC ASSEMBLY OF THE BIOLOGICAL UNIT THAT IS SHOWN IN REMARK 350 IS PUTATIVE.' 
# 
loop_
_struct_conf.conf_type_id 
_struct_conf.id 
_struct_conf.pdbx_PDB_helix_id 
_struct_conf.beg_label_comp_id 
_struct_conf.beg_label_asym_id 
_struct_conf.beg_label_seq_id 
_struct_conf.pdbx_beg_PDB_ins_code 
_struct_conf.end_label_comp_id 
_struct_conf.end_label_asym_id 
_struct_conf.end_label_seq_id 
_struct_conf.pdbx_end_PDB_ins_code 
_struct_conf.beg_auth_comp_id 
_struct_conf.beg_auth_asym_id 
_struct_conf.beg_auth_seq_id 
_struct_conf.end_auth_comp_id 
_struct_conf.end_auth_asym_id 
_struct_conf.end_auth_seq_id 
_struct_conf.pdbx_PDB_helix_class 
_struct_conf.details 
_struct_conf.pdbx_PDB_helix_length 
HELX_P HELX_P1 1 ASP A 7   ? ALA A 20  ? ASP A 5   ALA A 18  1 ? 14 
HELX_P HELX_P2 2 THR A 29  ? GLY A 38  ? THR A 27  GLY A 36  1 ? 10 
HELX_P HELX_P3 3 SER A 40  ? ASN A 54  ? SER A 38  ASN A 52  1 ? 15 
HELX_P HELX_P4 4 THR A 71  ? LEU A 89  ? THR A 69  LEU A 87  1 ? 19 
HELX_P HELX_P5 5 TYR A 117 ? LEU A 125 ? TYR A 115 LEU A 123 1 ? 9  
HELX_P HELX_P6 6 SER A 142 ? PHE A 152 ? SER A 140 PHE A 150 1 ? 11 
# 
_struct_conf_type.id          HELX_P 
_struct_conf_type.criteria    ? 
_struct_conf_type.reference   ? 
# 
loop_
_struct_sheet.id 
_struct_sheet.type 
_struct_sheet.number_strands 
_struct_sheet.details 
A ? 3 ? 
B ? 8 ? 
# 
loop_
_struct_sheet_order.sheet_id 
_struct_sheet_order.range_id_1 
_struct_sheet_order.range_id_2 
_struct_sheet_order.offset 
_struct_sheet_order.sense 
A 1 2 ? anti-parallel 
A 2 3 ? anti-parallel 
B 1 2 ? anti-parallel 
B 2 3 ? anti-parallel 
B 3 4 ? anti-parallel 
B 4 5 ? anti-parallel 
B 5 6 ? anti-parallel 
B 6 7 ? anti-parallel 
B 7 8 ? anti-parallel 
# 
loop_
_struct_sheet_range.sheet_id 
_struct_sheet_range.id 
_struct_sheet_range.beg_label_comp_id 
_struct_sheet_range.beg_label_asym_id 
_struct_sheet_range.beg_label_seq_id 
_struct_sheet_range.pdbx_beg_PDB_ins_code 
_struct_sheet_range.end_label_comp_id 
_struct_sheet_range.end_label_asym_id 
_struct_sheet_range.end_label_seq_id 
_struct_sheet_range.pdbx_end_PDB_ins_code 
_struct_sheet_range.beg_auth_comp_id 
_struct_sheet_range.beg_auth_asym_id 
_struct_sheet_range.beg_auth_seq_id 
_struct_sheet_range.end_auth_comp_id 
_struct_sheet_range.end_auth_asym_id 
_struct_sheet_range.end_auth_seq_id 
A 1 ARG A 25  ? TYR A 27  ? ARG A 23  TYR A 25  
A 2 GLY A 65  ? ILE A 70  ? GLY A 63  ILE A 68  
A 3 ILE A 57  ? THR A 62  ? ILE A 55  THR A 60  
B 1 ILE A 155 ? ILE A 157 ? ILE A 153 ILE A 155 
B 2 VAL A 170 ? ILE A 177 ? VAL A 168 ILE A 175 
B 3 ARG A 215 ? VAL A 220 ? ARG A 213 VAL A 218 
B 4 VAL A 95  ? VAL A 101 ? VAL A 93  VAL A 99  
B 5 ASN A 135 ? VAL A 138 ? ASN A 133 VAL A 136 
B 6 VAL A 195 ? ILE A 199 ? VAL A 193 ILE A 197 
B 7 ILE A 180 ? PRO A 187 ? ILE A 178 PRO A 185 
B 8 VAL A 170 ? ILE A 177 ? VAL A 168 ILE A 175 
# 
loop_
_pdbx_struct_sheet_hbond.sheet_id 
_pdbx_struct_sheet_hbond.range_id_1 
_pdbx_struct_sheet_hbond.range_id_2 
_pdbx_struct_sheet_hbond.range_1_label_atom_id 
_pdbx_struct_sheet_hbond.range_1_label_comp_id 
_pdbx_struct_sheet_hbond.range_1_label_asym_id 
_pdbx_struct_sheet_hbond.range_1_label_seq_id 
_pdbx_struct_sheet_hbond.range_1_PDB_ins_code 
_pdbx_struct_sheet_hbond.range_1_auth_atom_id 
_pdbx_struct_sheet_hbond.range_1_auth_comp_id 
_pdbx_struct_sheet_hbond.range_1_auth_asym_id 
_pdbx_struct_sheet_hbond.range_1_auth_seq_id 
_pdbx_struct_sheet_hbond.range_2_label_atom_id 
_pdbx_struct_sheet_hbond.range_2_label_comp_id 
_pdbx_struct_sheet_hbond.range_2_label_asym_id 
_pdbx_struct_sheet_hbond.range_2_label_seq_id 
_pdbx_struct_sheet_hbond.range_2_PDB_ins_code 
_pdbx_struct_sheet_hbond.range_2_auth_atom_id 
_pdbx_struct_sheet_hbond.range_2_auth_comp_id 
_pdbx_struct_sheet_hbond.range_2_auth_asym_id 
_pdbx_struct_sheet_hbond.range_2_auth_seq_id 
A 1 2 N ALA A 26  ? N ALA A 24  O LEU A 68  ? O LEU A 66  
A 2 3 O ASN A 69  ? O ASN A 67  N THR A 58  ? N THR A 56  
B 1 2 N ILE A 155 ? N ILE A 153 O ALA A 172 ? O ALA A 170 
B 2 3 N LYS A 176 ? N LYS A 174 O GLU A 219 ? O GLU A 217 
B 3 4 O VAL A 220 ? O VAL A 218 N VAL A 95  ? N VAL A 93  
B 4 5 N THR A 100 ? N THR A 98  O LYS A 137 ? O LYS A 135 
B 5 6 N ILE A 136 ? N ILE A 134 O ILE A 196 ? O ILE A 194 
B 6 7 O ILE A 199 ? O ILE A 197 N PHE A 183 ? N PHE A 181 
B 7 8 O CYS A 182 ? O CYS A 180 N ALA A 175 ? N ALA A 173 
# 
loop_
_pdbx_validate_torsion.id 
_pdbx_validate_torsion.PDB_model_num 
_pdbx_validate_torsion.auth_comp_id 
_pdbx_validate_torsion.auth_asym_id 
_pdbx_validate_torsion.auth_seq_id 
_pdbx_validate_torsion.PDB_ins_code 
_pdbx_validate_torsion.label_alt_id 
_pdbx_validate_torsion.phi 
_pdbx_validate_torsion.psi 
1 1 GLU A 19 ? ? 49.58   -126.72 
2 1 SER A 21 ? ? -79.40  -168.10 
3 1 ASN A 91 ? ? -140.59 55.77   
# 
_pdbx_SG_project.id                    1 
_pdbx_SG_project.project_name          'PSI, Protein Structure Initiative' 
_pdbx_SG_project.full_name_of_center   'New York SGX Research Center for Structural Genomics' 
_pdbx_SG_project.initial_of_center     NYSGXRC 
# 
_pdbx_struct_special_symmetry.id              1 
_pdbx_struct_special_symmetry.PDB_model_num   1 
_pdbx_struct_special_symmetry.auth_asym_id    A 
_pdbx_struct_special_symmetry.auth_comp_id    HOH 
_pdbx_struct_special_symmetry.auth_seq_id     327 
_pdbx_struct_special_symmetry.PDB_ins_code    ? 
_pdbx_struct_special_symmetry.label_asym_id   B 
_pdbx_struct_special_symmetry.label_comp_id   HOH 
_pdbx_struct_special_symmetry.label_seq_id    . 
# 
loop_
_pdbx_unobs_or_zero_occ_residues.id 
_pdbx_unobs_or_zero_occ_residues.PDB_model_num 
_pdbx_unobs_or_zero_occ_residues.polymer_flag 
_pdbx_unobs_or_zero_occ_residues.occupancy_flag 
_pdbx_unobs_or_zero_occ_residues.auth_asym_id 
_pdbx_unobs_or_zero_occ_residues.auth_comp_id 
_pdbx_unobs_or_zero_occ_residues.auth_seq_id 
_pdbx_unobs_or_zero_occ_residues.PDB_ins_code 
_pdbx_unobs_or_zero_occ_residues.label_asym_id 
_pdbx_unobs_or_zero_occ_residues.label_comp_id 
_pdbx_unobs_or_zero_occ_residues.label_seq_id 
1  1 Y 1 A MET -1  ? A MET 1   
2  1 Y 1 A SER 0   ? A SER 2   
3  1 Y 1 A LEU 1   ? A LEU 3   
4  1 Y 1 A GLU 2   ? A GLU 4   
5  1 Y 1 A THR 3   ? A THR 5   
6  1 Y 1 A ASP 4   ? A ASP 6   
7  1 Y 1 A GLY 102 ? A GLY 104 
8  1 Y 1 A MET 103 ? A MET 105 
9  1 Y 1 A GLY 104 ? A GLY 106 
10 1 Y 1 A GLU 105 ? A GLU 107 
11 1 Y 1 A GLY 106 ? A GLY 108 
12 1 Y 1 A ARG 107 ? A ARG 109 
13 1 Y 1 A TYR 108 ? A TYR 110 
14 1 Y 1 A TYR 109 ? A TYR 111 
15 1 Y 1 A VAL 110 ? A VAL 112 
16 1 Y 1 A ALA 111 ? A ALA 113 
17 1 Y 1 A ARG 112 ? A ARG 114 
18 1 Y 1 A LYS 113 ? A LYS 115 
19 1 Y 1 A LEU 129 ? A LEU 131 
20 1 Y 1 A GLY 130 ? A GLY 132 
21 1 Y 1 A THR 131 ? A THR 133 
22 1 Y 1 A GLU 161 ? A GLU 163 
23 1 Y 1 A ASP 162 ? A ASP 164 
24 1 Y 1 A LYS 200 ? A LYS 202 
25 1 Y 1 A TYR 201 ? A TYR 203 
26 1 Y 1 A LEU 202 ? A LEU 204 
27 1 Y 1 A ARG 203 ? A ARG 205 
28 1 Y 1 A GLU 204 ? A GLU 206 
29 1 Y 1 A GLU 205 ? A GLU 207 
30 1 Y 1 A ILE 206 ? A ILE 208 
31 1 Y 1 A ASN 207 ? A ASN 209 
32 1 Y 1 A LEU 208 ? A LEU 210 
33 1 Y 1 A HIS 209 ? A HIS 211 
34 1 Y 1 A ASP 210 ? A ASP 212 
35 1 Y 1 A GLY 211 ? A GLY 213 
36 1 Y 1 A GLU 221 ? A GLU 223 
37 1 Y 1 A GLY 222 ? A GLY 224 
38 1 Y 1 A HIS 223 ? A HIS 225 
39 1 Y 1 A HIS 224 ? A HIS 226 
40 1 Y 1 A HIS 225 ? A HIS 227 
41 1 Y 1 A HIS 226 ? A HIS 228 
42 1 Y 1 A HIS 227 ? A HIS 229 
43 1 Y 1 A HIS 228 ? A HIS 230 
# 
loop_
_chem_comp_atom.comp_id 
_chem_comp_atom.atom_id 
_chem_comp_atom.type_symbol 
_chem_comp_atom.pdbx_aromatic_flag 
_chem_comp_atom.pdbx_stereo_config 
_chem_comp_atom.pdbx_ordinal 
ALA N    N N N 1   
ALA CA   C N S 2   
ALA C    C N N 3   
ALA O    O N N 4   
ALA CB   C N N 5   
ALA OXT  O N N 6   
ALA H    H N N 7   
ALA H2   H N N 8   
ALA HA   H N N 9   
ALA HB1  H N N 10  
ALA HB2  H N N 11  
ALA HB3  H N N 12  
ALA HXT  H N N 13  
ARG N    N N N 14  
ARG CA   C N S 15  
ARG C    C N N 16  
ARG O    O N N 17  
ARG CB   C N N 18  
ARG CG   C N N 19  
ARG CD   C N N 20  
ARG NE   N N N 21  
ARG CZ   C N N 22  
ARG NH1  N N N 23  
ARG NH2  N N N 24  
ARG OXT  O N N 25  
ARG H    H N N 26  
ARG H2   H N N 27  
ARG HA   H N N 28  
ARG HB2  H N N 29  
ARG HB3  H N N 30  
ARG HG2  H N N 31  
ARG HG3  H N N 32  
ARG HD2  H N N 33  
ARG HD3  H N N 34  
ARG HE   H N N 35  
ARG HH11 H N N 36  
ARG HH12 H N N 37  
ARG HH21 H N N 38  
ARG HH22 H N N 39  
ARG HXT  H N N 40  
ASN N    N N N 41  
ASN CA   C N S 42  
ASN C    C N N 43  
ASN O    O N N 44  
ASN CB   C N N 45  
ASN CG   C N N 46  
ASN OD1  O N N 47  
ASN ND2  N N N 48  
ASN OXT  O N N 49  
ASN H    H N N 50  
ASN H2   H N N 51  
ASN HA   H N N 52  
ASN HB2  H N N 53  
ASN HB3  H N N 54  
ASN HD21 H N N 55  
ASN HD22 H N N 56  
ASN HXT  H N N 57  
ASP N    N N N 58  
ASP CA   C N S 59  
ASP C    C N N 60  
ASP O    O N N 61  
ASP CB   C N N 62  
ASP CG   C N N 63  
ASP OD1  O N N 64  
ASP OD2  O N N 65  
ASP OXT  O N N 66  
ASP H    H N N 67  
ASP H2   H N N 68  
ASP HA   H N N 69  
ASP HB2  H N N 70  
ASP HB3  H N N 71  
ASP HD2  H N N 72  
ASP HXT  H N N 73  
CYS N    N N N 74  
CYS CA   C N R 75  
CYS C    C N N 76  
CYS O    O N N 77  
CYS CB   C N N 78  
CYS SG   S N N 79  
CYS OXT  O N N 80  
CYS H    H N N 81  
CYS H2   H N N 82  
CYS HA   H N N 83  
CYS HB2  H N N 84  
CYS HB3  H N N 85  
CYS HG   H N N 86  
CYS HXT  H N N 87  
GLN N    N N N 88  
GLN CA   C N S 89  
GLN C    C N N 90  
GLN O    O N N 91  
GLN CB   C N N 92  
GLN CG   C N N 93  
GLN CD   C N N 94  
GLN OE1  O N N 95  
GLN NE2  N N N 96  
GLN OXT  O N N 97  
GLN H    H N N 98  
GLN H2   H N N 99  
GLN HA   H N N 100 
GLN HB2  H N N 101 
GLN HB3  H N N 102 
GLN HG2  H N N 103 
GLN HG3  H N N 104 
GLN HE21 H N N 105 
GLN HE22 H N N 106 
GLN HXT  H N N 107 
GLU N    N N N 108 
GLU CA   C N S 109 
GLU C    C N N 110 
GLU O    O N N 111 
GLU CB   C N N 112 
GLU CG   C N N 113 
GLU CD   C N N 114 
GLU OE1  O N N 115 
GLU OE2  O N N 116 
GLU OXT  O N N 117 
GLU H    H N N 118 
GLU H2   H N N 119 
GLU HA   H N N 120 
GLU HB2  H N N 121 
GLU HB3  H N N 122 
GLU HG2  H N N 123 
GLU HG3  H N N 124 
GLU HE2  H N N 125 
GLU HXT  H N N 126 
GLY N    N N N 127 
GLY CA   C N N 128 
GLY C    C N N 129 
GLY O    O N N 130 
GLY OXT  O N N 131 
GLY H    H N N 132 
GLY H2   H N N 133 
GLY HA2  H N N 134 
GLY HA3  H N N 135 
GLY HXT  H N N 136 
HIS N    N N N 137 
HIS CA   C N S 138 
HIS C    C N N 139 
HIS O    O N N 140 
HIS CB   C N N 141 
HIS CG   C Y N 142 
HIS ND1  N Y N 143 
HIS CD2  C Y N 144 
HIS CE1  C Y N 145 
HIS NE2  N Y N 146 
HIS OXT  O N N 147 
HIS H    H N N 148 
HIS H2   H N N 149 
HIS HA   H N N 150 
HIS HB2  H N N 151 
HIS HB3  H N N 152 
HIS HD1  H N N 153 
HIS HD2  H N N 154 
HIS HE1  H N N 155 
HIS HE2  H N N 156 
HIS HXT  H N N 157 
HOH O    O N N 158 
HOH H1   H N N 159 
HOH H2   H N N 160 
ILE N    N N N 161 
ILE CA   C N S 162 
ILE C    C N N 163 
ILE O    O N N 164 
ILE CB   C N S 165 
ILE CG1  C N N 166 
ILE CG2  C N N 167 
ILE CD1  C N N 168 
ILE OXT  O N N 169 
ILE H    H N N 170 
ILE H2   H N N 171 
ILE HA   H N N 172 
ILE HB   H N N 173 
ILE HG12 H N N 174 
ILE HG13 H N N 175 
ILE HG21 H N N 176 
ILE HG22 H N N 177 
ILE HG23 H N N 178 
ILE HD11 H N N 179 
ILE HD12 H N N 180 
ILE HD13 H N N 181 
ILE HXT  H N N 182 
LEU N    N N N 183 
LEU CA   C N S 184 
LEU C    C N N 185 
LEU O    O N N 186 
LEU CB   C N N 187 
LEU CG   C N N 188 
LEU CD1  C N N 189 
LEU CD2  C N N 190 
LEU OXT  O N N 191 
LEU H    H N N 192 
LEU H2   H N N 193 
LEU HA   H N N 194 
LEU HB2  H N N 195 
LEU HB3  H N N 196 
LEU HG   H N N 197 
LEU HD11 H N N 198 
LEU HD12 H N N 199 
LEU HD13 H N N 200 
LEU HD21 H N N 201 
LEU HD22 H N N 202 
LEU HD23 H N N 203 
LEU HXT  H N N 204 
LYS N    N N N 205 
LYS CA   C N S 206 
LYS C    C N N 207 
LYS O    O N N 208 
LYS CB   C N N 209 
LYS CG   C N N 210 
LYS CD   C N N 211 
LYS CE   C N N 212 
LYS NZ   N N N 213 
LYS OXT  O N N 214 
LYS H    H N N 215 
LYS H2   H N N 216 
LYS HA   H N N 217 
LYS HB2  H N N 218 
LYS HB3  H N N 219 
LYS HG2  H N N 220 
LYS HG3  H N N 221 
LYS HD2  H N N 222 
LYS HD3  H N N 223 
LYS HE2  H N N 224 
LYS HE3  H N N 225 
LYS HZ1  H N N 226 
LYS HZ2  H N N 227 
LYS HZ3  H N N 228 
LYS HXT  H N N 229 
MET N    N N N 230 
MET CA   C N S 231 
MET C    C N N 232 
MET O    O N N 233 
MET CB   C N N 234 
MET CG   C N N 235 
MET SD   S N N 236 
MET CE   C N N 237 
MET OXT  O N N 238 
MET H    H N N 239 
MET H2   H N N 240 
MET HA   H N N 241 
MET HB2  H N N 242 
MET HB3  H N N 243 
MET HG2  H N N 244 
MET HG3  H N N 245 
MET HE1  H N N 246 
MET HE2  H N N 247 
MET HE3  H N N 248 
MET HXT  H N N 249 
PHE N    N N N 250 
PHE CA   C N S 251 
PHE C    C N N 252 
PHE O    O N N 253 
PHE CB   C N N 254 
PHE CG   C Y N 255 
PHE CD1  C Y N 256 
PHE CD2  C Y N 257 
PHE CE1  C Y N 258 
PHE CE2  C Y N 259 
PHE CZ   C Y N 260 
PHE OXT  O N N 261 
PHE H    H N N 262 
PHE H2   H N N 263 
PHE HA   H N N 264 
PHE HB2  H N N 265 
PHE HB3  H N N 266 
PHE HD1  H N N 267 
PHE HD2  H N N 268 
PHE HE1  H N N 269 
PHE HE2  H N N 270 
PHE HZ   H N N 271 
PHE HXT  H N N 272 
PRO N    N N N 273 
PRO CA   C N S 274 
PRO C    C N N 275 
PRO O    O N N 276 
PRO CB   C N N 277 
PRO CG   C N N 278 
PRO CD   C N N 279 
PRO OXT  O N N 280 
PRO H    H N N 281 
PRO HA   H N N 282 
PRO HB2  H N N 283 
PRO HB3  H N N 284 
PRO HG2  H N N 285 
PRO HG3  H N N 286 
PRO HD2  H N N 287 
PRO HD3  H N N 288 
PRO HXT  H N N 289 
SER N    N N N 290 
SER CA   C N S 291 
SER C    C N N 292 
SER O    O N N 293 
SER CB   C N N 294 
SER OG   O N N 295 
SER OXT  O N N 296 
SER H    H N N 297 
SER H2   H N N 298 
SER HA   H N N 299 
SER HB2  H N N 300 
SER HB3  H N N 301 
SER HG   H N N 302 
SER HXT  H N N 303 
THR N    N N N 304 
THR CA   C N S 305 
THR C    C N N 306 
THR O    O N N 307 
THR CB   C N R 308 
THR OG1  O N N 309 
THR CG2  C N N 310 
THR OXT  O N N 311 
THR H    H N N 312 
THR H2   H N N 313 
THR HA   H N N 314 
THR HB   H N N 315 
THR HG1  H N N 316 
THR HG21 H N N 317 
THR HG22 H N N 318 
THR HG23 H N N 319 
THR HXT  H N N 320 
TYR N    N N N 321 
TYR CA   C N S 322 
TYR C    C N N 323 
TYR O    O N N 324 
TYR CB   C N N 325 
TYR CG   C Y N 326 
TYR CD1  C Y N 327 
TYR CD2  C Y N 328 
TYR CE1  C Y N 329 
TYR CE2  C Y N 330 
TYR CZ   C Y N 331 
TYR OH   O N N 332 
TYR OXT  O N N 333 
TYR H    H N N 334 
TYR H2   H N N 335 
TYR HA   H N N 336 
TYR HB2  H N N 337 
TYR HB3  H N N 338 
TYR HD1  H N N 339 
TYR HD2  H N N 340 
TYR HE1  H N N 341 
TYR HE2  H N N 342 
TYR HH   H N N 343 
TYR HXT  H N N 344 
VAL N    N N N 345 
VAL CA   C N S 346 
VAL C    C N N 347 
VAL O    O N N 348 
VAL CB   C N N 349 
VAL CG1  C N N 350 
VAL CG2  C N N 351 
VAL OXT  O N N 352 
VAL H    H N N 353 
VAL H2   H N N 354 
VAL HA   H N N 355 
VAL HB   H N N 356 
VAL HG11 H N N 357 
VAL HG12 H N N 358 
VAL HG13 H N N 359 
VAL HG21 H N N 360 
VAL HG22 H N N 361 
VAL HG23 H N N 362 
VAL HXT  H N N 363 
# 
loop_
_chem_comp_bond.comp_id 
_chem_comp_bond.atom_id_1 
_chem_comp_bond.atom_id_2 
_chem_comp_bond.value_order 
_chem_comp_bond.pdbx_aromatic_flag 
_chem_comp_bond.pdbx_stereo_config 
_chem_comp_bond.pdbx_ordinal 
ALA N   CA   sing N N 1   
ALA N   H    sing N N 2   
ALA N   H2   sing N N 3   
ALA CA  C    sing N N 4   
ALA CA  CB   sing N N 5   
ALA CA  HA   sing N N 6   
ALA C   O    doub N N 7   
ALA C   OXT  sing N N 8   
ALA CB  HB1  sing N N 9   
ALA CB  HB2  sing N N 10  
ALA CB  HB3  sing N N 11  
ALA OXT HXT  sing N N 12  
ARG N   CA   sing N N 13  
ARG N   H    sing N N 14  
ARG N   H2   sing N N 15  
ARG CA  C    sing N N 16  
ARG CA  CB   sing N N 17  
ARG CA  HA   sing N N 18  
ARG C   O    doub N N 19  
ARG C   OXT  sing N N 20  
ARG CB  CG   sing N N 21  
ARG CB  HB2  sing N N 22  
ARG CB  HB3  sing N N 23  
ARG CG  CD   sing N N 24  
ARG CG  HG2  sing N N 25  
ARG CG  HG3  sing N N 26  
ARG CD  NE   sing N N 27  
ARG CD  HD2  sing N N 28  
ARG CD  HD3  sing N N 29  
ARG NE  CZ   sing N N 30  
ARG NE  HE   sing N N 31  
ARG CZ  NH1  sing N N 32  
ARG CZ  NH2  doub N N 33  
ARG NH1 HH11 sing N N 34  
ARG NH1 HH12 sing N N 35  
ARG NH2 HH21 sing N N 36  
ARG NH2 HH22 sing N N 37  
ARG OXT HXT  sing N N 38  
ASN N   CA   sing N N 39  
ASN N   H    sing N N 40  
ASN N   H2   sing N N 41  
ASN CA  C    sing N N 42  
ASN CA  CB   sing N N 43  
ASN CA  HA   sing N N 44  
ASN C   O    doub N N 45  
ASN C   OXT  sing N N 46  
ASN CB  CG   sing N N 47  
ASN CB  HB2  sing N N 48  
ASN CB  HB3  sing N N 49  
ASN CG  OD1  doub N N 50  
ASN CG  ND2  sing N N 51  
ASN ND2 HD21 sing N N 52  
ASN ND2 HD22 sing N N 53  
ASN OXT HXT  sing N N 54  
ASP N   CA   sing N N 55  
ASP N   H    sing N N 56  
ASP N   H2   sing N N 57  
ASP CA  C    sing N N 58  
ASP CA  CB   sing N N 59  
ASP CA  HA   sing N N 60  
ASP C   O    doub N N 61  
ASP C   OXT  sing N N 62  
ASP CB  CG   sing N N 63  
ASP CB  HB2  sing N N 64  
ASP CB  HB3  sing N N 65  
ASP CG  OD1  doub N N 66  
ASP CG  OD2  sing N N 67  
ASP OD2 HD2  sing N N 68  
ASP OXT HXT  sing N N 69  
CYS N   CA   sing N N 70  
CYS N   H    sing N N 71  
CYS N   H2   sing N N 72  
CYS CA  C    sing N N 73  
CYS CA  CB   sing N N 74  
CYS CA  HA   sing N N 75  
CYS C   O    doub N N 76  
CYS C   OXT  sing N N 77  
CYS CB  SG   sing N N 78  
CYS CB  HB2  sing N N 79  
CYS CB  HB3  sing N N 80  
CYS SG  HG   sing N N 81  
CYS OXT HXT  sing N N 82  
GLN N   CA   sing N N 83  
GLN N   H    sing N N 84  
GLN N   H2   sing N N 85  
GLN CA  C    sing N N 86  
GLN CA  CB   sing N N 87  
GLN CA  HA   sing N N 88  
GLN C   O    doub N N 89  
GLN C   OXT  sing N N 90  
GLN CB  CG   sing N N 91  
GLN CB  HB2  sing N N 92  
GLN CB  HB3  sing N N 93  
GLN CG  CD   sing N N 94  
GLN CG  HG2  sing N N 95  
GLN CG  HG3  sing N N 96  
GLN CD  OE1  doub N N 97  
GLN CD  NE2  sing N N 98  
GLN NE2 HE21 sing N N 99  
GLN NE2 HE22 sing N N 100 
GLN OXT HXT  sing N N 101 
GLU N   CA   sing N N 102 
GLU N   H    sing N N 103 
GLU N   H2   sing N N 104 
GLU CA  C    sing N N 105 
GLU CA  CB   sing N N 106 
GLU CA  HA   sing N N 107 
GLU C   O    doub N N 108 
GLU C   OXT  sing N N 109 
GLU CB  CG   sing N N 110 
GLU CB  HB2  sing N N 111 
GLU CB  HB3  sing N N 112 
GLU CG  CD   sing N N 113 
GLU CG  HG2  sing N N 114 
GLU CG  HG3  sing N N 115 
GLU CD  OE1  doub N N 116 
GLU CD  OE2  sing N N 117 
GLU OE2 HE2  sing N N 118 
GLU OXT HXT  sing N N 119 
GLY N   CA   sing N N 120 
GLY N   H    sing N N 121 
GLY N   H2   sing N N 122 
GLY CA  C    sing N N 123 
GLY CA  HA2  sing N N 124 
GLY CA  HA3  sing N N 125 
GLY C   O    doub N N 126 
GLY C   OXT  sing N N 127 
GLY OXT HXT  sing N N 128 
HIS N   CA   sing N N 129 
HIS N   H    sing N N 130 
HIS N   H2   sing N N 131 
HIS CA  C    sing N N 132 
HIS CA  CB   sing N N 133 
HIS CA  HA   sing N N 134 
HIS C   O    doub N N 135 
HIS C   OXT  sing N N 136 
HIS CB  CG   sing N N 137 
HIS CB  HB2  sing N N 138 
HIS CB  HB3  sing N N 139 
HIS CG  ND1  sing Y N 140 
HIS CG  CD2  doub Y N 141 
HIS ND1 CE1  doub Y N 142 
HIS ND1 HD1  sing N N 143 
HIS CD2 NE2  sing Y N 144 
HIS CD2 HD2  sing N N 145 
HIS CE1 NE2  sing Y N 146 
HIS CE1 HE1  sing N N 147 
HIS NE2 HE2  sing N N 148 
HIS OXT HXT  sing N N 149 
HOH O   H1   sing N N 150 
HOH O   H2   sing N N 151 
ILE N   CA   sing N N 152 
ILE N   H    sing N N 153 
ILE N   H2   sing N N 154 
ILE CA  C    sing N N 155 
ILE CA  CB   sing N N 156 
ILE CA  HA   sing N N 157 
ILE C   O    doub N N 158 
ILE C   OXT  sing N N 159 
ILE CB  CG1  sing N N 160 
ILE CB  CG2  sing N N 161 
ILE CB  HB   sing N N 162 
ILE CG1 CD1  sing N N 163 
ILE CG1 HG12 sing N N 164 
ILE CG1 HG13 sing N N 165 
ILE CG2 HG21 sing N N 166 
ILE CG2 HG22 sing N N 167 
ILE CG2 HG23 sing N N 168 
ILE CD1 HD11 sing N N 169 
ILE CD1 HD12 sing N N 170 
ILE CD1 HD13 sing N N 171 
ILE OXT HXT  sing N N 172 
LEU N   CA   sing N N 173 
LEU N   H    sing N N 174 
LEU N   H2   sing N N 175 
LEU CA  C    sing N N 176 
LEU CA  CB   sing N N 177 
LEU CA  HA   sing N N 178 
LEU C   O    doub N N 179 
LEU C   OXT  sing N N 180 
LEU CB  CG   sing N N 181 
LEU CB  HB2  sing N N 182 
LEU CB  HB3  sing N N 183 
LEU CG  CD1  sing N N 184 
LEU CG  CD2  sing N N 185 
LEU CG  HG   sing N N 186 
LEU CD1 HD11 sing N N 187 
LEU CD1 HD12 sing N N 188 
LEU CD1 HD13 sing N N 189 
LEU CD2 HD21 sing N N 190 
LEU CD2 HD22 sing N N 191 
LEU CD2 HD23 sing N N 192 
LEU OXT HXT  sing N N 193 
LYS N   CA   sing N N 194 
LYS N   H    sing N N 195 
LYS N   H2   sing N N 196 
LYS CA  C    sing N N 197 
LYS CA  CB   sing N N 198 
LYS CA  HA   sing N N 199 
LYS C   O    doub N N 200 
LYS C   OXT  sing N N 201 
LYS CB  CG   sing N N 202 
LYS CB  HB2  sing N N 203 
LYS CB  HB3  sing N N 204 
LYS CG  CD   sing N N 205 
LYS CG  HG2  sing N N 206 
LYS CG  HG3  sing N N 207 
LYS CD  CE   sing N N 208 
LYS CD  HD2  sing N N 209 
LYS CD  HD3  sing N N 210 
LYS CE  NZ   sing N N 211 
LYS CE  HE2  sing N N 212 
LYS CE  HE3  sing N N 213 
LYS NZ  HZ1  sing N N 214 
LYS NZ  HZ2  sing N N 215 
LYS NZ  HZ3  sing N N 216 
LYS OXT HXT  sing N N 217 
MET N   CA   sing N N 218 
MET N   H    sing N N 219 
MET N   H2   sing N N 220 
MET CA  C    sing N N 221 
MET CA  CB   sing N N 222 
MET CA  HA   sing N N 223 
MET C   O    doub N N 224 
MET C   OXT  sing N N 225 
MET CB  CG   sing N N 226 
MET CB  HB2  sing N N 227 
MET CB  HB3  sing N N 228 
MET CG  SD   sing N N 229 
MET CG  HG2  sing N N 230 
MET CG  HG3  sing N N 231 
MET SD  CE   sing N N 232 
MET CE  HE1  sing N N 233 
MET CE  HE2  sing N N 234 
MET CE  HE3  sing N N 235 
MET OXT HXT  sing N N 236 
PHE N   CA   sing N N 237 
PHE N   H    sing N N 238 
PHE N   H2   sing N N 239 
PHE CA  C    sing N N 240 
PHE CA  CB   sing N N 241 
PHE CA  HA   sing N N 242 
PHE C   O    doub N N 243 
PHE C   OXT  sing N N 244 
PHE CB  CG   sing N N 245 
PHE CB  HB2  sing N N 246 
PHE CB  HB3  sing N N 247 
PHE CG  CD1  doub Y N 248 
PHE CG  CD2  sing Y N 249 
PHE CD1 CE1  sing Y N 250 
PHE CD1 HD1  sing N N 251 
PHE CD2 CE2  doub Y N 252 
PHE CD2 HD2  sing N N 253 
PHE CE1 CZ   doub Y N 254 
PHE CE1 HE1  sing N N 255 
PHE CE2 CZ   sing Y N 256 
PHE CE2 HE2  sing N N 257 
PHE CZ  HZ   sing N N 258 
PHE OXT HXT  sing N N 259 
PRO N   CA   sing N N 260 
PRO N   CD   sing N N 261 
PRO N   H    sing N N 262 
PRO CA  C    sing N N 263 
PRO CA  CB   sing N N 264 
PRO CA  HA   sing N N 265 
PRO C   O    doub N N 266 
PRO C   OXT  sing N N 267 
PRO CB  CG   sing N N 268 
PRO CB  HB2  sing N N 269 
PRO CB  HB3  sing N N 270 
PRO CG  CD   sing N N 271 
PRO CG  HG2  sing N N 272 
PRO CG  HG3  sing N N 273 
PRO CD  HD2  sing N N 274 
PRO CD  HD3  sing N N 275 
PRO OXT HXT  sing N N 276 
SER N   CA   sing N N 277 
SER N   H    sing N N 278 
SER N   H2   sing N N 279 
SER CA  C    sing N N 280 
SER CA  CB   sing N N 281 
SER CA  HA   sing N N 282 
SER C   O    doub N N 283 
SER C   OXT  sing N N 284 
SER CB  OG   sing N N 285 
SER CB  HB2  sing N N 286 
SER CB  HB3  sing N N 287 
SER OG  HG   sing N N 288 
SER OXT HXT  sing N N 289 
THR N   CA   sing N N 290 
THR N   H    sing N N 291 
THR N   H2   sing N N 292 
THR CA  C    sing N N 293 
THR CA  CB   sing N N 294 
THR CA  HA   sing N N 295 
THR C   O    doub N N 296 
THR C   OXT  sing N N 297 
THR CB  OG1  sing N N 298 
THR CB  CG2  sing N N 299 
THR CB  HB   sing N N 300 
THR OG1 HG1  sing N N 301 
THR CG2 HG21 sing N N 302 
THR CG2 HG22 sing N N 303 
THR CG2 HG23 sing N N 304 
THR OXT HXT  sing N N 305 
TYR N   CA   sing N N 306 
TYR N   H    sing N N 307 
TYR N   H2   sing N N 308 
TYR CA  C    sing N N 309 
TYR CA  CB   sing N N 310 
TYR CA  HA   sing N N 311 
TYR C   O    doub N N 312 
TYR C   OXT  sing N N 313 
TYR CB  CG   sing N N 314 
TYR CB  HB2  sing N N 315 
TYR CB  HB3  sing N N 316 
TYR CG  CD1  doub Y N 317 
TYR CG  CD2  sing Y N 318 
TYR CD1 CE1  sing Y N 319 
TYR CD1 HD1  sing N N 320 
TYR CD2 CE2  doub Y N 321 
TYR CD2 HD2  sing N N 322 
TYR CE1 CZ   doub Y N 323 
TYR CE1 HE1  sing N N 324 
TYR CE2 CZ   sing Y N 325 
TYR CE2 HE2  sing N N 326 
TYR CZ  OH   sing N N 327 
TYR OH  HH   sing N N 328 
TYR OXT HXT  sing N N 329 
VAL N   CA   sing N N 330 
VAL N   H    sing N N 331 
VAL N   H2   sing N N 332 
VAL CA  C    sing N N 333 
VAL CA  CB   sing N N 334 
VAL CA  HA   sing N N 335 
VAL C   O    doub N N 336 
VAL C   OXT  sing N N 337 
VAL CB  CG1  sing N N 338 
VAL CB  CG2  sing N N 339 
VAL CB  HB   sing N N 340 
VAL CG1 HG11 sing N N 341 
VAL CG1 HG12 sing N N 342 
VAL CG1 HG13 sing N N 343 
VAL CG2 HG21 sing N N 344 
VAL CG2 HG22 sing N N 345 
VAL CG2 HG23 sing N N 346 
VAL OXT HXT  sing N N 347 
# 
_atom_sites.entry_id                    3CTA 
_atom_sites.fract_transf_matrix[1][1]   0.00192632 
_atom_sites.fract_transf_matrix[1][2]   0.01282589 
_atom_sites.fract_transf_matrix[1][3]   -0.00024200 
_atom_sites.fract_transf_matrix[2][1]   -0.00365360 
_atom_sites.fract_transf_matrix[2][2]   0.00076491 
_atom_sites.fract_transf_matrix[2][3]   0.01145725 
_atom_sites.fract_transf_matrix[3][1]   0.01168699 
_atom_sites.fract_transf_matrix[3][2]   -0.00168283 
_atom_sites.fract_transf_matrix[3][3]   0.00383920 
_atom_sites.fract_transf_vector[1]      0.492270 
_atom_sites.fract_transf_vector[2]      0.120059 
_atom_sites.fract_transf_vector[3]      0.416472 
# 
loop_
_atom_type.symbol 
C 
N 
O 
S 
# 
loop_
_atom_site.group_PDB 
_atom_site.id 
_atom_site.type_symbol 
_atom_site.label_atom_id 
_atom_site.label_alt_id 
_atom_site.label_comp_id 
_atom_site.label_asym_id 
_atom_site.label_entity_id 
_atom_site.label_seq_id 
_atom_site.pdbx_PDB_ins_code 
_atom_site.Cartn_x 
_atom_site.Cartn_y 
_atom_site.Cartn_z 
_atom_site.occupancy 
_atom_site.B_iso_or_equiv 
_atom_site.pdbx_formal_charge 
_atom_site.auth_seq_id 
_atom_site.auth_comp_id 
_atom_site.auth_asym_id 
_atom_site.auth_atom_id 
_atom_site.pdbx_PDB_model_num 
ATOM   1    N N   . ASP A 1 7   ? -3.978  0.941   -16.149 1.00 44.82 ? 5   ASP A N   1 
ATOM   2    C CA  . ASP A 1 7   ? -5.474  0.684   -16.402 1.00 46.15 ? 5   ASP A CA  1 
ATOM   3    C C   . ASP A 1 7   ? -5.892  -0.692  -16.994 1.00 45.11 ? 5   ASP A C   1 
ATOM   4    O O   . ASP A 1 7   ? -6.590  -1.451  -16.347 1.00 45.16 ? 5   ASP A O   1 
ATOM   5    C CB  . ASP A 1 7   ? -6.117  1.829   -17.216 1.00 46.38 ? 5   ASP A CB  1 
ATOM   6    N N   . GLN A 1 8   ? -5.516  -0.992  -18.239 1.00 45.59 ? 6   GLN A N   1 
ATOM   7    C CA  . GLN A 1 8   ? -5.603  -2.397  -18.707 1.00 45.32 ? 6   GLN A CA  1 
ATOM   8    C C   . GLN A 1 8   ? -4.773  -3.258  -17.738 1.00 43.47 ? 6   GLN A C   1 
ATOM   9    O O   . GLN A 1 8   ? -5.161  -4.352  -17.376 1.00 43.18 ? 6   GLN A O   1 
ATOM   10   C CB  . GLN A 1 8   ? -5.120  -2.556  -20.165 1.00 45.67 ? 6   GLN A CB  1 
ATOM   11   N N   . TYR A 1 9   ? -3.642  -2.711  -17.301 1.00 42.81 ? 7   TYR A N   1 
ATOM   12   C CA  . TYR A 1 9   ? -2.891  -3.250  -16.134 1.00 41.24 ? 7   TYR A CA  1 
ATOM   13   C C   . TYR A 1 9   ? -3.625  -3.223  -14.767 1.00 38.26 ? 7   TYR A C   1 
ATOM   14   O O   . TYR A 1 9   ? -3.682  -4.229  -14.082 1.00 37.94 ? 7   TYR A O   1 
ATOM   15   C CB  . TYR A 1 9   ? -1.543  -2.556  -16.041 1.00 41.87 ? 7   TYR A CB  1 
ATOM   16   C CG  . TYR A 1 9   ? -0.632  -2.910  -17.215 1.00 47.10 ? 7   TYR A CG  1 
ATOM   17   C CD1 . TYR A 1 9   ? 0.157   -4.053  -17.206 1.00 47.88 ? 7   TYR A CD1 1 
ATOM   18   C CD2 . TYR A 1 9   ? -0.564  -2.079  -18.335 1.00 52.22 ? 7   TYR A CD2 1 
ATOM   19   C CE1 . TYR A 1 9   ? 0.997   -4.355  -18.281 1.00 51.19 ? 7   TYR A CE1 1 
ATOM   20   C CE2 . TYR A 1 9   ? 0.280   -2.371  -19.417 1.00 53.34 ? 7   TYR A CE2 1 
ATOM   21   C CZ  . TYR A 1 9   ? 1.053   -3.504  -19.392 1.00 53.35 ? 7   TYR A CZ  1 
ATOM   22   O OH  . TYR A 1 9   ? 1.865   -3.774  -20.487 1.00 53.41 ? 7   TYR A OH  1 
ATOM   23   N N   . TYR A 1 10  ? -4.182  -2.080  -14.377 1.00 36.26 ? 8   TYR A N   1 
ATOM   24   C CA  . TYR A 1 10  ? -5.081  -2.023  -13.209 1.00 33.86 ? 8   TYR A CA  1 
ATOM   25   C C   . TYR A 1 10  ? -6.144  -3.124  -13.316 1.00 33.00 ? 8   TYR A C   1 
ATOM   26   O O   . TYR A 1 10  ? -6.358  -3.909  -12.361 1.00 31.99 ? 8   TYR A O   1 
ATOM   27   C CB  . TYR A 1 10  ? -5.721  -0.619  -13.055 1.00 33.49 ? 8   TYR A CB  1 
ATOM   28   C CG  . TYR A 1 10  ? -6.916  -0.596  -12.084 1.00 31.61 ? 8   TYR A CG  1 
ATOM   29   C CD1 . TYR A 1 10  ? -6.731  -0.551  -10.718 1.00 29.76 ? 8   TYR A CD1 1 
ATOM   30   C CD2 . TYR A 1 10  ? -8.208  -0.656  -12.554 1.00 28.75 ? 8   TYR A CD2 1 
ATOM   31   C CE1 . TYR A 1 10  ? -7.840  -0.552  -9.830  1.00 28.40 ? 8   TYR A CE1 1 
ATOM   32   C CE2 . TYR A 1 10  ? -9.298  -0.656  -11.703 1.00 30.56 ? 8   TYR A CE2 1 
ATOM   33   C CZ  . TYR A 1 10  ? -9.090  -0.595  -10.337 1.00 29.14 ? 8   TYR A CZ  1 
ATOM   34   O OH  . TYR A 1 10  ? -10.144 -0.629  -9.495  1.00 32.10 ? 8   TYR A OH  1 
ATOM   35   N N   . ARG A 1 11  ? -6.772  -3.223  -14.487 1.00 32.39 ? 9   ARG A N   1 
ATOM   36   C CA  . ARG A 1 11  ? -7.873  -4.176  -14.700 1.00 33.62 ? 9   ARG A CA  1 
ATOM   37   C C   . ARG A 1 11  ? -7.432  -5.616  -14.558 1.00 33.21 ? 9   ARG A C   1 
ATOM   38   O O   . ARG A 1 11  ? -8.131  -6.459  -13.995 1.00 34.75 ? 9   ARG A O   1 
ATOM   39   C CB  . ARG A 1 11  ? -8.535  -3.971  -16.075 1.00 33.00 ? 9   ARG A CB  1 
ATOM   40   C CG  . ARG A 1 11  ? -9.181  -2.616  -16.209 1.00 36.14 ? 9   ARG A CG  1 
ATOM   41   C CD  . ARG A 1 11  ? -10.481 -2.471  -15.358 1.00 34.36 ? 9   ARG A CD  1 
ATOM   42   N NE  . ARG A 1 11  ? -10.772 -1.049  -15.243 1.00 34.32 ? 9   ARG A NE  1 
ATOM   43   C CZ  . ARG A 1 11  ? -11.751 -0.499  -14.553 1.00 32.01 ? 9   ARG A CZ  1 
ATOM   44   N NH1 . ARG A 1 11  ? -12.584 -1.252  -13.850 1.00 27.99 ? 9   ARG A NH1 1 
ATOM   45   N NH2 . ARG A 1 11  ? -11.848 0.830   -14.542 1.00 29.86 ? 9   ARG A NH2 1 
ATOM   46   N N   . ALA A 1 12  ? -6.261  -5.901  -15.086 1.00 33.89 ? 10  ALA A N   1 
ATOM   47   C CA  . ALA A 1 12  ? -5.673  -7.235  -14.958 1.00 33.41 ? 10  ALA A CA  1 
ATOM   48   C C   . ALA A 1 12  ? -5.334  -7.539  -13.510 1.00 32.12 ? 10  ALA A C   1 
ATOM   49   O O   . ALA A 1 12  ? -5.634  -8.614  -13.027 1.00 31.48 ? 10  ALA A O   1 
ATOM   50   C CB  . ALA A 1 12  ? -4.430  -7.334  -15.843 1.00 33.19 ? 10  ALA A CB  1 
ATOM   51   N N   . ILE A 1 13  ? -4.702  -6.602  -12.798 1.00 31.98 ? 11  ILE A N   1 
ATOM   52   C CA  . ILE A 1 13  ? -4.449  -6.847  -11.362 1.00 31.43 ? 11  ILE A CA  1 
ATOM   53   C C   . ILE A 1 13  ? -5.773  -7.076  -10.595 1.00 32.18 ? 11  ILE A C   1 
ATOM   54   O O   . ILE A 1 13  ? -5.907  -8.035  -9.815  1.00 31.27 ? 11  ILE A O   1 
ATOM   55   C CB  . ILE A 1 13  ? -3.622  -5.713  -10.710 1.00 31.56 ? 11  ILE A CB  1 
ATOM   56   C CG1 . ILE A 1 13  ? -2.172  -5.741  -11.238 1.00 32.72 ? 11  ILE A CG1 1 
ATOM   57   C CG2 . ILE A 1 13  ? -3.580  -5.861  -9.172  1.00 29.09 ? 11  ILE A CG2 1 
ATOM   58   C CD1 . ILE A 1 13  ? -1.476  -4.381  -11.215 1.00 32.98 ? 11  ILE A CD1 1 
ATOM   59   N N   . LYS A 1 14  ? -6.740  -6.183  -10.810 1.00 31.84 ? 12  LYS A N   1 
ATOM   60   C CA  . LYS A 1 14  ? -8.049  -6.291  -10.174 1.00 33.47 ? 12  LYS A CA  1 
ATOM   61   C C   . LYS A 1 14  ? -8.732  -7.643  -10.495 1.00 34.89 ? 12  LYS A C   1 
ATOM   62   O O   . LYS A 1 14  ? -9.200  -8.333  -9.589  1.00 34.50 ? 12  LYS A O   1 
ATOM   63   C CB  . LYS A 1 14  ? -8.899  -5.103  -10.601 1.00 32.81 ? 12  LYS A CB  1 
ATOM   64   C CG  . LYS A 1 14  ? -10.268 -5.034  -10.060 1.00 34.57 ? 12  LYS A CG  1 
ATOM   65   C CD  . LYS A 1 14  ? -11.061 -3.867  -10.719 1.00 35.47 ? 12  LYS A CD  1 
ATOM   66   C CE  . LYS A 1 14  ? -12.536 -3.963  -10.346 1.00 37.34 ? 12  LYS A CE  1 
ATOM   67   N NZ  . LYS A 1 14  ? -13.487 -3.137  -11.153 1.00 37.82 ? 12  LYS A NZ  1 
ATOM   68   N N   . LYS A 1 15  ? -8.776  -8.045  -11.772 1.00 35.99 ? 13  LYS A N   1 
ATOM   69   C CA  . LYS A 1 15  ? -9.350  -9.348  -12.099 1.00 37.36 ? 13  LYS A CA  1 
ATOM   70   C C   . LYS A 1 15  ? -8.590  -10.504 -11.440 1.00 38.28 ? 13  LYS A C   1 
ATOM   71   O O   . LYS A 1 15  ? -9.188  -11.487 -10.966 1.00 38.85 ? 13  LYS A O   1 
ATOM   72   C CB  . LYS A 1 15  ? -9.397  -9.545  -13.618 1.00 39.30 ? 13  LYS A CB  1 
ATOM   73   C CG  . LYS A 1 15  ? -10.348 -10.643 -14.060 1.00 42.36 ? 13  LYS A CG  1 
ATOM   74   C CD  . LYS A 1 15  ? -11.764 -10.338 -13.581 1.00 45.89 ? 13  LYS A CD  1 
ATOM   75   C CE  . LYS A 1 15  ? -12.545 -9.557  -14.619 1.00 49.19 ? 13  LYS A CE  1 
ATOM   76   N NZ  . LYS A 1 15  ? -13.882 -9.241  -14.052 1.00 54.37 ? 13  LYS A NZ  1 
ATOM   77   N N   . ILE A 1 16  ? -7.269  -10.410 -11.384 1.00 37.82 ? 14  ILE A N   1 
ATOM   78   C CA  . ILE A 1 16  ? -6.513  -11.465 -10.735 1.00 38.18 ? 14  ILE A CA  1 
ATOM   79   C C   . ILE A 1 16  ? -6.827  -11.553 -9.240  1.00 39.85 ? 14  ILE A C   1 
ATOM   80   O O   . ILE A 1 16  ? -7.042  -12.661 -8.708  1.00 39.53 ? 14  ILE A O   1 
ATOM   81   C CB  . ILE A 1 16  ? -4.992  -11.322 -10.946 1.00 37.85 ? 14  ILE A CB  1 
ATOM   82   C CG1 . ILE A 1 16  ? -4.618  -11.484 -12.438 1.00 35.80 ? 14  ILE A CG1 1 
ATOM   83   C CG2 . ILE A 1 16  ? -4.256  -12.329 -10.104 1.00 36.88 ? 14  ILE A CG2 1 
ATOM   84   C CD1 . ILE A 1 16  ? -3.186  -11.017 -12.723 1.00 29.62 ? 14  ILE A CD1 1 
ATOM   85   N N   . LYS A 1 17  ? -6.832  -10.407 -8.551  1.00 40.50 ? 15  LYS A N   1 
ATOM   86   C CA  . LYS A 1 17  ? -7.209  -10.406 -7.149  1.00 41.98 ? 15  LYS A CA  1 
ATOM   87   C C   . LYS A 1 17  ? -8.652  -10.887 -6.950  1.00 43.13 ? 15  LYS A C   1 
ATOM   88   O O   . LYS A 1 17  ? -8.946  -11.562 -5.983  1.00 43.67 ? 15  LYS A O   1 
ATOM   89   C CB  . LYS A 1 17  ? -7.042  -9.026  -6.529  1.00 42.02 ? 15  LYS A CB  1 
ATOM   90   C CG  . LYS A 1 17  ? -7.642  -8.937  -5.135  1.00 41.53 ? 15  LYS A CG  1 
ATOM   91   C CD  . LYS A 1 17  ? -6.869  -9.729  -4.098  1.00 41.06 ? 15  LYS A CD  1 
ATOM   92   C CE  . LYS A 1 17  ? -7.464  -9.458  -2.707  1.00 42.23 ? 15  LYS A CE  1 
ATOM   93   N NZ  . LYS A 1 17  ? -6.961  -10.408 -1.678  1.00 45.47 ? 15  LYS A NZ  1 
ATOM   94   N N   . GLU A 1 18  ? -9.536  -10.526 -7.871  1.00 44.38 ? 16  GLU A N   1 
ATOM   95   C CA  . GLU A 1 18  ? -10.919 -10.939 -7.810  1.00 46.19 ? 16  GLU A CA  1 
ATOM   96   C C   . GLU A 1 18  ? -11.025 -12.457 -7.905  1.00 47.63 ? 16  GLU A C   1 
ATOM   97   O O   . GLU A 1 18  ? -11.754 -13.078 -7.124  1.00 47.40 ? 16  GLU A O   1 
ATOM   98   C CB  . GLU A 1 18  ? -11.679 -10.293 -8.945  1.00 46.29 ? 16  GLU A CB  1 
ATOM   99   C CG  . GLU A 1 18  ? -13.139 -10.537 -8.945  1.00 49.07 ? 16  GLU A CG  1 
ATOM   100  C CD  . GLU A 1 18  ? -13.828 -9.543  -9.838  1.00 54.91 ? 16  GLU A CD  1 
ATOM   101  O OE1 . GLU A 1 18  ? -13.153 -8.955  -10.717 1.00 57.92 ? 16  GLU A OE1 1 
ATOM   102  O OE2 . GLU A 1 18  ? -15.036 -9.323  -9.653  1.00 57.71 ? 16  GLU A OE2 1 
ATOM   103  N N   . ALA A 1 19  ? -10.263 -13.044 -8.840  1.00 49.07 ? 17  ALA A N   1 
ATOM   104  C CA  . ALA A 1 19  ? -10.219 -14.495 -9.022  1.00 50.35 ? 17  ALA A CA  1 
ATOM   105  C C   . ALA A 1 19  ? -9.546  -15.176 -7.847  1.00 51.27 ? 17  ALA A C   1 
ATOM   106  O O   . ALA A 1 19  ? -9.840  -16.334 -7.541  1.00 52.64 ? 17  ALA A O   1 
ATOM   107  C CB  . ALA A 1 19  ? -9.523  -14.862 -10.332 1.00 50.01 ? 17  ALA A CB  1 
ATOM   108  N N   . ALA A 1 20  ? -8.647  -14.464 -7.180  1.00 52.29 ? 18  ALA A N   1 
ATOM   109  C CA  . ALA A 1 20  ? -7.961  -14.989 -6.001  1.00 53.19 ? 18  ALA A CA  1 
ATOM   110  C C   . ALA A 1 20  ? -8.926  -15.079 -4.831  1.00 54.30 ? 18  ALA A C   1 
ATOM   111  O O   . ALA A 1 20  ? -8.598  -15.648 -3.796  1.00 54.08 ? 18  ALA A O   1 
ATOM   112  C CB  . ALA A 1 20  ? -6.804  -14.093 -5.627  1.00 53.03 ? 18  ALA A CB  1 
ATOM   113  N N   . GLU A 1 21  ? -10.113 -14.495 -5.018  1.00 55.97 ? 19  GLU A N   1 
ATOM   114  C CA  . GLU A 1 21  ? -11.176 -14.428 -4.000  1.00 56.89 ? 19  GLU A CA  1 
ATOM   115  C C   . GLU A 1 21  ? -10.612 -13.931 -2.699  1.00 57.26 ? 19  GLU A C   1 
ATOM   116  O O   . GLU A 1 21  ? -9.970  -12.884 -2.664  1.00 58.32 ? 19  GLU A O   1 
ATOM   117  C CB  . GLU A 1 21  ? -11.906 -15.770 -3.825  1.00 57.02 ? 19  GLU A CB  1 
ATOM   118  N N   . ALA A 1 22  ? -10.830 -14.669 -1.623  1.00 58.00 ? 20  ALA A N   1 
ATOM   119  C CA  . ALA A 1 22  ? -10.280 -14.251 -0.333  1.00 58.10 ? 20  ALA A CA  1 
ATOM   120  C C   . ALA A 1 22  ? -8.733  -14.277 -0.265  1.00 57.87 ? 20  ALA A C   1 
ATOM   121  O O   . ALA A 1 22  ? -8.134  -13.444 0.421   1.00 58.08 ? 20  ALA A O   1 
ATOM   122  C CB  . ALA A 1 22  ? -10.929 -15.050 0.847   1.00 58.52 ? 20  ALA A CB  1 
ATOM   123  N N   . SER A 1 23  ? -8.087  -15.207 -0.972  1.00 57.07 ? 21  SER A N   1 
ATOM   124  C CA  . SER A 1 23  ? -6.610  -15.272 -0.939  1.00 56.17 ? 21  SER A CA  1 
ATOM   125  C C   . SER A 1 23  ? -5.960  -14.225 -1.851  1.00 55.54 ? 21  SER A C   1 
ATOM   126  O O   . SER A 1 23  ? -6.635  -13.311 -2.360  1.00 56.06 ? 21  SER A O   1 
ATOM   127  C CB  . SER A 1 23  ? -6.100  -16.675 -1.314  1.00 56.67 ? 21  SER A CB  1 
ATOM   128  O OG  . SER A 1 23  ? -6.024  -16.850 -2.724  1.00 55.31 ? 21  SER A OG  1 
ATOM   129  N N   . ASN A 1 24  ? -4.651  -14.376 -2.068  1.00 53.75 ? 22  ASN A N   1 
ATOM   130  C CA  . ASN A 1 24  ? -3.917  -13.520 -3.009  1.00 51.99 ? 22  ASN A CA  1 
ATOM   131  C C   . ASN A 1 24  ? -3.316  -14.348 -4.176  1.00 51.61 ? 22  ASN A C   1 
ATOM   132  O O   . ASN A 1 24  ? -2.423  -13.883 -4.889  1.00 51.06 ? 22  ASN A O   1 
ATOM   133  C CB  . ASN A 1 24  ? -2.830  -12.715 -2.283  1.00 51.23 ? 22  ASN A CB  1 
ATOM   134  C CG  . ASN A 1 24  ? -3.402  -11.541 -1.478  1.00 50.06 ? 22  ASN A CG  1 
ATOM   135  O OD1 . ASN A 1 24  ? -4.237  -10.774 -1.971  1.00 44.22 ? 22  ASN A OD1 1 
ATOM   136  N ND2 . ASN A 1 24  ? -2.953  -11.406 -0.232  1.00 46.67 ? 22  ASN A ND2 1 
ATOM   137  N N   . ARG A 1 25  ? -3.846  -15.561 -4.359  1.00 50.75 ? 23  ARG A N   1 
ATOM   138  C CA  . ARG A 1 25  ? -3.378  -16.518 -5.380  1.00 50.20 ? 23  ARG A CA  1 
ATOM   139  C C   . ARG A 1 25  ? -4.515  -16.994 -6.285  1.00 49.19 ? 23  ARG A C   1 
ATOM   140  O O   . ARG A 1 25  ? -5.578  -17.301 -5.794  1.00 49.32 ? 23  ARG A O   1 
ATOM   141  C CB  . ARG A 1 25  ? -2.756  -17.739 -4.683  1.00 50.58 ? 23  ARG A CB  1 
ATOM   142  N N   . ALA A 1 26  ? -4.300  -17.056 -7.599  1.00 48.44 ? 24  ALA A N   1 
ATOM   143  C CA  . ALA A 1 26  ? -5.307  -17.617 -8.526  1.00 47.77 ? 24  ALA A CA  1 
ATOM   144  C C   . ALA A 1 26  ? -4.730  -18.505 -9.642  1.00 47.20 ? 24  ALA A C   1 
ATOM   145  O O   . ALA A 1 26  ? -3.786  -18.116 -10.342 1.00 45.38 ? 24  ALA A O   1 
ATOM   146  C CB  . ALA A 1 26  ? -6.153  -16.491 -9.154  1.00 47.89 ? 24  ALA A CB  1 
ATOM   147  N N   . TYR A 1 27  ? -5.346  -19.671 -9.838  1.00 47.06 ? 25  TYR A N   1 
ATOM   148  C CA  . TYR A 1 27  ? -5.075  -20.486 -11.034 1.00 47.21 ? 25  TYR A CA  1 
ATOM   149  C C   . TYR A 1 27  ? -5.590  -19.795 -12.284 1.00 46.26 ? 25  TYR A C   1 
ATOM   150  O O   . TYR A 1 27  ? -6.798  -19.740 -12.510 1.00 46.24 ? 25  TYR A O   1 
ATOM   151  C CB  . TYR A 1 27  ? -5.728  -21.846 -10.925 1.00 47.70 ? 25  TYR A CB  1 
ATOM   152  C CG  . TYR A 1 27  ? -5.118  -22.738 -9.880  1.00 51.52 ? 25  TYR A CG  1 
ATOM   153  C CD1 . TYR A 1 27  ? -3.944  -23.420 -10.127 1.00 54.30 ? 25  TYR A CD1 1 
ATOM   154  C CD2 . TYR A 1 27  ? -5.735  -22.908 -8.639  1.00 57.48 ? 25  TYR A CD2 1 
ATOM   155  C CE1 . TYR A 1 27  ? -3.383  -24.250 -9.178  1.00 57.28 ? 25  TYR A CE1 1 
ATOM   156  C CE2 . TYR A 1 27  ? -5.186  -23.736 -7.668  1.00 59.04 ? 25  TYR A CE2 1 
ATOM   157  C CZ  . TYR A 1 27  ? -4.004  -24.399 -7.947  1.00 60.18 ? 25  TYR A CZ  1 
ATOM   158  O OH  . TYR A 1 27  ? -3.447  -25.227 -6.998  1.00 62.18 ? 25  TYR A OH  1 
ATOM   159  N N   . LEU A 1 28  ? -4.683  -19.249 -13.088 1.00 45.11 ? 26  LEU A N   1 
ATOM   160  C CA  . LEU A 1 28  ? -5.092  -18.528 -14.286 1.00 45.08 ? 26  LEU A CA  1 
ATOM   161  C C   . LEU A 1 28  ? -4.078  -18.724 -15.397 1.00 44.99 ? 26  LEU A C   1 
ATOM   162  O O   . LEU A 1 28  ? -2.875  -18.561 -15.171 1.00 45.14 ? 26  LEU A O   1 
ATOM   163  C CB  . LEU A 1 28  ? -5.250  -17.018 -14.011 1.00 45.13 ? 26  LEU A CB  1 
ATOM   164  C CG  . LEU A 1 28  ? -6.472  -16.516 -13.246 1.00 45.54 ? 26  LEU A CG  1 
ATOM   165  C CD1 . LEU A 1 28  ? -6.363  -15.037 -12.875 1.00 45.61 ? 26  LEU A CD1 1 
ATOM   166  C CD2 . LEU A 1 28  ? -7.729  -16.785 -14.052 1.00 45.47 ? 26  LEU A CD2 1 
ATOM   167  N N   . THR A 1 29  ? -4.566  -19.089 -16.584 1.00 43.98 ? 27  THR A N   1 
ATOM   168  C CA  . THR A 1 29  ? -3.745  -19.122 -17.773 1.00 44.27 ? 27  THR A CA  1 
ATOM   169  C C   . THR A 1 29  ? -3.875  -17.786 -18.465 1.00 43.60 ? 27  THR A C   1 
ATOM   170  O O   . THR A 1 29  ? -4.788  -17.020 -18.156 1.00 43.64 ? 27  THR A O   1 
ATOM   171  C CB  . THR A 1 29  ? -4.203  -20.222 -18.741 1.00 45.20 ? 27  THR A CB  1 
ATOM   172  O OG1 . THR A 1 29  ? -5.642  -20.208 -18.852 1.00 45.54 ? 27  THR A OG1 1 
ATOM   173  C CG2 . THR A 1 29  ? -3.740  -21.592 -18.206 1.00 46.57 ? 27  THR A CG2 1 
ATOM   174  N N   . SER A 1 30  ? -2.981  -17.489 -19.395 1.00 42.78 ? 28  SER A N   1 
ATOM   175  C CA  . SER A 1 30  ? -3.178  -16.296 -20.202 1.00 43.97 ? 28  SER A CA  1 
ATOM   176  C C   . SER A 1 30  ? -4.522  -16.336 -21.023 1.00 44.36 ? 28  SER A C   1 
ATOM   177  O O   . SER A 1 30  ? -5.146  -15.303 -21.281 1.00 43.97 ? 28  SER A O   1 
ATOM   178  C CB  . SER A 1 30  ? -1.947  -16.030 -21.079 1.00 43.79 ? 28  SER A CB  1 
ATOM   179  O OG  . SER A 1 30  ? -1.708  -17.061 -22.036 1.00 44.32 ? 28  SER A OG  1 
ATOM   180  N N   . SER A 1 31  ? -4.954  -17.536 -21.409 1.00 44.89 ? 29  SER A N   1 
ATOM   181  C CA  . SER A 1 31  ? -6.229  -17.725 -22.128 1.00 45.89 ? 29  SER A CA  1 
ATOM   182  C C   . SER A 1 31  ? -7.415  -17.347 -21.250 1.00 45.90 ? 29  SER A C   1 
ATOM   183  O O   . SER A 1 31  ? -8.233  -16.502 -21.623 1.00 46.62 ? 29  SER A O   1 
ATOM   184  C CB  . SER A 1 31  ? -6.361  -19.166 -22.626 1.00 45.52 ? 29  SER A CB  1 
ATOM   185  O OG  . SER A 1 31  ? -5.375  -19.390 -23.627 1.00 48.94 ? 29  SER A OG  1 
ATOM   186  N N   . LYS A 1 32  ? -7.465  -17.923 -20.059 1.00 45.68 ? 30  LYS A N   1 
ATOM   187  C CA  . LYS A 1 32  ? -8.520  -17.616 -19.121 1.00 46.43 ? 30  LYS A CA  1 
ATOM   188  C C   . LYS A 1 32  ? -8.541  -16.127 -18.727 1.00 45.87 ? 30  LYS A C   1 
ATOM   189  O O   . LYS A 1 32  ? -9.599  -15.505 -18.668 1.00 46.55 ? 30  LYS A O   1 
ATOM   190  C CB  . LYS A 1 32  ? -8.375  -18.516 -17.895 1.00 47.22 ? 30  LYS A CB  1 
ATOM   191  C CG  . LYS A 1 32  ? -9.526  -18.426 -16.926 1.00 50.40 ? 30  LYS A CG  1 
ATOM   192  C CD  . LYS A 1 32  ? -9.512  -19.606 -15.974 1.00 56.39 ? 30  LYS A CD  1 
ATOM   193  C CE  . LYS A 1 32  ? -10.830 -19.682 -15.174 1.00 61.07 ? 30  LYS A CE  1 
ATOM   194  N NZ  . LYS A 1 32  ? -12.065 -19.782 -16.060 1.00 64.74 ? 30  LYS A NZ  1 
ATOM   195  N N   . LEU A 1 33  ? -7.375  -15.545 -18.473 1.00 44.89 ? 31  LEU A N   1 
ATOM   196  C CA  . LEU A 1 33  ? -7.318  -14.136 -18.117 1.00 43.72 ? 31  LEU A CA  1 
ATOM   197  C C   . LEU A 1 33  ? -7.770  -13.261 -19.310 1.00 43.65 ? 31  LEU A C   1 
ATOM   198  O O   . LEU A 1 33  ? -8.471  -12.265 -19.130 1.00 41.98 ? 31  LEU A O   1 
ATOM   199  C CB  . LEU A 1 33  ? -5.911  -13.749 -17.616 1.00 43.02 ? 31  LEU A CB  1 
ATOM   200  C CG  . LEU A 1 33  ? -5.703  -12.270 -17.260 1.00 42.37 ? 31  LEU A CG  1 
ATOM   201  C CD1 . LEU A 1 33  ? -6.577  -11.892 -16.089 1.00 40.21 ? 31  LEU A CD1 1 
ATOM   202  C CD2 . LEU A 1 33  ? -4.224  -11.901 -16.978 1.00 42.18 ? 31  LEU A CD2 1 
ATOM   203  N N   . ALA A 1 34  ? -7.351  -13.641 -20.519 1.00 43.93 ? 32  ALA A N   1 
ATOM   204  C CA  . ALA A 1 34  ? -7.798  -12.974 -21.743 1.00 44.59 ? 32  ALA A CA  1 
ATOM   205  C C   . ALA A 1 34  ? -9.314  -12.956 -21.832 1.00 44.98 ? 32  ALA A C   1 
ATOM   206  O O   . ALA A 1 34  ? -9.906  -11.923 -22.135 1.00 45.42 ? 32  ALA A O   1 
ATOM   207  C CB  . ALA A 1 34  ? -7.217  -13.662 -22.981 1.00 43.89 ? 32  ALA A CB  1 
ATOM   208  N N   . ASP A 1 35  ? -9.940  -14.101 -21.578 1.00 46.29 ? 33  ASP A N   1 
ATOM   209  C CA  . ASP A 1 35  ? -11.396 -14.198 -21.595 1.00 47.75 ? 33  ASP A CA  1 
ATOM   210  C C   . ASP A 1 35  ? -12.063 -13.299 -20.555 1.00 47.98 ? 33  ASP A C   1 
ATOM   211  O O   . ASP A 1 35  ? -13.019 -12.576 -20.857 1.00 48.59 ? 33  ASP A O   1 
ATOM   212  C CB  . ASP A 1 35  ? -11.831 -15.641 -21.354 1.00 48.64 ? 33  ASP A CB  1 
ATOM   213  C CG  . ASP A 1 35  ? -13.274 -15.888 -21.776 1.00 52.15 ? 33  ASP A CG  1 
ATOM   214  O OD1 . ASP A 1 35  ? -13.912 -16.837 -21.275 1.00 56.18 ? 33  ASP A OD1 1 
ATOM   215  O OD2 . ASP A 1 35  ? -13.765 -15.135 -22.636 1.00 57.28 ? 33  ASP A OD2 1 
ATOM   216  N N   . MET A 1 36  ? -11.574 -13.355 -19.316 1.00 47.86 ? 34  MET A N   1 
ATOM   217  C CA  . MET A 1 36  ? -12.075 -12.477 -18.253 1.00 47.19 ? 34  MET A CA  1 
ATOM   218  C C   . MET A 1 36  ? -11.934 -11.008 -18.616 1.00 46.51 ? 34  MET A C   1 
ATOM   219  O O   . MET A 1 36  ? -12.766 -10.186 -18.259 1.00 45.37 ? 34  MET A O   1 
ATOM   220  C CB  . MET A 1 36  ? -11.331 -12.746 -16.950 1.00 47.34 ? 34  MET A CB  1 
ATOM   221  C CG  . MET A 1 36  ? -11.707 -14.042 -16.260 1.00 48.98 ? 34  MET A CG  1 
ATOM   222  S SD  . MET A 1 36  ? -10.538 -14.468 -14.933 1.00 52.63 ? 34  MET A SD  1 
ATOM   223  C CE  . MET A 1 36  ? -11.634 -15.515 -13.971 1.00 52.38 ? 34  MET A CE  1 
ATOM   224  N N   . LEU A 1 37  ? -10.872 -10.674 -19.337 1.00 46.55 ? 35  LEU A N   1 
ATOM   225  C CA  . LEU A 1 37  ? -10.583 -9.273  -19.622 1.00 46.87 ? 35  LEU A CA  1 
ATOM   226  C C   . LEU A 1 37  ? -11.181 -8.757  -20.928 1.00 47.44 ? 35  LEU A C   1 
ATOM   227  O O   . LEU A 1 37  ? -11.208 -7.550  -21.124 1.00 47.38 ? 35  LEU A O   1 
ATOM   228  C CB  . LEU A 1 37  ? -9.072  -9.020  -19.620 1.00 47.01 ? 35  LEU A CB  1 
ATOM   229  C CG  . LEU A 1 37  ? -8.332  -8.948  -18.273 1.00 46.28 ? 35  LEU A CG  1 
ATOM   230  C CD1 . LEU A 1 37  ? -6.848  -8.796  -18.500 1.00 44.13 ? 35  LEU A CD1 1 
ATOM   231  C CD2 . LEU A 1 37  ? -8.848  -7.762  -17.473 1.00 47.97 ? 35  LEU A CD2 1 
ATOM   232  N N   . GLY A 1 38  ? -11.633 -9.655  -21.818 1.00 47.55 ? 36  GLY A N   1 
ATOM   233  C CA  . GLY A 1 38  ? -12.104 -9.260  -23.157 1.00 47.77 ? 36  GLY A CA  1 
ATOM   234  C C   . GLY A 1 38  ? -10.990 -8.871  -24.118 1.00 48.31 ? 36  GLY A C   1 
ATOM   235  O O   . GLY A 1 38  ? -11.140 -7.942  -24.925 1.00 48.90 ? 36  GLY A O   1 
ATOM   236  N N   . ILE A 1 39  ? -9.853  -9.561  -24.037 1.00 48.56 ? 37  ILE A N   1 
ATOM   237  C CA  . ILE A 1 39  ? -8.713  -9.260  -24.922 1.00 47.62 ? 37  ILE A CA  1 
ATOM   238  C C   . ILE A 1 39  ? -8.177  -10.549 -25.489 1.00 47.05 ? 37  ILE A C   1 
ATOM   239  O O   . ILE A 1 39  ? -8.622  -11.617 -25.104 1.00 47.10 ? 37  ILE A O   1 
ATOM   240  C CB  . ILE A 1 39  ? -7.538  -8.491  -24.194 1.00 47.91 ? 37  ILE A CB  1 
ATOM   241  C CG1 . ILE A 1 39  ? -6.922  -9.367  -23.076 1.00 48.32 ? 37  ILE A CG1 1 
ATOM   242  C CG2 . ILE A 1 39  ? -7.993  -7.090  -23.737 1.00 46.75 ? 37  ILE A CG2 1 
ATOM   243  C CD1 . ILE A 1 39  ? -6.084  -8.625  -22.063 1.00 48.52 ? 37  ILE A CD1 1 
ATOM   244  N N   . SER A 1 40  ? -7.220  -10.450 -26.399 1.00 46.51 ? 38  SER A N   1 
ATOM   245  C CA  . SER A 1 40  ? -6.658  -11.641 -27.018 1.00 47.63 ? 38  SER A CA  1 
ATOM   246  C C   . SER A 1 40  ? -5.717  -12.380 -26.061 1.00 47.99 ? 38  SER A C   1 
ATOM   247  O O   . SER A 1 40  ? -5.140  -11.770 -25.147 1.00 47.51 ? 38  SER A O   1 
ATOM   248  C CB  . SER A 1 40  ? -5.871  -11.256 -28.259 1.00 47.07 ? 38  SER A CB  1 
ATOM   249  O OG  . SER A 1 40  ? -4.799  -10.396 -27.882 1.00 48.31 ? 38  SER A OG  1 
ATOM   250  N N   . GLN A 1 41  ? -5.540  -13.676 -26.298 1.00 47.93 ? 39  GLN A N   1 
ATOM   251  C CA  . GLN A 1 41  ? -4.553  -14.453 -25.567 1.00 49.31 ? 39  GLN A CA  1 
ATOM   252  C C   . GLN A 1 41  ? -3.179  -13.788 -25.579 1.00 49.21 ? 39  GLN A C   1 
ATOM   253  O O   . GLN A 1 41  ? -2.492  -13.791 -24.549 1.00 49.02 ? 39  GLN A O   1 
ATOM   254  C CB  . GLN A 1 41  ? -4.449  -15.900 -26.093 1.00 49.53 ? 39  GLN A CB  1 
ATOM   255  C CG  . GLN A 1 41  ? -3.478  -16.802 -25.303 1.00 51.57 ? 39  GLN A CG  1 
ATOM   256  C CD  . GLN A 1 41  ? -2.022  -16.663 -25.762 1.00 57.03 ? 39  GLN A CD  1 
ATOM   257  O OE1 . GLN A 1 41  ? -1.748  -16.325 -26.922 1.00 59.31 ? 39  GLN A OE1 1 
ATOM   258  N NE2 . GLN A 1 41  ? -1.084  -16.935 -24.860 1.00 57.70 ? 39  GLN A NE2 1 
ATOM   259  N N   . GLN A 1 42  ? -2.788  -13.214 -26.725 1.00 48.89 ? 40  GLN A N   1 
ATOM   260  C CA  . GLN A 1 42  ? -1.452  -12.629 -26.873 1.00 48.87 ? 40  GLN A CA  1 
ATOM   261  C C   . GLN A 1 42  ? -1.298  -11.370 -26.004 1.00 47.62 ? 40  GLN A C   1 
ATOM   262  O O   . GLN A 1 42  ? -0.284  -11.194 -25.361 1.00 47.29 ? 40  GLN A O   1 
ATOM   263  C CB  . GLN A 1 42  ? -1.108  -12.334 -28.351 1.00 49.70 ? 40  GLN A CB  1 
ATOM   264  C CG  . GLN A 1 42  ? 0.423   -12.465 -28.704 1.00 53.58 ? 40  GLN A CG  1 
ATOM   265  C CD  . GLN A 1 42  ? 0.869   -11.837 -30.087 1.00 60.90 ? 40  GLN A CD  1 
ATOM   266  O OE1 . GLN A 1 42  ? 2.044   -11.442 -30.253 1.00 62.04 ? 40  GLN A OE1 1 
ATOM   267  N NE2 . GLN A 1 42  ? -0.055  -11.764 -31.064 1.00 60.91 ? 40  GLN A NE2 1 
ATOM   268  N N   . SER A 1 43  ? -2.313  -10.510 -26.002 1.00 46.40 ? 41  SER A N   1 
ATOM   269  C CA  . SER A 1 43  ? -2.380  -9.364  -25.107 1.00 45.44 ? 41  SER A CA  1 
ATOM   270  C C   . SER A 1 43  ? -2.230  -9.765  -23.626 1.00 44.39 ? 41  SER A C   1 
ATOM   271  O O   . SER A 1 43  ? -1.483  -9.140  -22.887 1.00 42.59 ? 41  SER A O   1 
ATOM   272  C CB  . SER A 1 43  ? -3.702  -8.646  -25.290 1.00 45.18 ? 41  SER A CB  1 
ATOM   273  O OG  . SER A 1 43  ? -3.660  -7.833  -26.448 1.00 48.32 ? 41  SER A OG  1 
ATOM   274  N N   . ALA A 1 44  ? -2.962  -10.811 -23.237 1.00 43.17 ? 42  ALA A N   1 
ATOM   275  C CA  . ALA A 1 44  ? -2.963  -11.329 -21.889 1.00 42.60 ? 42  ALA A CA  1 
ATOM   276  C C   . ALA A 1 44  ? -1.593  -11.885 -21.522 1.00 42.22 ? 42  ALA A C   1 
ATOM   277  O O   . ALA A 1 44  ? -1.118  -11.660 -20.413 1.00 43.00 ? 42  ALA A O   1 
ATOM   278  C CB  . ALA A 1 44  ? -4.033  -12.404 -21.723 1.00 40.99 ? 42  ALA A CB  1 
ATOM   279  N N   . SER A 1 45  ? -0.972  -12.619 -22.443 1.00 41.93 ? 43  SER A N   1 
ATOM   280  C CA  . SER A 1 45  ? 0.361   -13.163 -22.211 1.00 41.14 ? 43  SER A CA  1 
ATOM   281  C C   . SER A 1 45  ? 1.338   -12.017 -21.954 1.00 39.86 ? 43  SER A C   1 
ATOM   282  O O   . SER A 1 45  ? 2.081   -12.039 -20.978 1.00 38.57 ? 43  SER A O   1 
ATOM   283  C CB  . SER A 1 45  ? 0.813   -14.001 -23.404 1.00 42.12 ? 43  SER A CB  1 
ATOM   284  O OG  . SER A 1 45  ? 1.819   -14.927 -23.024 1.00 44.50 ? 43  SER A OG  1 
ATOM   285  N N   . ARG A 1 46  ? 1.287   -10.993 -22.795 1.00 38.71 ? 44  ARG A N   1 
ATOM   286  C CA  . ARG A 1 46  ? 2.171   -9.830  -22.643 1.00 39.17 ? 44  ARG A CA  1 
ATOM   287  C C   . ARG A 1 46  ? 1.981   -9.073  -21.316 1.00 37.84 ? 44  ARG A C   1 
ATOM   288  O O   . ARG A 1 46  ? 2.950   -8.644  -20.685 1.00 36.91 ? 44  ARG A O   1 
ATOM   289  C CB  . ARG A 1 46  ? 1.994   -8.869  -23.811 1.00 39.56 ? 44  ARG A CB  1 
ATOM   290  C CG  . ARG A 1 46  ? 2.878   -7.599  -23.701 1.00 44.86 ? 44  ARG A CG  1 
ATOM   291  C CD  . ARG A 1 46  ? 4.415   -7.912  -23.740 1.00 52.75 ? 44  ARG A CD  1 
ATOM   292  N NE  . ARG A 1 46  ? 5.203   -6.917  -22.989 1.00 57.72 ? 44  ARG A NE  1 
ATOM   293  C CZ  . ARG A 1 46  ? 6.476   -6.567  -23.251 1.00 60.49 ? 44  ARG A CZ  1 
ATOM   294  N NH1 . ARG A 1 46  ? 7.150   -7.133  -24.255 1.00 60.22 ? 44  ARG A NH1 1 
ATOM   295  N NH2 . ARG A 1 46  ? 7.089   -5.641  -22.496 1.00 58.60 ? 44  ARG A NH2 1 
ATOM   296  N N   . ILE A 1 47  ? 0.722   -8.926  -20.898 1.00 36.54 ? 45  ILE A N   1 
ATOM   297  C CA  . ILE A 1 47  ? 0.386   -8.251  -19.641 1.00 35.78 ? 45  ILE A CA  1 
ATOM   298  C C   . ILE A 1 47  ? 0.942   -9.044  -18.445 1.00 33.91 ? 45  ILE A C   1 
ATOM   299  O O   . ILE A 1 47  ? 1.521   -8.472  -17.545 1.00 33.62 ? 45  ILE A O   1 
ATOM   300  C CB  . ILE A 1 47  ? -1.152  -8.097  -19.502 1.00 36.02 ? 45  ILE A CB  1 
ATOM   301  C CG1 . ILE A 1 47  ? -1.654  -6.909  -20.307 1.00 36.80 ? 45  ILE A CG1 1 
ATOM   302  C CG2 . ILE A 1 47  ? -1.545  -7.841  -18.056 1.00 37.15 ? 45  ILE A CG2 1 
ATOM   303  C CD1 . ILE A 1 47  ? -3.189  -6.974  -20.616 1.00 39.38 ? 45  ILE A CD1 1 
ATOM   304  N N   . ILE A 1 48  ? 0.758   -10.360 -18.455 1.00 32.76 ? 46  ILE A N   1 
ATOM   305  C CA  . ILE A 1 48  ? 1.249   -11.226 -17.381 1.00 33.19 ? 46  ILE A CA  1 
ATOM   306  C C   . ILE A 1 48  ? 2.768   -11.121 -17.228 1.00 33.27 ? 46  ILE A C   1 
ATOM   307  O O   . ILE A 1 48  ? 3.286   -11.012 -16.097 1.00 33.14 ? 46  ILE A O   1 
ATOM   308  C CB  . ILE A 1 48  ? 0.847   -12.708 -17.610 1.00 33.19 ? 46  ILE A CB  1 
ATOM   309  C CG1 . ILE A 1 48  ? -0.659  -12.887 -17.376 1.00 32.13 ? 46  ILE A CG1 1 
ATOM   310  C CG2 . ILE A 1 48  ? 1.661   -13.614 -16.678 1.00 33.32 ? 46  ILE A CG2 1 
ATOM   311  C CD1 . ILE A 1 48  ? -1.228  -14.260 -17.821 1.00 30.35 ? 46  ILE A CD1 1 
ATOM   312  N N   . ILE A 1 49  ? 3.466   -11.104 -18.361 1.00 32.81 ? 47  ILE A N   1 
ATOM   313  C CA  . ILE A 1 49  ? 4.920   -10.983 -18.375 1.00 34.16 ? 47  ILE A CA  1 
ATOM   314  C C   . ILE A 1 49  ? 5.339   -9.644  -17.809 1.00 33.41 ? 47  ILE A C   1 
ATOM   315  O O   . ILE A 1 49  ? 6.191   -9.588  -16.945 1.00 32.86 ? 47  ILE A O   1 
ATOM   316  C CB  . ILE A 1 49  ? 5.493   -11.154 -19.806 1.00 35.33 ? 47  ILE A CB  1 
ATOM   317  C CG1 . ILE A 1 49  ? 5.366   -12.621 -20.240 1.00 37.70 ? 47  ILE A CG1 1 
ATOM   318  C CG2 . ILE A 1 49  ? 6.958   -10.697 -19.861 1.00 36.24 ? 47  ILE A CG2 1 
ATOM   319  C CD1 . ILE A 1 49  ? 5.704   -12.848 -21.776 1.00 39.70 ? 47  ILE A CD1 1 
ATOM   320  N N   . ASP A 1 50  ? 4.704   -8.568  -18.268 1.00 32.99 ? 48  ASP A N   1 
ATOM   321  C CA  . ASP A 1 50  ? 5.014   -7.234  -17.781 1.00 33.29 ? 48  ASP A CA  1 
ATOM   322  C C   . ASP A 1 50  ? 4.735   -7.080  -16.292 1.00 32.15 ? 48  ASP A C   1 
ATOM   323  O O   . ASP A 1 50  ? 5.488   -6.444  -15.573 1.00 32.64 ? 48  ASP A O   1 
ATOM   324  C CB  . ASP A 1 50  ? 4.194   -6.175  -18.538 1.00 33.81 ? 48  ASP A CB  1 
ATOM   325  C CG  . ASP A 1 50  ? 4.710   -5.930  -19.954 1.00 40.08 ? 48  ASP A CG  1 
ATOM   326  O OD1 . ASP A 1 50  ? 5.931   -6.083  -20.167 1.00 42.98 ? 48  ASP A OD1 1 
ATOM   327  O OD2 . ASP A 1 50  ? 3.890   -5.576  -20.848 1.00 44.09 ? 48  ASP A OD2 1 
ATOM   328  N N   . LEU A 1 51  ? 3.622   -7.633  -15.844 1.00 30.82 ? 49  LEU A N   1 
ATOM   329  C CA  . LEU A 1 51  ? 3.215   -7.489  -14.457 1.00 30.16 ? 49  LEU A CA  1 
ATOM   330  C C   . LEU A 1 51  ? 4.196   -8.236  -13.572 1.00 29.24 ? 49  LEU A C   1 
ATOM   331  O O   . LEU A 1 51  ? 4.524   -7.777  -12.492 1.00 27.95 ? 49  LEU A O   1 
ATOM   332  C CB  . LEU A 1 51  ? 1.815   -8.059  -14.263 1.00 30.11 ? 49  LEU A CB  1 
ATOM   333  C CG  . LEU A 1 51  ? 0.599   -7.255  -14.770 1.00 29.56 ? 49  LEU A CG  1 
ATOM   334  C CD1 . LEU A 1 51  ? -0.613  -8.161  -14.670 1.00 27.71 ? 49  LEU A CD1 1 
ATOM   335  C CD2 . LEU A 1 51  ? 0.435   -6.022  -13.843 1.00 29.05 ? 49  LEU A CD2 1 
ATOM   336  N N   . GLU A 1 52  ? 4.640   -9.390  -14.039 1.00 29.11 ? 50  GLU A N   1 
ATOM   337  C CA  . GLU A 1 52  ? 5.563   -10.226 -13.288 1.00 31.04 ? 50  GLU A CA  1 
ATOM   338  C C   . GLU A 1 52  ? 6.975   -9.589  -13.241 1.00 31.19 ? 50  GLU A C   1 
ATOM   339  O O   . GLU A 1 52  ? 7.591   -9.546  -12.189 1.00 31.35 ? 50  GLU A O   1 
ATOM   340  C CB  . GLU A 1 52  ? 5.610   -11.606 -13.931 1.00 31.39 ? 50  GLU A CB  1 
ATOM   341  C CG  . GLU A 1 52  ? 6.453   -12.609 -13.247 1.00 40.52 ? 50  GLU A CG  1 
ATOM   342  C CD  . GLU A 1 52  ? 6.706   -13.856 -14.080 1.00 47.40 ? 50  GLU A CD  1 
ATOM   343  O OE1 . GLU A 1 52  ? 6.276   -13.930 -15.256 1.00 50.86 ? 50  GLU A OE1 1 
ATOM   344  O OE2 . GLU A 1 52  ? 7.339   -14.773 -13.537 1.00 50.82 ? 50  GLU A OE2 1 
ATOM   345  N N   . LYS A 1 53  ? 7.471   -9.090  -14.375 1.00 31.16 ? 51  LYS A N   1 
ATOM   346  C CA  . LYS A 1 53  ? 8.798   -8.485  -14.452 1.00 31.27 ? 51  LYS A CA  1 
ATOM   347  C C   . LYS A 1 53  ? 8.922   -7.226  -13.615 1.00 30.99 ? 51  LYS A C   1 
ATOM   348  O O   . LYS A 1 53  ? 10.024  -6.863  -13.162 1.00 30.34 ? 51  LYS A O   1 
ATOM   349  C CB  . LYS A 1 53  ? 9.148   -8.179  -15.923 1.00 33.06 ? 51  LYS A CB  1 
ATOM   350  C CG  . LYS A 1 53  ? 9.674   -9.437  -16.653 1.00 35.96 ? 51  LYS A CG  1 
ATOM   351  C CD  . LYS A 1 53  ? 10.030  -9.175  -18.122 1.00 44.83 ? 51  LYS A CD  1 
ATOM   352  C CE  . LYS A 1 53  ? 11.480  -8.794  -18.314 1.00 47.81 ? 51  LYS A CE  1 
ATOM   353  N NZ  . LYS A 1 53  ? 11.905  -8.676  -19.799 1.00 53.77 ? 51  LYS A NZ  1 
ATOM   354  N N   . ASN A 1 54  ? 7.775   -6.578  -13.394 1.00 29.36 ? 52  ASN A N   1 
ATOM   355  C CA  . ASN A 1 54  ? 7.707   -5.294  -12.709 1.00 28.46 ? 52  ASN A CA  1 
ATOM   356  C C   . ASN A 1 54  ? 7.118   -5.401  -11.318 1.00 27.27 ? 52  ASN A C   1 
ATOM   357  O O   . ASN A 1 54  ? 6.831   -4.415  -10.690 1.00 27.93 ? 52  ASN A O   1 
ATOM   358  C CB  . ASN A 1 54  ? 6.950   -4.282  -13.595 1.00 27.87 ? 52  ASN A CB  1 
ATOM   359  C CG  . ASN A 1 54  ? 7.776   -3.899  -14.822 1.00 28.97 ? 52  ASN A CG  1 
ATOM   360  O OD1 . ASN A 1 54  ? 8.730   -3.121  -14.699 1.00 28.73 ? 52  ASN A OD1 1 
ATOM   361  N ND2 . ASN A 1 54  ? 7.468   -4.489  -15.978 1.00 26.35 ? 52  ASN A ND2 1 
ATOM   362  N N   . GLY A 1 55  ? 6.948   -6.617  -10.851 1.00 27.41 ? 53  GLY A N   1 
ATOM   363  C CA  . GLY A 1 55  ? 6.735   -6.872  -9.437  1.00 26.96 ? 53  GLY A CA  1 
ATOM   364  C C   . GLY A 1 55  ? 5.309   -6.811  -8.928  1.00 26.39 ? 53  GLY A C   1 
ATOM   365  O O   . GLY A 1 55  ? 5.099   -6.855  -7.717  1.00 27.39 ? 53  GLY A O   1 
ATOM   366  N N   . TYR A 1 56  ? 4.330   -6.724  -9.820  1.00 26.04 ? 54  TYR A N   1 
ATOM   367  C CA  . TYR A 1 56  ? 2.899   -6.660  -9.402  1.00 26.19 ? 54  TYR A CA  1 
ATOM   368  C C   . TYR A 1 56  ? 2.317   -7.988  -9.058  1.00 27.04 ? 54  TYR A C   1 
ATOM   369  O O   . TYR A 1 56  ? 1.356   -8.039  -8.287  1.00 28.35 ? 54  TYR A O   1 
ATOM   370  C CB  . TYR A 1 56  ? 2.017   -6.054  -10.499 1.00 25.20 ? 54  TYR A CB  1 
ATOM   371  C CG  . TYR A 1 56  ? 2.450   -4.661  -10.756 1.00 25.57 ? 54  TYR A CG  1 
ATOM   372  C CD1 . TYR A 1 56  ? 2.035   -3.616  -9.909  1.00 27.73 ? 54  TYR A CD1 1 
ATOM   373  C CD2 . TYR A 1 56  ? 3.347   -4.367  -11.796 1.00 25.60 ? 54  TYR A CD2 1 
ATOM   374  C CE1 . TYR A 1 56  ? 2.457   -2.309  -10.121 1.00 27.89 ? 54  TYR A CE1 1 
ATOM   375  C CE2 . TYR A 1 56  ? 3.741   -3.059  -12.035 1.00 28.20 ? 54  TYR A CE2 1 
ATOM   376  C CZ  . TYR A 1 56  ? 3.288   -2.045  -11.208 1.00 31.49 ? 54  TYR A CZ  1 
ATOM   377  O OH  . TYR A 1 56  ? 3.734   -0.765  -11.434 1.00 34.81 ? 54  TYR A OH  1 
ATOM   378  N N   . ILE A 1 57  ? 2.847   -9.048  -9.688  1.00 27.18 ? 55  ILE A N   1 
ATOM   379  C CA  . ILE A 1 57  ? 2.394   -10.414 -9.525  1.00 27.59 ? 55  ILE A CA  1 
ATOM   380  C C   . ILE A 1 57  ? 3.620   -11.366 -9.554  1.00 29.33 ? 55  ILE A C   1 
ATOM   381  O O   . ILE A 1 57  ? 4.724   -10.956 -9.947  1.00 28.90 ? 55  ILE A O   1 
ATOM   382  C CB  . ILE A 1 57  ? 1.398   -10.850 -10.653 1.00 28.58 ? 55  ILE A CB  1 
ATOM   383  C CG1 . ILE A 1 57  ? 2.063   -10.853 -12.039 1.00 28.33 ? 55  ILE A CG1 1 
ATOM   384  C CG2 . ILE A 1 57  ? 0.114   -9.956  -10.695 1.00 26.78 ? 55  ILE A CG2 1 
ATOM   385  C CD1 . ILE A 1 57  ? 1.131   -11.483 -13.149 1.00 28.26 ? 55  ILE A CD1 1 
ATOM   386  N N   . THR A 1 58  ? 3.457   -12.594 -9.075  1.00 30.74 ? 56  THR A N   1 
ATOM   387  C CA  . THR A 1 58  ? 4.415   -13.640 -9.376  1.00 33.61 ? 56  THR A CA  1 
ATOM   388  C C   . THR A 1 58  ? 3.667   -14.776 -10.065 1.00 34.55 ? 56  THR A C   1 
ATOM   389  O O   . THR A 1 58  ? 2.450   -14.922 -9.928  1.00 34.13 ? 56  THR A O   1 
ATOM   390  C CB  . THR A 1 58  ? 5.108   -14.177 -8.132  1.00 34.12 ? 56  THR A CB  1 
ATOM   391  O OG1 . THR A 1 58  ? 4.145   -14.841 -7.322  1.00 37.37 ? 56  THR A OG1 1 
ATOM   392  C CG2 . THR A 1 58  ? 5.720   -13.049 -7.315  1.00 34.62 ? 56  THR A CG2 1 
ATOM   393  N N   . ARG A 1 59  ? 4.391   -15.590 -10.801 1.00 36.87 ? 57  ARG A N   1 
ATOM   394  C CA  . ARG A 1 59  ? 3.768   -16.604 -11.651 1.00 40.07 ? 57  ARG A CA  1 
ATOM   395  C C   . ARG A 1 59  ? 4.485   -17.870 -11.276 1.00 41.32 ? 57  ARG A C   1 
ATOM   396  O O   . ARG A 1 59  ? 5.713   -17.899 -11.215 1.00 41.93 ? 57  ARG A O   1 
ATOM   397  C CB  . ARG A 1 59  ? 4.027   -16.223 -13.103 1.00 40.53 ? 57  ARG A CB  1 
ATOM   398  C CG  . ARG A 1 59  ? 3.401   -17.087 -14.197 1.00 44.81 ? 57  ARG A CG  1 
ATOM   399  C CD  . ARG A 1 59  ? 4.327   -16.962 -15.414 1.00 51.80 ? 57  ARG A CD  1 
ATOM   400  N NE  . ARG A 1 59  ? 3.648   -16.777 -16.698 1.00 57.90 ? 57  ARG A NE  1 
ATOM   401  C CZ  . ARG A 1 59  ? 3.994   -15.848 -17.594 1.00 61.01 ? 57  ARG A CZ  1 
ATOM   402  N NH1 . ARG A 1 59  ? 4.997   -15.012 -17.335 1.00 61.32 ? 57  ARG A NH1 1 
ATOM   403  N NH2 . ARG A 1 59  ? 3.345   -15.754 -18.762 1.00 63.92 ? 57  ARG A NH2 1 
ATOM   404  N N   . THR A 1 60  ? 3.733   -18.899 -10.958 1.00 42.55 ? 58  THR A N   1 
ATOM   405  C CA  . THR A 1 60  ? 4.326   -20.132 -10.475 1.00 44.92 ? 58  THR A CA  1 
ATOM   406  C C   . THR A 1 60  ? 3.710   -21.294 -11.255 1.00 45.26 ? 58  THR A C   1 
ATOM   407  O O   . THR A 1 60  ? 2.490   -21.466 -11.277 1.00 44.36 ? 58  THR A O   1 
ATOM   408  C CB  . THR A 1 60  ? 4.101   -20.277 -8.953  1.00 45.45 ? 58  THR A CB  1 
ATOM   409  O OG1 . THR A 1 60  ? 4.943   -19.333 -8.263  1.00 47.86 ? 58  THR A OG1 1 
ATOM   410  C CG2 . THR A 1 60  ? 4.441   -21.648 -8.462  1.00 46.64 ? 58  THR A CG2 1 
ATOM   411  N N   . VAL A 1 61  ? 4.561   -22.070 -11.916 1.00 45.54 ? 59  VAL A N   1 
ATOM   412  C CA  . VAL A 1 61  ? 4.106   -23.236 -12.671 1.00 46.40 ? 59  VAL A CA  1 
ATOM   413  C C   . VAL A 1 61  ? 4.173   -24.504 -11.819 1.00 46.55 ? 59  VAL A C   1 
ATOM   414  O O   . VAL A 1 61  ? 5.242   -24.901 -11.362 1.00 47.20 ? 59  VAL A O   1 
ATOM   415  C CB  . VAL A 1 61  ? 4.915   -23.429 -13.961 1.00 46.64 ? 59  VAL A CB  1 
ATOM   416  C CG1 . VAL A 1 61  ? 4.455   -24.693 -14.699 1.00 47.92 ? 59  VAL A CG1 1 
ATOM   417  C CG2 . VAL A 1 61  ? 4.767   -22.203 -14.862 1.00 47.92 ? 59  VAL A CG2 1 
ATOM   418  N N   . THR A 1 62  ? 3.015   -25.112 -11.582 1.00 46.18 ? 60  THR A N   1 
ATOM   419  C CA  . THR A 1 62  ? 2.916   -26.301 -10.772 1.00 46.12 ? 60  THR A CA  1 
ATOM   420  C C   . THR A 1 62  ? 2.270   -27.434 -11.581 1.00 45.99 ? 60  THR A C   1 
ATOM   421  O O   . THR A 1 62  ? 1.659   -27.184 -12.634 1.00 45.71 ? 60  THR A O   1 
ATOM   422  C CB  . THR A 1 62  ? 2.078   -26.046 -9.465  1.00 46.08 ? 60  THR A CB  1 
ATOM   423  O OG1 . THR A 1 62  ? 0.670   -26.063 -9.744  1.00 46.19 ? 60  THR A OG1 1 
ATOM   424  C CG2 . THR A 1 62  ? 2.422   -24.694 -8.846  1.00 47.34 ? 60  THR A CG2 1 
ATOM   425  N N   . LYS A 1 63  ? 2.405   -28.665 -11.077 1.00 45.66 ? 61  LYS A N   1 
ATOM   426  C CA  . LYS A 1 63  ? 1.620   -29.838 -11.540 1.00 45.97 ? 61  LYS A CA  1 
ATOM   427  C C   . LYS A 1 63  ? 0.115   -29.595 -11.639 1.00 45.34 ? 61  LYS A C   1 
ATOM   428  O O   . LYS A 1 63  ? -0.577  -30.307 -12.346 1.00 45.29 ? 61  LYS A O   1 
ATOM   429  C CB  . LYS A 1 63  ? 1.794   -31.005 -10.558 1.00 46.67 ? 61  LYS A CB  1 
ATOM   430  C CG  . LYS A 1 63  ? 2.697   -32.139 -10.983 1.00 48.26 ? 61  LYS A CG  1 
ATOM   431  C CD  . LYS A 1 63  ? 4.154   -31.799 -10.833 1.00 51.44 ? 61  LYS A CD  1 
ATOM   432  C CE  . LYS A 1 63  ? 4.889   -33.047 -10.306 1.00 54.43 ? 61  LYS A CE  1 
ATOM   433  N NZ  . LYS A 1 63  ? 6.358   -32.940 -10.466 1.00 56.62 ? 61  LYS A NZ  1 
ATOM   434  N N   . ARG A 1 64  ? -0.391  -28.603 -10.915 1.00 44.94 ? 62  ARG A N   1 
ATOM   435  C CA  . ARG A 1 64  ? -1.830  -28.348 -10.881 1.00 44.65 ? 62  ARG A CA  1 
ATOM   436  C C   . ARG A 1 64  ? -2.197  -27.206 -11.810 1.00 44.04 ? 62  ARG A C   1 
ATOM   437  O O   . ARG A 1 64  ? -3.389  -26.904 -12.028 1.00 45.02 ? 62  ARG A O   1 
ATOM   438  C CB  . ARG A 1 64  ? -2.292  -28.035 -9.437  1.00 44.71 ? 62  ARG A CB  1 
ATOM   439  N N   . GLY A 1 65  ? -1.181  -26.546 -12.356 1.00 42.07 ? 63  GLY A N   1 
ATOM   440  C CA  . GLY A 1 65  ? -1.466  -25.427 -13.243 1.00 39.97 ? 63  GLY A CA  1 
ATOM   441  C C   . GLY A 1 65  ? -0.667  -24.211 -12.884 1.00 38.99 ? 63  GLY A C   1 
ATOM   442  O O   . GLY A 1 65  ? 0.176   -24.237 -11.984 1.00 38.53 ? 63  GLY A O   1 
ATOM   443  N N   . GLN A 1 66  ? -0.911  -23.141 -13.614 1.00 38.10 ? 64  GLN A N   1 
ATOM   444  C CA  . GLN A 1 66  ? -0.217  -21.908 -13.390 1.00 36.97 ? 64  GLN A CA  1 
ATOM   445  C C   . GLN A 1 66  ? -0.974  -21.117 -12.348 1.00 36.50 ? 64  GLN A C   1 
ATOM   446  O O   . GLN A 1 66  ? -2.204  -21.008 -12.400 1.00 35.04 ? 64  GLN A O   1 
ATOM   447  C CB  . GLN A 1 66  ? -0.179  -21.101 -14.679 1.00 37.83 ? 64  GLN A CB  1 
ATOM   448  C CG  . GLN A 1 66  ? 0.529   -19.794 -14.522 1.00 37.15 ? 64  GLN A CG  1 
ATOM   449  C CD  . GLN A 1 66  ? 0.661   -19.045 -15.833 1.00 39.08 ? 64  GLN A CD  1 
ATOM   450  O OE1 . GLN A 1 66  ? 1.749   -18.960 -16.394 1.00 42.47 ? 64  GLN A OE1 1 
ATOM   451  N NE2 . GLN A 1 66  ? -0.436  -18.479 -16.311 1.00 37.84 ? 64  GLN A NE2 1 
ATOM   452  N N   . ILE A 1 67  ? -0.218  -20.571 -11.398 1.00 36.23 ? 65  ILE A N   1 
ATOM   453  C CA  . ILE A 1 67  ? -0.758  -19.731 -10.339 1.00 35.83 ? 65  ILE A CA  1 
ATOM   454  C C   . ILE A 1 67  ? -0.194  -18.340 -10.498 1.00 34.96 ? 65  ILE A C   1 
ATOM   455  O O   . ILE A 1 67  ? 1.016   -18.157 -10.633 1.00 34.61 ? 65  ILE A O   1 
ATOM   456  C CB  . ILE A 1 67  ? -0.390  -20.304 -8.967  1.00 36.34 ? 65  ILE A CB  1 
ATOM   457  C CG1 . ILE A 1 67  ? -1.190  -21.587 -8.740  1.00 37.68 ? 65  ILE A CG1 1 
ATOM   458  C CG2 . ILE A 1 67  ? -0.764  -19.331 -7.837  1.00 38.95 ? 65  ILE A CG2 1 
ATOM   459  C CD1 . ILE A 1 67  ? -0.625  -22.448 -7.633  1.00 41.60 ? 65  ILE A CD1 1 
ATOM   460  N N   . LEU A 1 68  ? -1.084  -17.362 -10.518 1.00 34.08 ? 66  LEU A N   1 
ATOM   461  C CA  . LEU A 1 68  ? -0.692  -15.974 -10.493 1.00 33.54 ? 66  LEU A CA  1 
ATOM   462  C C   . LEU A 1 68  ? -0.963  -15.488 -9.066  1.00 34.12 ? 66  LEU A C   1 
ATOM   463  O O   . LEU A 1 68  ? -2.101  -15.612 -8.570  1.00 33.98 ? 66  LEU A O   1 
ATOM   464  C CB  . LEU A 1 68  ? -1.507  -15.169 -11.515 1.00 32.36 ? 66  LEU A CB  1 
ATOM   465  C CG  . LEU A 1 68  ? -1.420  -15.669 -12.951 1.00 31.56 ? 66  LEU A CG  1 
ATOM   466  C CD1 . LEU A 1 68  ? -2.161  -14.724 -13.850 1.00 31.85 ? 66  LEU A CD1 1 
ATOM   467  C CD2 . LEU A 1 68  ? 0.031   -15.850 -13.438 1.00 26.10 ? 66  LEU A CD2 1 
ATOM   468  N N   . ASN A 1 69  ? 0.072   -14.940 -8.426  1.00 33.43 ? 67  ASN A N   1 
ATOM   469  C CA  . ASN A 1 69  ? 0.002   -14.441 -7.055  1.00 34.69 ? 67  ASN A CA  1 
ATOM   470  C C   . ASN A 1 69  ? 0.156   -12.913 -7.111  1.00 33.85 ? 67  ASN A C   1 
ATOM   471  O O   . ASN A 1 69  ? 1.080   -12.424 -7.751  1.00 33.71 ? 67  ASN A O   1 
ATOM   472  C CB  . ASN A 1 69  ? 1.164   -15.015 -6.225  1.00 35.15 ? 67  ASN A CB  1 
ATOM   473  C CG  . ASN A 1 69  ? 1.293   -16.553 -6.357  1.00 43.07 ? 67  ASN A CG  1 
ATOM   474  O OD1 . ASN A 1 69  ? 0.619   -17.292 -5.630  1.00 46.25 ? 67  ASN A OD1 1 
ATOM   475  N ND2 . ASN A 1 69  ? 2.150   -17.036 -7.322  1.00 46.94 ? 67  ASN A ND2 1 
ATOM   476  N N   . ILE A 1 70  ? -0.733  -12.166 -6.469  1.00 32.08 ? 68  ILE A N   1 
ATOM   477  C CA  . ILE A 1 70  ? -0.563  -10.713 -6.392  1.00 31.39 ? 68  ILE A CA  1 
ATOM   478  C C   . ILE A 1 70  ? 0.451   -10.415 -5.281  1.00 29.86 ? 68  ILE A C   1 
ATOM   479  O O   . ILE A 1 70  ? 0.442   -11.075 -4.251  1.00 29.70 ? 68  ILE A O   1 
ATOM   480  C CB  . ILE A 1 70  ? -1.889  -9.988  -6.115  1.00 31.07 ? 68  ILE A CB  1 
ATOM   481  C CG1 . ILE A 1 70  ? -1.723  -8.500  -6.292  1.00 32.46 ? 68  ILE A CG1 1 
ATOM   482  C CG2 . ILE A 1 70  ? -2.326  -10.205 -4.651  1.00 34.34 ? 68  ILE A CG2 1 
ATOM   483  C CD1 . ILE A 1 70  ? -3.044  -7.785  -6.407  1.00 41.05 ? 68  ILE A CD1 1 
ATOM   484  N N   . THR A 1 71  ? 1.349   -9.467  -5.511  1.00 28.00 ? 69  THR A N   1 
ATOM   485  C CA  . THR A 1 71  ? 2.380   -9.121  -4.519  1.00 27.31 ? 69  THR A CA  1 
ATOM   486  C C   . THR A 1 71  ? 1.866   -7.955  -3.659  1.00 27.15 ? 69  THR A C   1 
ATOM   487  O O   . THR A 1 71  ? 0.768   -7.450  -3.893  1.00 27.07 ? 69  THR A O   1 
ATOM   488  C CB  . THR A 1 71  ? 3.647   -8.630  -5.230  1.00 27.30 ? 69  THR A CB  1 
ATOM   489  O OG1 . THR A 1 71  ? 3.322   -7.500  -6.058  1.00 25.52 ? 69  THR A OG1 1 
ATOM   490  C CG2 . THR A 1 71  ? 4.222   -9.749  -6.135  1.00 28.23 ? 69  THR A CG2 1 
ATOM   491  N N   . GLU A 1 72  ? 2.655   -7.541  -2.673  1.00 26.46 ? 70  GLU A N   1 
ATOM   492  C CA  . GLU A 1 72  ? 2.375   -6.355  -1.893  1.00 26.29 ? 70  GLU A CA  1 
ATOM   493  C C   . GLU A 1 72  ? 2.260   -5.154  -2.845  1.00 26.17 ? 70  GLU A C   1 
ATOM   494  O O   . GLU A 1 72  ? 1.410   -4.292  -2.680  1.00 25.54 ? 70  GLU A O   1 
ATOM   495  C CB  . GLU A 1 72  ? 3.523   -6.091  -0.902  1.00 27.22 ? 70  GLU A CB  1 
ATOM   496  C CG  . GLU A 1 72  ? 3.640   -7.080  0.254   1.00 30.02 ? 70  GLU A CG  1 
ATOM   497  C CD  . GLU A 1 72  ? 2.548   -6.869  1.327   1.00 36.08 ? 70  GLU A CD  1 
ATOM   498  O OE1 . GLU A 1 72  ? 1.802   -5.860  1.282   1.00 36.56 ? 70  GLU A OE1 1 
ATOM   499  O OE2 . GLU A 1 72  ? 2.423   -7.734  2.212   1.00 40.66 ? 70  GLU A OE2 1 
ATOM   500  N N   . LYS A 1 73  ? 3.115   -5.096  -3.840  1.00 24.78 ? 71  LYS A N   1 
ATOM   501  C CA  . LYS A 1 73  ? 3.051   -3.992  -4.767  1.00 26.68 ? 71  LYS A CA  1 
ATOM   502  C C   . LYS A 1 73  ? 1.790   -4.048  -5.640  1.00 26.03 ? 71  LYS A C   1 
ATOM   503  O O   . LYS A 1 73  ? 1.204   -3.022  -5.944  1.00 25.92 ? 71  LYS A O   1 
ATOM   504  C CB  . LYS A 1 73  ? 4.307   -3.936  -5.649  1.00 27.37 ? 71  LYS A CB  1 
ATOM   505  C CG  . LYS A 1 73  ? 4.067   -3.031  -6.880  1.00 30.97 ? 71  LYS A CG  1 
ATOM   506  C CD  . LYS A 1 73  ? 5.273   -2.217  -7.217  1.00 37.85 ? 71  LYS A CD  1 
ATOM   507  C CE  . LYS A 1 73  ? 6.068   -2.915  -8.261  1.00 36.74 ? 71  LYS A CE  1 
ATOM   508  N NZ  . LYS A 1 73  ? 6.722   -1.857  -9.094  1.00 38.56 ? 71  LYS A NZ  1 
ATOM   509  N N   . GLY A 1 74  ? 1.379   -5.243  -6.044  1.00 25.09 ? 72  GLY A N   1 
ATOM   510  C CA  . GLY A 1 74  ? 0.177   -5.372  -6.848  1.00 25.81 ? 72  GLY A CA  1 
ATOM   511  C C   . GLY A 1 74  ? -1.036  -4.950  -6.017  1.00 26.30 ? 72  GLY A C   1 
ATOM   512  O O   . GLY A 1 74  ? -1.914  -4.294  -6.517  1.00 26.45 ? 72  GLY A O   1 
ATOM   513  N N   . LEU A 1 75  ? -1.113  -5.373  -4.765  1.00 26.71 ? 73  LEU A N   1 
ATOM   514  C CA  . LEU A 1 75  ? -2.197  -4.931  -3.868  1.00 27.53 ? 73  LEU A CA  1 
ATOM   515  C C   . LEU A 1 75  ? -2.203  -3.406  -3.673  1.00 27.72 ? 73  LEU A C   1 
ATOM   516  O O   . LEU A 1 75  ? -3.251  -2.789  -3.628  1.00 28.62 ? 73  LEU A O   1 
ATOM   517  C CB  . LEU A 1 75  ? -2.041  -5.560  -2.483  1.00 28.25 ? 73  LEU A CB  1 
ATOM   518  C CG  . LEU A 1 75  ? -2.341  -7.034  -2.317  1.00 30.11 ? 73  LEU A CG  1 
ATOM   519  C CD1 . LEU A 1 75  ? -2.043  -7.365  -0.864  1.00 28.38 ? 73  LEU A CD1 1 
ATOM   520  C CD2 . LEU A 1 75  ? -3.845  -7.290  -2.633  1.00 31.19 ? 73  LEU A CD2 1 
ATOM   521  N N   . ASP A 1 76  ? -1.027  -2.810  -3.547  1.00 28.14 ? 74  ASP A N   1 
ATOM   522  C CA  . ASP A 1 76  ? -0.897  -1.361  -3.420  1.00 28.64 ? 74  ASP A CA  1 
ATOM   523  C C   . ASP A 1 76  ? -1.565  -0.631  -4.602  1.00 28.42 ? 74  ASP A C   1 
ATOM   524  O O   . ASP A 1 76  ? -2.137  0.438   -4.428  1.00 28.14 ? 74  ASP A O   1 
ATOM   525  C CB  . ASP A 1 76  ? 0.586   -1.004  -3.357  1.00 28.74 ? 74  ASP A CB  1 
ATOM   526  C CG  . ASP A 1 76  ? 0.847   0.385   -2.830  1.00 28.83 ? 74  ASP A CG  1 
ATOM   527  O OD1 . ASP A 1 76  ? -0.063  0.995   -2.225  1.00 30.19 ? 74  ASP A OD1 1 
ATOM   528  O OD2 . ASP A 1 76  ? 1.999   0.867   -3.024  1.00 28.58 ? 74  ASP A OD2 1 
ATOM   529  N N   . VAL A 1 77  ? -1.506  -1.205  -5.799  1.00 27.43 ? 75  VAL A N   1 
ATOM   530  C CA  . VAL A 1 77  ? -2.207  -0.613  -6.947  1.00 27.71 ? 75  VAL A CA  1 
ATOM   531  C C   . VAL A 1 77  ? -3.748  -0.515  -6.656  1.00 27.68 ? 75  VAL A C   1 
ATOM   532  O O   . VAL A 1 77  ? -4.391  0.469   -6.916  1.00 27.71 ? 75  VAL A O   1 
ATOM   533  C CB  . VAL A 1 77  ? -1.973  -1.470  -8.222  1.00 27.78 ? 75  VAL A CB  1 
ATOM   534  C CG1 . VAL A 1 77  ? -2.891  -0.999  -9.339  1.00 29.84 ? 75  VAL A CG1 1 
ATOM   535  C CG2 . VAL A 1 77  ? -0.519  -1.347  -8.695  1.00 26.03 ? 75  VAL A CG2 1 
ATOM   536  N N   . LEU A 1 78  ? -4.311  -1.572  -6.108  1.00 27.35 ? 76  LEU A N   1 
ATOM   537  C CA  . LEU A 1 78  ? -5.733  -1.607  -5.776  1.00 27.45 ? 76  LEU A CA  1 
ATOM   538  C C   . LEU A 1 78  ? -6.047  -0.714  -4.595  1.00 27.18 ? 76  LEU A C   1 
ATOM   539  O O   . LEU A 1 78  ? -7.030  -0.017  -4.653  1.00 27.38 ? 76  LEU A O   1 
ATOM   540  C CB  . LEU A 1 78  ? -6.183  -3.049  -5.444  1.00 25.72 ? 76  LEU A CB  1 
ATOM   541  C CG  . LEU A 1 78  ? -5.934  -3.999  -6.616  1.00 26.84 ? 76  LEU A CG  1 
ATOM   542  C CD1 . LEU A 1 78  ? -6.366  -5.379  -6.276  1.00 24.16 ? 76  LEU A CD1 1 
ATOM   543  C CD2 . LEU A 1 78  ? -6.637  -3.489  -7.903  1.00 26.19 ? 76  LEU A CD2 1 
ATOM   544  N N   . TYR A 1 79  ? -5.259  -0.764  -3.512  1.00 26.13 ? 77  TYR A N   1 
ATOM   545  C CA  . TYR A 1 79  ? -5.503  0.126   -2.372  1.00 26.86 ? 77  TYR A CA  1 
ATOM   546  C C   . TYR A 1 79  ? -5.347  1.630   -2.753  1.00 27.46 ? 77  TYR A C   1 
ATOM   547  O O   . TYR A 1 79  ? -6.065  2.499   -2.215  1.00 28.69 ? 77  TYR A O   1 
ATOM   548  C CB  . TYR A 1 79  ? -4.597  -0.230  -1.167  1.00 26.06 ? 77  TYR A CB  1 
ATOM   549  C CG  . TYR A 1 79  ? -5.064  -1.470  -0.413  1.00 28.02 ? 77  TYR A CG  1 
ATOM   550  C CD1 . TYR A 1 79  ? -6.104  -1.391  0.527   1.00 27.14 ? 77  TYR A CD1 1 
ATOM   551  C CD2 . TYR A 1 79  ? -4.489  -2.724  -0.650  1.00 26.74 ? 77  TYR A CD2 1 
ATOM   552  C CE1 . TYR A 1 79  ? -6.541  -2.514  1.225   1.00 29.81 ? 77  TYR A CE1 1 
ATOM   553  C CE2 . TYR A 1 79  ? -4.922  -3.849  0.039   1.00 26.69 ? 77  TYR A CE2 1 
ATOM   554  C CZ  . TYR A 1 79  ? -5.940  -3.743  0.965   1.00 28.34 ? 77  TYR A CZ  1 
ATOM   555  O OH  . TYR A 1 79  ? -6.362  -4.833  1.617   1.00 25.54 ? 77  TYR A OH  1 
ATOM   556  N N   . THR A 1 80  ? -4.418  1.941   -3.659  1.00 26.94 ? 78  THR A N   1 
ATOM   557  C CA  . THR A 1 80  ? -4.212  3.318   -4.121  1.00 26.88 ? 78  THR A CA  1 
ATOM   558  C C   . THR A 1 80  ? -5.431  3.816   -4.905  1.00 27.88 ? 78  THR A C   1 
ATOM   559  O O   . THR A 1 80  ? -5.866  4.943   -4.723  1.00 28.15 ? 78  THR A O   1 
ATOM   560  C CB  . THR A 1 80  ? -2.927  3.454   -4.905  1.00 27.56 ? 78  THR A CB  1 
ATOM   561  O OG1 . THR A 1 80  ? -1.826  3.163   -4.028  1.00 26.62 ? 78  THR A OG1 1 
ATOM   562  C CG2 . THR A 1 80  ? -2.730  4.920   -5.496  1.00 27.60 ? 78  THR A CG2 1 
ATOM   563  N N   . GLU A 1 81  ? -6.021  2.947   -5.714  1.00 27.41 ? 79  GLU A N   1 
ATOM   564  C CA  . GLU A 1 81  ? -7.240  3.272   -6.434  1.00 28.34 ? 79  GLU A CA  1 
ATOM   565  C C   . GLU A 1 81  ? -8.413  3.454   -5.514  1.00 27.41 ? 79  GLU A C   1 
ATOM   566  O O   . GLU A 1 81  ? -9.201  4.389   -5.688  1.00 27.81 ? 79  GLU A O   1 
ATOM   567  C CB  . GLU A 1 81  ? -7.585  2.186   -7.452  1.00 28.90 ? 79  GLU A CB  1 
ATOM   568  C CG  . GLU A 1 81  ? -8.576  2.673   -8.510  1.00 31.76 ? 79  GLU A CG  1 
ATOM   569  C CD  . GLU A 1 81  ? -7.999  3.738   -9.440  1.00 35.17 ? 79  GLU A CD  1 
ATOM   570  O OE1 . GLU A 1 81  ? -6.795  3.713   -9.789  1.00 38.03 ? 79  GLU A OE1 1 
ATOM   571  O OE2 . GLU A 1 81  ? -8.771  4.608   -9.853  1.00 34.28 ? 79  GLU A OE2 1 
ATOM   572  N N   . PHE A 1 82  ? -8.518  2.576   -4.522  1.00 26.75 ? 80  PHE A N   1 
ATOM   573  C CA  . PHE A 1 82  ? -9.536  2.725   -3.501  1.00 25.64 ? 80  PHE A CA  1 
ATOM   574  C C   . PHE A 1 82  ? -9.421  4.078   -2.740  1.00 25.75 ? 80  PHE A C   1 
ATOM   575  O O   . PHE A 1 82  ? -10.427 4.784   -2.499  1.00 25.10 ? 80  PHE A O   1 
ATOM   576  C CB  . PHE A 1 82  ? -9.485  1.538   -2.529  1.00 24.69 ? 80  PHE A CB  1 
ATOM   577  C CG  . PHE A 1 82  ? -10.468 1.672   -1.393  1.00 24.44 ? 80  PHE A CG  1 
ATOM   578  C CD1 . PHE A 1 82  ? -11.756 1.195   -1.523  1.00 23.76 ? 80  PHE A CD1 1 
ATOM   579  C CD2 . PHE A 1 82  ? -10.092 2.279   -0.205  1.00 23.36 ? 80  PHE A CD2 1 
ATOM   580  C CE1 . PHE A 1 82  ? -12.661 1.331   -0.486  1.00 26.71 ? 80  PHE A CE1 1 
ATOM   581  C CE2 . PHE A 1 82  ? -11.015 2.414   0.847   1.00 24.85 ? 80  PHE A CE2 1 
ATOM   582  C CZ  . PHE A 1 82  ? -12.291 1.932   0.695   1.00 23.56 ? 80  PHE A CZ  1 
ATOM   583  N N   . ALA A 1 83  ? -8.205  4.386   -2.304  1.00 25.00 ? 81  ALA A N   1 
ATOM   584  C CA  . ALA A 1 83  ? -7.914  5.641   -1.623  1.00 26.41 ? 81  ALA A CA  1 
ATOM   585  C C   . ALA A 1 83  ? -8.158  6.837   -2.576  1.00 26.92 ? 81  ALA A C   1 
ATOM   586  O O   . ALA A 1 83  ? -8.728  7.802   -2.144  1.00 26.67 ? 81  ALA A O   1 
ATOM   587  C CB  . ALA A 1 83  ? -6.507  5.655   -1.119  1.00 25.56 ? 81  ALA A CB  1 
ATOM   588  N N   . ASP A 1 84  ? -7.752  6.765   -3.849  1.00 27.66 ? 82  ASP A N   1 
ATOM   589  C CA  . ASP A 1 84  ? -8.120  7.851   -4.819  1.00 29.30 ? 82  ASP A CA  1 
ATOM   590  C C   . ASP A 1 84  ? -9.638  8.107   -4.859  1.00 28.72 ? 82  ASP A C   1 
ATOM   591  O O   . ASP A 1 84  ? -10.072 9.242   -4.864  1.00 29.47 ? 82  ASP A O   1 
ATOM   592  C CB  . ASP A 1 84  ? -7.731  7.529   -6.262  1.00 29.10 ? 82  ASP A CB  1 
ATOM   593  C CG  . ASP A 1 84  ? -6.240  7.612   -6.516  1.00 34.14 ? 82  ASP A CG  1 
ATOM   594  O OD1 . ASP A 1 84  ? -5.501  8.124   -5.644  1.00 38.32 ? 82  ASP A OD1 1 
ATOM   595  O OD2 . ASP A 1 84  ? -5.813  7.162   -7.609  1.00 36.28 ? 82  ASP A OD2 1 
ATOM   596  N N   . LEU A 1 85  ? -10.427 7.045   -4.932  1.00 28.24 ? 83  LEU A N   1 
ATOM   597  C CA  . LEU A 1 85  ? -11.847 7.193   -5.026  1.00 29.09 ? 83  LEU A CA  1 
ATOM   598  C C   . LEU A 1 85  ? -12.454 7.684   -3.735  1.00 29.18 ? 83  LEU A C   1 
ATOM   599  O O   . LEU A 1 85  ? -13.405 8.443   -3.791  1.00 29.16 ? 83  LEU A O   1 
ATOM   600  C CB  . LEU A 1 85  ? -12.526 5.888   -5.477  1.00 28.78 ? 83  LEU A CB  1 
ATOM   601  C CG  . LEU A 1 85  ? -12.306 5.436   -6.921  1.00 28.36 ? 83  LEU A CG  1 
ATOM   602  C CD1 . LEU A 1 85  ? -12.618 3.952   -7.004  1.00 26.06 ? 83  LEU A CD1 1 
ATOM   603  C CD2 . LEU A 1 85  ? -13.132 6.235   -7.955  1.00 25.82 ? 83  LEU A CD2 1 
ATOM   604  N N   . SER A 1 86  ? -11.907 7.253   -2.584  1.00 29.09 ? 84  SER A N   1 
ATOM   605  C CA  . SER A 1 86  ? -12.322 7.782   -1.286  1.00 29.56 ? 84  SER A CA  1 
ATOM   606  C C   . SER A 1 86  ? -12.114 9.280   -1.180  1.00 28.86 ? 84  SER A C   1 
ATOM   607  O O   . SER A 1 86  ? -12.924 9.964   -0.602  1.00 27.86 ? 84  SER A O   1 
ATOM   608  C CB  . SER A 1 86  ? -11.556 7.144   -0.123  1.00 28.01 ? 84  SER A CB  1 
ATOM   609  O OG  . SER A 1 86  ? -11.728 5.760   -0.190  1.00 33.24 ? 84  SER A OG  1 
ATOM   610  N N   . ARG A 1 87  ? -10.972 9.744   -1.641  1.00 29.06 ? 85  ARG A N   1 
ATOM   611  C CA  . ARG A 1 87  ? -10.648 11.167  -1.622  1.00 31.13 ? 85  ARG A CA  1 
ATOM   612  C C   . ARG A 1 87  ? -11.600 11.929  -2.559  1.00 31.08 ? 85  ARG A C   1 
ATOM   613  O O   . ARG A 1 87  ? -12.255 12.858  -2.147  1.00 31.40 ? 85  ARG A O   1 
ATOM   614  C CB  . ARG A 1 87  ? -9.198  11.355  -2.090  1.00 31.03 ? 85  ARG A CB  1 
ATOM   615  C CG  . ARG A 1 87  ? -8.820  12.812  -2.468  1.00 33.62 ? 85  ARG A CG  1 
ATOM   616  C CD  . ARG A 1 87  ? -7.297  12.923  -2.702  1.00 35.87 ? 85  ARG A CD  1 
ATOM   617  N NE  . ARG A 1 87  ? -6.832  11.881  -3.605  1.00 38.67 ? 85  ARG A NE  1 
ATOM   618  C CZ  . ARG A 1 87  ? -6.851  11.961  -4.939  1.00 43.36 ? 85  ARG A CZ  1 
ATOM   619  N NH1 . ARG A 1 87  ? -7.292  13.067  -5.563  1.00 42.45 ? 85  ARG A NH1 1 
ATOM   620  N NH2 . ARG A 1 87  ? -6.419  10.930  -5.656  1.00 43.54 ? 85  ARG A NH2 1 
ATOM   621  N N   . ILE A 1 88  ? -11.712 11.456  -3.795  1.00 31.08 ? 86  ILE A N   1 
ATOM   622  C CA  . ILE A 1 88  ? -12.473 12.119  -4.864  1.00 32.31 ? 86  ILE A CA  1 
ATOM   623  C C   . ILE A 1 88  ? -13.972 12.154  -4.604  1.00 31.82 ? 86  ILE A C   1 
ATOM   624  O O   . ILE A 1 88  ? -14.640 13.133  -4.918  1.00 33.11 ? 86  ILE A O   1 
ATOM   625  C CB  . ILE A 1 88  ? -12.126 11.437  -6.202  1.00 32.71 ? 86  ILE A CB  1 
ATOM   626  C CG1 . ILE A 1 88  ? -10.785 11.959  -6.708  1.00 33.22 ? 86  ILE A CG1 1 
ATOM   627  C CG2 . ILE A 1 88  ? -13.198 11.583  -7.218  1.00 34.56 ? 86  ILE A CG2 1 
ATOM   628  C CD1 . ILE A 1 88  ? -10.193 11.081  -7.848  1.00 35.92 ? 86  ILE A CD1 1 
ATOM   629  N N   . LEU A 1 89  ? -14.493 11.102  -3.990  1.00 32.15 ? 87  LEU A N   1 
ATOM   630  C CA  . LEU A 1 89  ? -15.903 11.000  -3.652  1.00 32.40 ? 87  LEU A CA  1 
ATOM   631  C C   . LEU A 1 89  ? -16.171 11.424  -2.206  1.00 33.81 ? 87  LEU A C   1 
ATOM   632  O O   . LEU A 1 89  ? -17.297 11.294  -1.737  1.00 34.51 ? 87  LEU A O   1 
ATOM   633  C CB  . LEU A 1 89  ? -16.383 9.553   -3.893  1.00 31.55 ? 87  LEU A CB  1 
ATOM   634  C CG  . LEU A 1 89  ? -16.289 9.040   -5.349  1.00 30.90 ? 87  LEU A CG  1 
ATOM   635  C CD1 . LEU A 1 89  ? -16.686 7.548   -5.484  1.00 27.25 ? 87  LEU A CD1 1 
ATOM   636  C CD2 . LEU A 1 89  ? -17.095 9.939   -6.372  1.00 29.44 ? 87  LEU A CD2 1 
ATOM   637  N N   . ALA A 1 90  ? -15.128 11.876  -1.488  1.00 35.25 ? 88  ALA A N   1 
ATOM   638  C CA  . ALA A 1 90  ? -15.235 12.278  -0.079  1.00 36.54 ? 88  ALA A CA  1 
ATOM   639  C C   . ALA A 1 90  ? -15.852 11.187  0.767   1.00 37.80 ? 88  ALA A C   1 
ATOM   640  O O   . ALA A 1 90  ? -16.845 11.406  1.488   1.00 37.92 ? 88  ALA A O   1 
ATOM   641  C CB  . ALA A 1 90  ? -16.023 13.636  0.074   1.00 37.12 ? 88  ALA A CB  1 
ATOM   642  N N   . ILE A 1 91  ? -15.279 9.991   0.679   1.00 38.23 ? 89  ILE A N   1 
ATOM   643  C CA  . ILE A 1 91  ? -15.734 8.903   1.526   1.00 39.96 ? 89  ILE A CA  1 
ATOM   644  C C   . ILE A 1 91  ? -14.725 8.704   2.646   1.00 41.33 ? 89  ILE A C   1 
ATOM   645  O O   . ILE A 1 91  ? -13.542 8.542   2.390   1.00 41.97 ? 89  ILE A O   1 
ATOM   646  C CB  . ILE A 1 91  ? -15.944 7.608   0.733   1.00 39.21 ? 89  ILE A CB  1 
ATOM   647  C CG1 . ILE A 1 91  ? -16.953 7.881   -0.399  1.00 38.77 ? 89  ILE A CG1 1 
ATOM   648  C CG2 . ILE A 1 91  ? -16.454 6.496   1.668   1.00 40.04 ? 89  ILE A CG2 1 
ATOM   649  C CD1 . ILE A 1 91  ? -17.172 6.800   -1.372  1.00 33.59 ? 89  ILE A CD1 1 
ATOM   650  N N   . LYS A 1 92  ? -15.187 8.733   3.884   1.00 43.63 ? 90  LYS A N   1 
ATOM   651  C CA  . LYS A 1 92  ? -14.276 8.670   5.028   1.00 46.26 ? 90  LYS A CA  1 
ATOM   652  C C   . LYS A 1 92  ? -13.880 7.227   5.309   1.00 46.42 ? 90  LYS A C   1 
ATOM   653  O O   . LYS A 1 92  ? -14.728 6.332   5.386   1.00 45.14 ? 90  LYS A O   1 
ATOM   654  C CB  . LYS A 1 92  ? -14.898 9.314   6.263   1.00 47.30 ? 90  LYS A CB  1 
ATOM   655  C CG  . LYS A 1 92  ? -15.655 10.628  5.970   1.00 51.41 ? 90  LYS A CG  1 
ATOM   656  C CD  . LYS A 1 92  ? -17.211 10.451  5.958   1.00 56.70 ? 90  LYS A CD  1 
ATOM   657  C CE  . LYS A 1 92  ? -17.810 9.948   4.617   1.00 57.39 ? 90  LYS A CE  1 
ATOM   658  N NZ  . LYS A 1 92  ? -17.969 8.455   4.550   1.00 55.35 ? 90  LYS A NZ  1 
ATOM   659  N N   . ASN A 1 93  ? -12.572 7.028   5.421   1.00 47.52 ? 91  ASN A N   1 
ATOM   660  C CA  . ASN A 1 93  ? -11.967 5.708   5.569   1.00 49.39 ? 91  ASN A CA  1 
ATOM   661  C C   . ASN A 1 93  ? -10.820 5.784   6.562   1.00 50.28 ? 91  ASN A C   1 
ATOM   662  O O   . ASN A 1 93  ? -9.673  5.445   6.210   1.00 50.78 ? 91  ASN A O   1 
ATOM   663  C CB  . ASN A 1 93  ? -11.417 5.219   4.223   1.00 49.15 ? 91  ASN A CB  1 
ATOM   664  C CG  . ASN A 1 93  ? -12.475 4.588   3.353   1.00 51.15 ? 91  ASN A CG  1 
ATOM   665  O OD1 . ASN A 1 93  ? -13.013 3.514   3.671   1.00 55.41 ? 91  ASN A OD1 1 
ATOM   666  N ND2 . ASN A 1 93  ? -12.786 5.240   2.240   1.00 48.35 ? 91  ASN A ND2 1 
ATOM   667  N N   . ASN A 1 94  ? -11.105 6.267   7.778   1.00 50.45 ? 92  ASN A N   1 
ATOM   668  C CA  . ASN A 1 94  ? -10.087 6.272   8.842   1.00 49.98 ? 92  ASN A CA  1 
ATOM   669  C C   . ASN A 1 94  ? -9.899  4.877   9.469   1.00 49.25 ? 92  ASN A C   1 
ATOM   670  O O   . ASN A 1 94  ? -10.805 4.027   9.451   1.00 50.15 ? 92  ASN A O   1 
ATOM   671  C CB  . ASN A 1 94  ? -10.380 7.349   9.892   1.00 50.24 ? 92  ASN A CB  1 
ATOM   672  C CG  . ASN A 1 94  ? -10.599 8.736   9.261   1.00 51.47 ? 92  ASN A CG  1 
ATOM   673  O OD1 . ASN A 1 94  ? -9.725  9.279   8.558   1.00 48.88 ? 92  ASN A OD1 1 
ATOM   674  N ND2 . ASN A 1 94  ? -11.776 9.306   9.506   1.00 50.99 ? 92  ASN A ND2 1 
ATOM   675  N N   . VAL A 1 95  ? -8.720  4.659   10.034  1.00 47.52 ? 93  VAL A N   1 
ATOM   676  C CA  . VAL A 1 95  ? -8.203  3.321   10.252  1.00 46.06 ? 93  VAL A CA  1 
ATOM   677  C C   . VAL A 1 95  ? -7.657  3.127   11.676  1.00 44.53 ? 93  VAL A C   1 
ATOM   678  O O   . VAL A 1 95  ? -7.090  4.054   12.249  1.00 42.42 ? 93  VAL A O   1 
ATOM   679  C CB  . VAL A 1 95  ? -7.042  3.059   9.208   1.00 46.21 ? 93  VAL A CB  1 
ATOM   680  C CG1 . VAL A 1 95  ? -6.124  2.001   9.699   1.00 46.85 ? 93  VAL A CG1 1 
ATOM   681  C CG2 . VAL A 1 95  ? -7.611  2.698   7.814   1.00 46.63 ? 93  VAL A CG2 1 
ATOM   682  N N   . VAL A 1 96  ? -7.836  1.925   12.225  1.00 44.11 ? 94  VAL A N   1 
ATOM   683  C CA  . VAL A 1 96  ? -7.154  1.514   13.450  1.00 44.30 ? 94  VAL A CA  1 
ATOM   684  C C   . VAL A 1 96  ? -6.211  0.321   13.166  1.00 44.42 ? 94  VAL A C   1 
ATOM   685  O O   . VAL A 1 96  ? -6.596  -0.661  12.542  1.00 44.53 ? 94  VAL A O   1 
ATOM   686  C CB  . VAL A 1 96  ? -8.153  1.165   14.599  1.00 44.56 ? 94  VAL A CB  1 
ATOM   687  C CG1 . VAL A 1 96  ? -7.409  0.856   15.902  1.00 44.29 ? 94  VAL A CG1 1 
ATOM   688  C CG2 . VAL A 1 96  ? -9.149  2.293   14.829  1.00 44.29 ? 94  VAL A CG2 1 
ATOM   689  N N   . ILE A 1 97  ? -4.962  0.432   13.583  1.00 44.94 ? 95  ILE A N   1 
ATOM   690  C CA  . ILE A 1 97  ? -3.998  -0.656  13.431  1.00 45.39 ? 95  ILE A CA  1 
ATOM   691  C C   . ILE A 1 97  ? -3.397  -0.932  14.800  1.00 45.70 ? 95  ILE A C   1 
ATOM   692  O O   . ILE A 1 97  ? -3.178  -0.006  15.589  1.00 45.84 ? 95  ILE A O   1 
ATOM   693  C CB  . ILE A 1 97  ? -2.861  -0.340  12.421  1.00 45.06 ? 95  ILE A CB  1 
ATOM   694  C CG1 . ILE A 1 97  ? -2.291  1.033   12.658  1.00 45.32 ? 95  ILE A CG1 1 
ATOM   695  C CG2 . ILE A 1 97  ? -3.345  -0.421  10.976  1.00 44.99 ? 95  ILE A CG2 1 
ATOM   696  C CD1 . ILE A 1 97  ? -0.992  1.248   11.914  1.00 49.40 ? 95  ILE A CD1 1 
ATOM   697  N N   . THR A 1 98  ? -3.153  -2.207  15.088  1.00 45.64 ? 96  THR A N   1 
ATOM   698  C CA  . THR A 1 98  ? -2.546  -2.594  16.364  1.00 45.53 ? 96  THR A CA  1 
ATOM   699  C C   . THR A 1 98  ? -1.261  -3.362  16.079  1.00 45.05 ? 96  THR A C   1 
ATOM   700  O O   . THR A 1 98  ? -1.144  -4.041  15.063  1.00 43.53 ? 96  THR A O   1 
ATOM   701  C CB  . THR A 1 98  ? -3.483  -3.494  17.212  1.00 45.61 ? 96  THR A CB  1 
ATOM   702  O OG1 . THR A 1 98  ? -3.680  -4.736  16.531  1.00 46.09 ? 96  THR A OG1 1 
ATOM   703  C CG2 . THR A 1 98  ? -4.839  -2.830  17.403  1.00 46.24 ? 96  THR A CG2 1 
ATOM   704  N N   . GLY A 1 99  ? -0.302  -3.245  16.987  1.00 45.11 ? 97  GLY A N   1 
ATOM   705  C CA  . GLY A 1 99  ? 0.927   -4.000  16.882  1.00 45.97 ? 97  GLY A CA  1 
ATOM   706  C C   . GLY A 1 99  ? 1.707   -3.881  18.165  1.00 46.90 ? 97  GLY A C   1 
ATOM   707  O O   . GLY A 1 99  ? 1.130   -3.603  19.214  1.00 47.05 ? 97  GLY A O   1 
ATOM   708  N N   . THR A 1 100 ? 3.018   -4.052  18.072  1.00 47.04 ? 98  THR A N   1 
ATOM   709  C CA  . THR A 1 100 ? 3.880   -4.076  19.235  1.00 48.41 ? 98  THR A CA  1 
ATOM   710  C C   . THR A 1 100 ? 4.978   -3.041  19.070  1.00 48.52 ? 98  THR A C   1 
ATOM   711  O O   . THR A 1 100 ? 5.606   -2.937  18.003  1.00 48.40 ? 98  THR A O   1 
ATOM   712  C CB  . THR A 1 100 ? 4.579   -5.462  19.373  1.00 48.96 ? 98  THR A CB  1 
ATOM   713  O OG1 . THR A 1 100 ? 3.660   -6.528  19.078  1.00 51.13 ? 98  THR A OG1 1 
ATOM   714  C CG2 . THR A 1 100 ? 5.167   -5.650  20.786  1.00 50.60 ? 98  THR A CG2 1 
ATOM   715  N N   . VAL A 1 101 ? 5.253   -2.291  20.124  1.00 49.45 ? 99  VAL A N   1 
ATOM   716  C CA  . VAL A 1 101 ? 6.399   -1.388  20.102  1.00 50.44 ? 99  VAL A CA  1 
ATOM   717  C C   . VAL A 1 101 ? 7.674   -2.219  19.988  1.00 52.35 ? 99  VAL A C   1 
ATOM   718  O O   . VAL A 1 101 ? 7.781   -3.311  20.571  1.00 52.10 ? 99  VAL A O   1 
ATOM   719  C CB  . VAL A 1 101 ? 6.446   -0.484  21.347  1.00 50.59 ? 99  VAL A CB  1 
ATOM   720  C CG1 . VAL A 1 101 ? 7.628   0.446   21.267  1.00 49.39 ? 99  VAL A CG1 1 
ATOM   721  C CG2 . VAL A 1 101 ? 5.132   0.291   21.502  1.00 48.84 ? 99  VAL A CG2 1 
ATOM   722  N N   . THR A 1 102 ? 8.633   -1.707  19.223  1.00 54.55 ? 100 THR A N   1 
ATOM   723  C CA  . THR A 1 102 ? 9.820   -2.468  18.845  1.00 57.43 ? 100 THR A CA  1 
ATOM   724  C C   . THR A 1 102 ? 11.048  -1.555  18.985  1.00 59.01 ? 100 THR A C   1 
ATOM   725  O O   . THR A 1 102 ? 10.905  -0.336  18.975  1.00 60.16 ? 100 THR A O   1 
ATOM   726  C CB  . THR A 1 102 ? 9.659   -3.039  17.392  1.00 57.33 ? 100 THR A CB  1 
ATOM   727  O OG1 . THR A 1 102 ? 10.577  -4.112  17.168  1.00 58.64 ? 100 THR A OG1 1 
ATOM   728  C CG2 . THR A 1 102 ? 9.840   -1.956  16.329  1.00 56.99 ? 100 THR A CG2 1 
ATOM   729  N N   . SER A 1 103 ? 12.240  -2.125  19.153  1.00 60.51 ? 101 SER A N   1 
ATOM   730  C CA  . SER A 1 103 ? 13.464  -1.312  19.328  1.00 61.87 ? 101 SER A CA  1 
ATOM   731  C C   . SER A 1 103 ? 13.625  -0.201  18.284  1.00 61.90 ? 101 SER A C   1 
ATOM   732  O O   . SER A 1 103 ? 14.141  -0.432  17.193  1.00 62.18 ? 101 SER A O   1 
ATOM   733  C CB  . SER A 1 103 ? 14.719  -2.197  19.318  1.00 62.32 ? 101 SER A CB  1 
ATOM   734  O OG  . SER A 1 103 ? 14.778  -3.040  20.464  1.00 64.44 ? 101 SER A OG  1 
ATOM   735  N N   . GLN A 1 116 ? 15.850  19.872  7.031   1.00 66.50 ? 114 GLN A N   1 
ATOM   736  C CA  . GLN A 1 116 ? 15.110  19.988  5.764   1.00 66.29 ? 114 GLN A CA  1 
ATOM   737  C C   . GLN A 1 116 ? 13.759  19.260  5.806   1.00 65.89 ? 114 GLN A C   1 
ATOM   738  O O   . GLN A 1 116 ? 12.744  19.779  5.340   1.00 65.82 ? 114 GLN A O   1 
ATOM   739  C CB  . GLN A 1 116 ? 15.951  19.481  4.599   1.00 66.63 ? 114 GLN A CB  1 
ATOM   740  N N   . TYR A 1 117 ? 13.759  18.054  6.364   1.00 65.14 ? 115 TYR A N   1 
ATOM   741  C CA  . TYR A 1 117 ? 12.518  17.365  6.713   1.00 64.28 ? 115 TYR A CA  1 
ATOM   742  C C   . TYR A 1 117 ? 11.935  18.001  7.978   1.00 63.66 ? 115 TYR A C   1 
ATOM   743  O O   . TYR A 1 117 ? 10.728  18.246  8.069   1.00 63.46 ? 115 TYR A O   1 
ATOM   744  C CB  . TYR A 1 117 ? 12.755  15.859  6.957   1.00 64.03 ? 115 TYR A CB  1 
ATOM   745  C CG  . TYR A 1 117 ? 12.944  15.011  5.713   1.00 62.79 ? 115 TYR A CG  1 
ATOM   746  C CD1 . TYR A 1 117 ? 11.969  14.948  4.729   1.00 61.90 ? 115 TYR A CD1 1 
ATOM   747  C CD2 . TYR A 1 117 ? 14.082  14.242  5.543   1.00 62.10 ? 115 TYR A CD2 1 
ATOM   748  C CE1 . TYR A 1 117 ? 12.143  14.155  3.585   1.00 61.22 ? 115 TYR A CE1 1 
ATOM   749  C CE2 . TYR A 1 117 ? 14.259  13.446  4.402   1.00 60.25 ? 115 TYR A CE2 1 
ATOM   750  C CZ  . TYR A 1 117 ? 13.291  13.410  3.433   1.00 59.57 ? 115 TYR A CZ  1 
ATOM   751  O OH  . TYR A 1 117 ? 13.459  12.617  2.315   1.00 57.77 ? 115 TYR A OH  1 
ATOM   752  N N   . ILE A 1 118 ? 12.821  18.268  8.936   1.00 62.92 ? 116 ILE A N   1 
ATOM   753  C CA  . ILE A 1 118 ? 12.449  18.775  10.250  1.00 62.57 ? 116 ILE A CA  1 
ATOM   754  C C   . ILE A 1 118 ? 11.701  20.102  10.179  1.00 62.33 ? 116 ILE A C   1 
ATOM   755  O O   . ILE A 1 118 ? 10.748  20.336  10.932  1.00 61.89 ? 116 ILE A O   1 
ATOM   756  C CB  . ILE A 1 118 ? 13.695  18.949  11.154  1.00 62.83 ? 116 ILE A CB  1 
ATOM   757  N N   . ILE A 1 119 ? 12.145  20.966  9.269   1.00 61.90 ? 117 ILE A N   1 
ATOM   758  C CA  . ILE A 1 119 ? 11.576  22.294  9.105   1.00 61.85 ? 117 ILE A CA  1 
ATOM   759  C C   . ILE A 1 119 ? 10.161  22.215  8.527   1.00 60.76 ? 117 ILE A C   1 
ATOM   760  O O   . ILE A 1 119 ? 9.300   23.039  8.829   1.00 60.82 ? 117 ILE A O   1 
ATOM   761  C CB  . ILE A 1 119 ? 12.471  23.179  8.211   1.00 62.00 ? 117 ILE A CB  1 
ATOM   762  C CG1 . ILE A 1 119 ? 13.939  22.867  8.469   1.00 63.29 ? 117 ILE A CG1 1 
ATOM   763  C CG2 . ILE A 1 119 ? 12.208  24.660  8.480   1.00 62.88 ? 117 ILE A CG2 1 
ATOM   764  C CD1 . ILE A 1 119 ? 14.844  23.240  7.300   1.00 65.51 ? 117 ILE A CD1 1 
ATOM   765  N N   . GLN A 1 120 ? 9.937   21.217  7.686   1.00 59.88 ? 118 GLN A N   1 
ATOM   766  C CA  . GLN A 1 120 ? 8.622   20.951  7.156   1.00 59.21 ? 118 GLN A CA  1 
ATOM   767  C C   . GLN A 1 120 ? 7.679   20.329  8.184   1.00 58.20 ? 118 GLN A C   1 
ATOM   768  O O   . GLN A 1 120 ? 6.496   20.666  8.215   1.00 57.62 ? 118 GLN A O   1 
ATOM   769  C CB  . GLN A 1 120 ? 8.733   20.057  5.945   1.00 59.67 ? 118 GLN A CB  1 
ATOM   770  C CG  . GLN A 1 120 ? 8.931   20.825  4.676   1.00 62.36 ? 118 GLN A CG  1 
ATOM   771  C CD  . GLN A 1 120 ? 9.069   19.900  3.489   1.00 64.88 ? 118 GLN A CD  1 
ATOM   772  O OE1 . GLN A 1 120 ? 10.079  19.208  3.340   1.00 66.46 ? 118 GLN A OE1 1 
ATOM   773  N NE2 . GLN A 1 120 ? 8.045   19.866  2.643   1.00 66.89 ? 118 GLN A NE2 1 
ATOM   774  N N   . PHE A 1 121 ? 8.192   19.423  9.017   1.00 57.32 ? 119 PHE A N   1 
ATOM   775  C CA  . PHE A 1 121 ? 7.380   18.867  10.102  1.00 57.47 ? 119 PHE A CA  1 
ATOM   776  C C   . PHE A 1 121 ? 6.882   20.019  10.970  1.00 57.73 ? 119 PHE A C   1 
ATOM   777  O O   . PHE A 1 121 ? 5.705   20.108  11.278  1.00 57.65 ? 119 PHE A O   1 
ATOM   778  C CB  . PHE A 1 121 ? 8.150   17.841  10.942  1.00 56.77 ? 119 PHE A CB  1 
ATOM   779  C CG  . PHE A 1 121 ? 8.475   16.557  10.208  1.00 57.27 ? 119 PHE A CG  1 
ATOM   780  C CD1 . PHE A 1 121 ? 7.648   16.081  9.196   1.00 55.46 ? 119 PHE A CD1 1 
ATOM   781  C CD2 . PHE A 1 121 ? 9.591   15.811  10.562  1.00 57.64 ? 119 PHE A CD2 1 
ATOM   782  C CE1 . PHE A 1 121 ? 7.939   14.913  8.530   1.00 55.96 ? 119 PHE A CE1 1 
ATOM   783  C CE2 . PHE A 1 121 ? 9.890   14.623  9.902   1.00 58.52 ? 119 PHE A CE2 1 
ATOM   784  C CZ  . PHE A 1 121 ? 9.059   14.176  8.877   1.00 56.97 ? 119 PHE A CZ  1 
ATOM   785  N N   . GLN A 1 122 ? 7.794   20.923  11.319  1.00 58.28 ? 120 GLN A N   1 
ATOM   786  C CA  . GLN A 1 122 ? 7.462   22.157  12.030  1.00 58.86 ? 120 GLN A CA  1 
ATOM   787  C C   . GLN A 1 122 ? 6.425   23.032  11.328  1.00 59.11 ? 120 GLN A C   1 
ATOM   788  O O   . GLN A 1 122 ? 5.466   23.480  11.959  1.00 58.87 ? 120 GLN A O   1 
ATOM   789  C CB  . GLN A 1 122 ? 8.729   22.983  12.252  1.00 58.70 ? 120 GLN A CB  1 
ATOM   790  C CG  . GLN A 1 122 ? 9.700   22.381  13.230  1.00 60.21 ? 120 GLN A CG  1 
ATOM   791  C CD  . GLN A 1 122 ? 10.932  23.233  13.375  1.00 61.63 ? 120 GLN A CD  1 
ATOM   792  O OE1 . GLN A 1 122 ? 11.741  23.326  12.451  1.00 62.24 ? 120 GLN A OE1 1 
ATOM   793  N NE2 . GLN A 1 122 ? 11.082  23.870  14.537  1.00 60.96 ? 120 GLN A NE2 1 
ATOM   794  N N   . GLU A 1 123 ? 6.633   23.308  10.039  1.00 59.73 ? 121 GLU A N   1 
ATOM   795  C CA  . GLU A 1 123 ? 5.764   24.250  9.335   1.00 60.83 ? 121 GLU A CA  1 
ATOM   796  C C   . GLU A 1 123 ? 4.429   23.630  8.952   1.00 61.33 ? 121 GLU A C   1 
ATOM   797  O O   . GLU A 1 123 ? 3.392   24.266  9.093   1.00 61.51 ? 121 GLU A O   1 
ATOM   798  C CB  . GLU A 1 123 ? 6.444   24.855  8.092   1.00 60.93 ? 121 GLU A CB  1 
ATOM   799  C CG  . GLU A 1 123 ? 7.742   25.662  8.367   1.00 61.81 ? 121 GLU A CG  1 
ATOM   800  C CD  . GLU A 1 123 ? 7.575   26.774  9.423   1.00 62.38 ? 121 GLU A CD  1 
ATOM   801  O OE1 . GLU A 1 123 ? 6.756   27.695  9.217   1.00 61.08 ? 121 GLU A OE1 1 
ATOM   802  O OE2 . GLU A 1 123 ? 8.275   26.721  10.461  1.00 63.24 ? 121 GLU A OE2 1 
ATOM   803  N N   . LYS A 1 124 ? 4.453   22.394  8.460   1.00 62.23 ? 122 LYS A N   1 
ATOM   804  C CA  . LYS A 1 124 ? 3.234   21.773  7.909   1.00 62.98 ? 122 LYS A CA  1 
ATOM   805  C C   . LYS A 1 124 ? 2.401   21.026  8.946   1.00 63.24 ? 122 LYS A C   1 
ATOM   806  O O   . LYS A 1 124 ? 1.174   20.973  8.845   1.00 63.19 ? 122 LYS A O   1 
ATOM   807  C CB  . LYS A 1 124 ? 3.558   20.871  6.713   1.00 63.13 ? 122 LYS A CB  1 
ATOM   808  C CG  . LYS A 1 124 ? 4.010   21.637  5.478   1.00 63.07 ? 122 LYS A CG  1 
ATOM   809  C CD  . LYS A 1 124 ? 4.158   20.711  4.278   1.00 65.93 ? 122 LYS A CD  1 
ATOM   810  C CE  . LYS A 1 124 ? 4.957   21.354  3.137   1.00 66.75 ? 122 LYS A CE  1 
ATOM   811  N NZ  . LYS A 1 124 ? 5.080   20.450  1.943   1.00 69.01 ? 122 LYS A NZ  1 
ATOM   812  N N   . LEU A 1 125 ? 3.063   20.474  9.952   1.00 63.77 ? 123 LEU A N   1 
ATOM   813  C CA  . LEU A 1 125 ? 2.360   19.738  10.989  1.00 64.60 ? 123 LEU A CA  1 
ATOM   814  C C   . LEU A 1 125 ? 2.268   20.549  12.282  1.00 65.82 ? 123 LEU A C   1 
ATOM   815  O O   . LEU A 1 125 ? 1.623   20.122  13.246  1.00 65.74 ? 123 LEU A O   1 
ATOM   816  C CB  . LEU A 1 125 ? 3.047   18.397  11.256  1.00 64.45 ? 123 LEU A CB  1 
ATOM   817  C CG  . LEU A 1 125 ? 3.442   17.509  10.068  1.00 63.42 ? 123 LEU A CG  1 
ATOM   818  C CD1 . LEU A 1 125 ? 4.105   16.267  10.605  1.00 63.32 ? 123 LEU A CD1 1 
ATOM   819  C CD2 . LEU A 1 125 ? 2.243   17.161  9.200   1.00 60.45 ? 123 LEU A CD2 1 
ATOM   820  N N   . GLY A 1 126 ? 2.944   21.701  12.298  1.00 66.64 ? 124 GLY A N   1 
ATOM   821  C CA  . GLY A 1 126 ? 2.888   22.638  13.412  1.00 67.95 ? 124 GLY A CA  1 
ATOM   822  C C   . GLY A 1 126 ? 3.303   21.994  14.718  1.00 69.22 ? 124 GLY A C   1 
ATOM   823  O O   . GLY A 1 126 ? 2.622   22.143  15.739  1.00 69.63 ? 124 GLY A O   1 
ATOM   824  N N   . ILE A 1 127 ? 4.412   21.259  14.677  1.00 69.89 ? 125 ILE A N   1 
ATOM   825  C CA  . ILE A 1 127 ? 4.894   20.540  15.842  1.00 70.73 ? 125 ILE A CA  1 
ATOM   826  C C   . ILE A 1 127 ? 6.408   20.552  15.884  1.00 71.41 ? 125 ILE A C   1 
ATOM   827  O O   . ILE A 1 127 ? 7.061   20.824  14.883  1.00 71.05 ? 125 ILE A O   1 
ATOM   828  C CB  . ILE A 1 127 ? 4.399   19.070  15.842  1.00 70.77 ? 125 ILE A CB  1 
ATOM   829  N N   . ILE A 1 128 ? 6.962   20.267  17.055  1.00 72.53 ? 126 ILE A N   1 
ATOM   830  C CA  . ILE A 1 128 ? 8.400   20.092  17.178  1.00 73.73 ? 126 ILE A CA  1 
ATOM   831  C C   . ILE A 1 128 ? 8.704   18.600  17.236  1.00 74.58 ? 126 ILE A C   1 
ATOM   832  O O   . ILE A 1 128 ? 8.337   17.923  18.203  1.00 74.69 ? 126 ILE A O   1 
ATOM   833  C CB  . ILE A 1 128 ? 8.973   20.804  18.435  1.00 73.92 ? 126 ILE A CB  1 
ATOM   834  N N   . PRO A 1 129 ? 9.362   18.076  16.189  1.00 75.46 ? 127 PRO A N   1 
ATOM   835  C CA  . PRO A 1 129 ? 9.728   16.660  16.108  1.00 76.19 ? 127 PRO A CA  1 
ATOM   836  C C   . PRO A 1 129 ? 10.647  16.273  17.264  1.00 77.00 ? 127 PRO A C   1 
ATOM   837  O O   . PRO A 1 129 ? 11.449  17.089  17.705  1.00 77.39 ? 127 PRO A O   1 
ATOM   838  C CB  . PRO A 1 129 ? 10.496  16.582  14.789  1.00 76.32 ? 127 PRO A CB  1 
ATOM   839  C CG  . PRO A 1 129 ? 10.034  17.770  14.006  1.00 75.70 ? 127 PRO A CG  1 
ATOM   840  C CD  . PRO A 1 129 ? 9.834   18.832  15.018  1.00 75.50 ? 127 PRO A CD  1 
ATOM   841  N N   . TYR A 1 130 ? 10.547  15.048  17.765  1.00 77.79 ? 128 TYR A N   1 
ATOM   842  C CA  . TYR A 1 130 ? 11.361  14.690  18.927  1.00 78.53 ? 128 TYR A CA  1 
ATOM   843  C C   . TYR A 1 130 ? 12.821  14.368  18.580  1.00 78.88 ? 128 TYR A C   1 
ATOM   844  O O   . TYR A 1 130 ? 13.172  14.126  17.417  1.00 79.12 ? 128 TYR A O   1 
ATOM   845  C CB  . TYR A 1 130 ? 10.721  13.553  19.723  1.00 78.68 ? 128 TYR A CB  1 
ATOM   846  C CG  . TYR A 1 130 ? 11.665  12.864  20.683  1.00 79.81 ? 128 TYR A CG  1 
ATOM   847  C CD1 . TYR A 1 130 ? 12.091  13.502  21.847  1.00 81.58 ? 128 TYR A CD1 1 
ATOM   848  C CD2 . TYR A 1 130 ? 12.115  11.572  20.438  1.00 80.09 ? 128 TYR A CD2 1 
ATOM   849  C CE1 . TYR A 1 130 ? 12.950  12.875  22.737  1.00 82.08 ? 128 TYR A CE1 1 
ATOM   850  C CE2 . TYR A 1 130 ? 12.976  10.939  21.312  1.00 81.15 ? 128 TYR A CE2 1 
ATOM   851  C CZ  . TYR A 1 130 ? 13.391  11.592  22.463  1.00 82.24 ? 128 TYR A CZ  1 
ATOM   852  O OH  . TYR A 1 130 ? 14.246  10.965  23.345  1.00 82.17 ? 128 TYR A OH  1 
ATOM   853  N N   . LEU A 1 134 ? 9.225   6.991   17.221  1.00 59.81 ? 132 LEU A N   1 
ATOM   854  C CA  . LEU A 1 134 ? 8.927   5.658   17.793  1.00 59.78 ? 132 LEU A CA  1 
ATOM   855  C C   . LEU A 1 134 ? 8.755   4.628   16.653  1.00 58.81 ? 132 LEU A C   1 
ATOM   856  O O   . LEU A 1 134 ? 8.558   5.042   15.494  1.00 58.96 ? 132 LEU A O   1 
ATOM   857  C CB  . LEU A 1 134 ? 7.684   5.740   18.693  1.00 60.16 ? 132 LEU A CB  1 
ATOM   858  C CG  . LEU A 1 134 ? 6.808   4.515   18.984  1.00 61.88 ? 132 LEU A CG  1 
ATOM   859  C CD1 . LEU A 1 134 ? 6.217   4.516   20.372  1.00 62.69 ? 132 LEU A CD1 1 
ATOM   860  C CD2 . LEU A 1 134 ? 5.702   4.463   17.965  1.00 66.10 ? 132 LEU A CD2 1 
ATOM   861  N N   . ASN A 1 135 ? 8.862   3.322   16.961  1.00 56.53 ? 133 ASN A N   1 
ATOM   862  C CA  . ASN A 1 135 ? 8.711   2.262   15.939  1.00 53.93 ? 133 ASN A CA  1 
ATOM   863  C C   . ASN A 1 135 ? 7.725   1.163   16.345  1.00 51.82 ? 133 ASN A C   1 
ATOM   864  O O   . ASN A 1 135 ? 7.802   0.636   17.459  1.00 50.58 ? 133 ASN A O   1 
ATOM   865  C CB  . ASN A 1 135 ? 10.055  1.605   15.609  1.00 54.80 ? 133 ASN A CB  1 
ATOM   866  C CG  . ASN A 1 135 ? 10.845  2.338   14.512  1.00 57.01 ? 133 ASN A CG  1 
ATOM   867  O OD1 . ASN A 1 135 ? 11.511  1.689   13.690  1.00 60.77 ? 133 ASN A OD1 1 
ATOM   868  N ND2 . ASN A 1 135 ? 10.793  3.672   14.500  1.00 57.88 ? 133 ASN A ND2 1 
ATOM   869  N N   . ILE A 1 136 ? 6.814   0.796   15.435  1.00 48.87 ? 134 ILE A N   1 
ATOM   870  C CA  . ILE A 1 136 ? 5.755   -0.165  15.778  1.00 46.57 ? 134 ILE A CA  1 
ATOM   871  C C   . ILE A 1 136 ? 5.660   -1.268  14.757  1.00 46.19 ? 134 ILE A C   1 
ATOM   872  O O   . ILE A 1 136 ? 5.549   -1.015  13.555  1.00 46.26 ? 134 ILE A O   1 
ATOM   873  C CB  . ILE A 1 136 ? 4.348   0.490   15.912  1.00 45.54 ? 134 ILE A CB  1 
ATOM   874  C CG1 . ILE A 1 136 ? 4.320   1.506   17.061  1.00 45.55 ? 134 ILE A CG1 1 
ATOM   875  C CG2 . ILE A 1 136 ? 3.268   -0.574  16.117  1.00 43.24 ? 134 ILE A CG2 1 
ATOM   876  C CD1 . ILE A 1 136 ? 2.979   2.211   17.208  1.00 45.99 ? 134 ILE A CD1 1 
ATOM   877  N N   . LYS A 1 137 ? 5.684   -2.495  15.245  1.00 45.33 ? 135 LYS A N   1 
ATOM   878  C CA  . LYS A 1 137 ? 5.559   -3.631  14.392  1.00 45.67 ? 135 LYS A CA  1 
ATOM   879  C C   . LYS A 1 137 ? 4.090   -3.979  14.362  1.00 44.88 ? 135 LYS A C   1 
ATOM   880  O O   . LYS A 1 137 ? 3.557   -4.462  15.362  1.00 44.58 ? 135 LYS A O   1 
ATOM   881  C CB  . LYS A 1 137 ? 6.359   -4.821  14.918  1.00 45.83 ? 135 LYS A CB  1 
ATOM   882  C CG  . LYS A 1 137 ? 6.440   -5.938  13.863  1.00 48.55 ? 135 LYS A CG  1 
ATOM   883  C CD  . LYS A 1 137 ? 7.060   -7.232  14.367  1.00 56.07 ? 135 LYS A CD  1 
ATOM   884  C CE  . LYS A 1 137 ? 7.185   -8.218  13.183  1.00 60.81 ? 135 LYS A CE  1 
ATOM   885  N NZ  . LYS A 1 137 ? 7.894   -9.496  13.505  1.00 64.76 ? 135 LYS A NZ  1 
ATOM   886  N N   . VAL A 1 138 ? 3.438   -3.764  13.223  1.00 43.54 ? 136 VAL A N   1 
ATOM   887  C CA  . VAL A 1 138 ? 2.018   -3.993  13.192  1.00 43.41 ? 136 VAL A CA  1 
ATOM   888  C C   . VAL A 1 138 ? 1.691   -5.468  13.001  1.00 44.44 ? 136 VAL A C   1 
ATOM   889  O O   . VAL A 1 138 ? 2.454   -6.199  12.336  1.00 44.42 ? 136 VAL A O   1 
ATOM   890  C CB  . VAL A 1 138 ? 1.176   -2.986  12.253  1.00 44.12 ? 136 VAL A CB  1 
ATOM   891  C CG1 . VAL A 1 138 ? 2.003   -1.835  11.671  1.00 41.76 ? 136 VAL A CG1 1 
ATOM   892  C CG2 . VAL A 1 138 ? 0.304   -3.719  11.249  1.00 41.34 ? 136 VAL A CG2 1 
ATOM   893  N N   . ASP A 1 139 ? 0.583   -5.894  13.610  1.00 44.52 ? 137 ASP A N   1 
ATOM   894  C CA  . ASP A 1 139 ? 0.154   -7.297  13.622  1.00 46.32 ? 137 ASP A CA  1 
ATOM   895  C C   . ASP A 1 139 ? -0.246  -7.742  12.236  1.00 46.89 ? 137 ASP A C   1 
ATOM   896  O O   . ASP A 1 139 ? -0.737  -6.939  11.423  1.00 46.78 ? 137 ASP A O   1 
ATOM   897  C CB  . ASP A 1 139 ? -1.062  -7.480  14.542  1.00 46.71 ? 137 ASP A CB  1 
ATOM   898  C CG  . ASP A 1 139 ? -0.767  -7.107  15.988  1.00 50.12 ? 137 ASP A CG  1 
ATOM   899  O OD1 . ASP A 1 139 ? 0.371   -7.355  16.467  1.00 51.31 ? 137 ASP A OD1 1 
ATOM   900  O OD2 . ASP A 1 139 ? -1.681  -6.554  16.641  1.00 52.98 ? 137 ASP A OD2 1 
ATOM   901  N N   . GLN A 1 140 ? -0.077  -9.035  11.971  1.00 47.15 ? 138 GLN A N   1 
ATOM   902  C CA  . GLN A 1 140 ? -0.419  -9.587  10.673  1.00 47.17 ? 138 GLN A CA  1 
ATOM   903  C C   . GLN A 1 140 ? -1.877  -9.360  10.354  1.00 46.59 ? 138 GLN A C   1 
ATOM   904  O O   . GLN A 1 140 ? -2.274  -9.240  9.181   1.00 45.71 ? 138 GLN A O   1 
ATOM   905  C CB  . GLN A 1 140 ? -0.073  -11.069 10.631  1.00 47.99 ? 138 GLN A CB  1 
ATOM   906  C CG  . GLN A 1 140 ? 1.431   -11.327 10.826  1.00 51.54 ? 138 GLN A CG  1 
ATOM   907  C CD  . GLN A 1 140 ? 2.263   -10.875 9.631   1.00 55.79 ? 138 GLN A CD  1 
ATOM   908  O OE1 . GLN A 1 140 ? 3.175   -10.031 9.759   1.00 57.05 ? 138 GLN A OE1 1 
ATOM   909  N NE2 . GLN A 1 140 ? 1.947   -11.429 8.452   1.00 58.57 ? 138 GLN A NE2 1 
ATOM   910  N N   . ALA A 1 141 ? -2.674  -9.265  11.414  1.00 46.19 ? 139 ALA A N   1 
ATOM   911  C CA  . ALA A 1 141 ? -4.106  -9.146  11.254  1.00 45.79 ? 139 ALA A CA  1 
ATOM   912  C C   . ALA A 1 141 ? -4.519  -7.706  10.916  1.00 45.00 ? 139 ALA A C   1 
ATOM   913  O O   . ALA A 1 141 ? -5.610  -7.491  10.390  1.00 45.92 ? 139 ALA A O   1 
ATOM   914  C CB  . ALA A 1 141 ? -4.843  -9.671  12.507  1.00 46.39 ? 139 ALA A CB  1 
ATOM   915  N N   . SER A 1 142 ? -3.645  -6.748  11.219  1.00 43.70 ? 140 SER A N   1 
ATOM   916  C CA  . SER A 1 142 ? -3.819  -5.325  10.865  1.00 42.23 ? 140 SER A CA  1 
ATOM   917  C C   . SER A 1 142 ? -3.102  -4.954  9.587   1.00 41.26 ? 140 SER A C   1 
ATOM   918  O O   . SER A 1 142 ? -3.114  -3.792  9.203   1.00 41.74 ? 140 SER A O   1 
ATOM   919  C CB  . SER A 1 142 ? -3.260  -4.414  11.957  1.00 41.00 ? 140 SER A CB  1 
ATOM   920  O OG  . SER A 1 142 ? -4.094  -4.419  13.080  1.00 42.88 ? 140 SER A OG  1 
ATOM   921  N N   . LEU A 1 143 ? -2.462  -5.922  8.928   1.00 40.40 ? 141 LEU A N   1 
ATOM   922  C CA  . LEU A 1 143 ? -1.783  -5.641  7.661   1.00 39.11 ? 141 LEU A CA  1 
ATOM   923  C C   . LEU A 1 143 ? -2.723  -5.085  6.575   1.00 37.88 ? 141 LEU A C   1 
ATOM   924  O O   . LEU A 1 143 ? -2.327  -4.226  5.822   1.00 37.61 ? 141 LEU A O   1 
ATOM   925  C CB  . LEU A 1 143 ? -0.958  -6.827  7.151   1.00 38.42 ? 141 LEU A CB  1 
ATOM   926  C CG  . LEU A 1 143 ? 0.253   -7.199  7.994   1.00 41.30 ? 141 LEU A CG  1 
ATOM   927  C CD1 . LEU A 1 143 ? 1.200   -8.193  7.259   1.00 42.21 ? 141 LEU A CD1 1 
ATOM   928  C CD2 . LEU A 1 143 ? 1.036   -5.953  8.429   1.00 40.69 ? 141 LEU A CD2 1 
ATOM   929  N N   . PRO A 1 144 ? -3.977  -5.573  6.510   1.00 37.28 ? 142 PRO A N   1 
ATOM   930  C CA  . PRO A 1 144 ? -4.885  -4.989  5.540   1.00 36.45 ? 142 PRO A CA  1 
ATOM   931  C C   . PRO A 1 144 ? -5.189  -3.488  5.786   1.00 35.85 ? 142 PRO A C   1 
ATOM   932  O O   . PRO A 1 144 ? -5.434  -2.725  4.819   1.00 34.10 ? 142 PRO A O   1 
ATOM   933  C CB  . PRO A 1 144 ? -6.143  -5.867  5.683   1.00 37.73 ? 142 PRO A CB  1 
ATOM   934  C CG  . PRO A 1 144 ? -5.561  -7.239  6.174   1.00 37.20 ? 142 PRO A CG  1 
ATOM   935  C CD  . PRO A 1 144 ? -4.525  -6.798  7.135   1.00 36.90 ? 142 PRO A CD  1 
ATOM   936  N N   . GLU A 1 145 ? -5.167  -3.077  7.057   1.00 34.58 ? 143 GLU A N   1 
ATOM   937  C CA  . GLU A 1 145 ? -5.422  -1.702  7.423   1.00 34.86 ? 143 GLU A CA  1 
ATOM   938  C C   . GLU A 1 145 ? -4.225  -0.812  7.069   1.00 33.64 ? 143 GLU A C   1 
ATOM   939  O O   . GLU A 1 145 ? -4.406  0.308   6.599   1.00 33.35 ? 143 GLU A O   1 
ATOM   940  C CB  . GLU A 1 145 ? -5.725  -1.575  8.923   1.00 35.81 ? 143 GLU A CB  1 
ATOM   941  C CG  . GLU A 1 145 ? -6.986  -2.321  9.365   1.00 39.75 ? 143 GLU A CG  1 
ATOM   942  C CD  . GLU A 1 145 ? -8.152  -2.060  8.439   1.00 47.31 ? 143 GLU A CD  1 
ATOM   943  O OE1 . GLU A 1 145 ? -8.592  -0.881  8.315   1.00 47.60 ? 143 GLU A OE1 1 
ATOM   944  O OE2 . GLU A 1 145 ? -8.624  -3.052  7.815   1.00 52.23 ? 143 GLU A OE2 1 
ATOM   945  N N   . LEU A 1 146 ? -3.019  -1.326  7.317   1.00 32.10 ? 144 LEU A N   1 
ATOM   946  C CA  . LEU A 1 146 ? -1.775  -0.697  6.921   1.00 31.10 ? 144 LEU A CA  1 
ATOM   947  C C   . LEU A 1 146 ? -1.708  -0.511  5.407   1.00 30.17 ? 144 LEU A C   1 
ATOM   948  O O   . LEU A 1 146 ? -1.292  0.535   4.922   1.00 28.93 ? 144 LEU A O   1 
ATOM   949  C CB  . LEU A 1 146 ? -0.602  -1.569  7.349   1.00 30.66 ? 144 LEU A CB  1 
ATOM   950  C CG  . LEU A 1 146 ? 0.792   -1.033  7.043   1.00 31.64 ? 144 LEU A CG  1 
ATOM   951  C CD1 . LEU A 1 146 ? 0.936   0.475   7.480   1.00 30.92 ? 144 LEU A CD1 1 
ATOM   952  C CD2 . LEU A 1 146 ? 1.871   -1.970  7.660   1.00 30.08 ? 144 LEU A CD2 1 
ATOM   953  N N   . ARG A 1 147 ? -2.067  -1.561  4.667   1.00 29.55 ? 145 ARG A N   1 
ATOM   954  C CA  . ARG A 1 147 ? -2.125  -1.472  3.219   1.00 29.62 ? 145 ARG A CA  1 
ATOM   955  C C   . ARG A 1 147 ? -3.094  -0.385  2.774   1.00 29.65 ? 145 ARG A C   1 
ATOM   956  O O   . ARG A 1 147 ? -2.823  0.324   1.824   1.00 29.76 ? 145 ARG A O   1 
ATOM   957  C CB  . ARG A 1 147 ? -2.520  -2.825  2.630   1.00 30.27 ? 145 ARG A CB  1 
ATOM   958  C CG  . ARG A 1 147 ? -1.440  -3.930  2.820   1.00 29.91 ? 145 ARG A CG  1 
ATOM   959  C CD  . ARG A 1 147 ? -1.727  -5.165  1.961   1.00 31.33 ? 145 ARG A CD  1 
ATOM   960  N NE  . ARG A 1 147 ? -0.771  -6.164  2.358   1.00 33.65 ? 145 ARG A NE  1 
ATOM   961  C CZ  . ARG A 1 147 ? -1.040  -7.223  3.104   1.00 33.07 ? 145 ARG A CZ  1 
ATOM   962  N NH1 . ARG A 1 147 ? -2.281  -7.503  3.431   1.00 35.57 ? 145 ARG A NH1 1 
ATOM   963  N NH2 . ARG A 1 147 ? -0.057  -8.025  3.463   1.00 33.86 ? 145 ARG A NH2 1 
ATOM   964  N N   . LYS A 1 148 ? -4.228  -0.251  3.449   1.00 30.11 ? 146 LYS A N   1 
ATOM   965  C CA  . LYS A 1 148 ? -5.187  0.814   3.129   1.00 31.79 ? 146 LYS A CA  1 
ATOM   966  C C   . LYS A 1 148 ? -4.562  2.204   3.280   1.00 31.57 ? 146 LYS A C   1 
ATOM   967  O O   . LYS A 1 148 ? -4.626  3.036   2.374   1.00 31.16 ? 146 LYS A O   1 
ATOM   968  C CB  . LYS A 1 148 ? -6.446  0.677   4.022   1.00 32.56 ? 146 LYS A CB  1 
ATOM   969  C CG  . LYS A 1 148 ? -7.695  1.339   3.448   1.00 37.21 ? 146 LYS A CG  1 
ATOM   970  C CD  . LYS A 1 148 ? -8.757  1.675   4.549   1.00 43.79 ? 146 LYS A CD  1 
ATOM   971  C CE  . LYS A 1 148 ? -9.572  0.497   5.009   1.00 47.39 ? 146 LYS A CE  1 
ATOM   972  N NZ  . LYS A 1 148 ? -10.811 1.053   5.724   1.00 51.63 ? 146 LYS A NZ  1 
ATOM   973  N N   . ILE A 1 149 ? -3.942  2.438   4.438   1.00 32.29 ? 147 ILE A N   1 
ATOM   974  C CA  . ILE A 1 149 ? -3.219  3.658   4.740   1.00 33.31 ? 147 ILE A CA  1 
ATOM   975  C C   . ILE A 1 149 ? -2.207  4.020   3.662   1.00 33.21 ? 147 ILE A C   1 
ATOM   976  O O   . ILE A 1 149 ? -2.139  5.185   3.214   1.00 33.72 ? 147 ILE A O   1 
ATOM   977  C CB  . ILE A 1 149 ? -2.489  3.507   6.078   1.00 34.60 ? 147 ILE A CB  1 
ATOM   978  C CG1 . ILE A 1 149 ? -3.513  3.486   7.231   1.00 36.63 ? 147 ILE A CG1 1 
ATOM   979  C CG2 . ILE A 1 149 ? -1.483  4.652   6.287   1.00 35.38 ? 147 ILE A CG2 1 
ATOM   980  C CD1 . ILE A 1 149 ? -2.936  2.932   8.557   1.00 40.83 ? 147 ILE A CD1 1 
ATOM   981  N N   . ARG A 1 150 ? -1.422  3.028   3.252   1.00 31.74 ? 148 ARG A N   1 
ATOM   982  C CA  . ARG A 1 150 ? -0.392  3.223   2.241   1.00 32.05 ? 148 ARG A CA  1 
ATOM   983  C C   . ARG A 1 150 ? -0.954  3.706   0.891   1.00 30.33 ? 148 ARG A C   1 
ATOM   984  O O   . ARG A 1 150 ? -0.247  4.322   0.134   1.00 29.58 ? 148 ARG A O   1 
ATOM   985  C CB  . ARG A 1 150 ? 0.485   1.953   2.076   1.00 32.28 ? 148 ARG A CB  1 
ATOM   986  C CG  . ARG A 1 150 ? 1.311   1.685   3.344   1.00 35.91 ? 148 ARG A CG  1 
ATOM   987  C CD  . ARG A 1 150 ? 2.393   0.593   3.226   1.00 41.00 ? 148 ARG A CD  1 
ATOM   988  N NE  . ARG A 1 150 ? 1.897   -0.728  2.786   1.00 44.56 ? 148 ARG A NE  1 
ATOM   989  C CZ  . ARG A 1 150 ? 2.351   -1.896  3.265   1.00 44.87 ? 148 ARG A CZ  1 
ATOM   990  N NH1 . ARG A 1 150 ? 3.274   -1.910  4.227   1.00 48.13 ? 148 ARG A NH1 1 
ATOM   991  N NH2 . ARG A 1 150 ? 1.888   -3.057  2.797   1.00 43.35 ? 148 ARG A NH2 1 
ATOM   992  N N   . GLY A 1 151 ? -2.214  3.425   0.596   1.00 30.40 ? 149 GLY A N   1 
ATOM   993  C CA  . GLY A 1 151 ? -2.790  3.901   -0.647  1.00 31.26 ? 149 GLY A CA  1 
ATOM   994  C C   . GLY A 1 151 ? -3.104  5.404   -0.619  1.00 31.79 ? 149 GLY A C   1 
ATOM   995  O O   . GLY A 1 151 ? -3.222  6.043   -1.675  1.00 30.22 ? 149 GLY A O   1 
ATOM   996  N N   . PHE A 1 152 ? -3.271  5.965   0.582   1.00 32.04 ? 150 PHE A N   1 
ATOM   997  C CA  . PHE A 1 152 ? -3.631  7.391   0.697   1.00 34.11 ? 150 PHE A CA  1 
ATOM   998  C C   . PHE A 1 152 ? -2.393  8.274   0.550   1.00 35.03 ? 150 PHE A C   1 
ATOM   999  O O   . PHE A 1 152 ? -1.266  7.790   0.616   1.00 33.86 ? 150 PHE A O   1 
ATOM   1000 C CB  . PHE A 1 152 ? -4.395  7.689   1.999   1.00 33.20 ? 150 PHE A CB  1 
ATOM   1001 C CG  . PHE A 1 152 ? -5.828  7.148   2.010   1.00 33.25 ? 150 PHE A CG  1 
ATOM   1002 C CD1 . PHE A 1 152 ? -6.900  7.960   1.567   1.00 31.93 ? 150 PHE A CD1 1 
ATOM   1003 C CD2 . PHE A 1 152 ? -6.114  5.839   2.465   1.00 29.22 ? 150 PHE A CD2 1 
ATOM   1004 C CE1 . PHE A 1 152 ? -8.229  7.481   1.599   1.00 29.10 ? 150 PHE A CE1 1 
ATOM   1005 C CE2 . PHE A 1 152 ? -7.432  5.334   2.462   1.00 30.98 ? 150 PHE A CE2 1 
ATOM   1006 C CZ  . PHE A 1 152 ? -8.489  6.144   2.033   1.00 30.93 ? 150 PHE A CZ  1 
ATOM   1007 N N   . ARG A 1 153 ? -2.610  9.565   0.350   1.00 36.38 ? 151 ARG A N   1 
ATOM   1008 C CA  . ARG A 1 153 ? -1.514  10.492  0.092   1.00 38.30 ? 151 ARG A CA  1 
ATOM   1009 C C   . ARG A 1 153 ? -0.947  11.091  1.368   1.00 38.92 ? 151 ARG A C   1 
ATOM   1010 O O   . ARG A 1 153 ? 0.249   11.413  1.444   1.00 39.43 ? 151 ARG A O   1 
ATOM   1011 C CB  . ARG A 1 153 ? -2.001  11.618  -0.836  1.00 38.61 ? 151 ARG A CB  1 
ATOM   1012 C CG  . ARG A 1 153 ? -2.127  11.194  -2.279  1.00 40.16 ? 151 ARG A CG  1 
ATOM   1013 C CD  . ARG A 1 153 ? -2.807  12.318  -3.079  1.00 45.83 ? 151 ARG A CD  1 
ATOM   1014 N NE  . ARG A 1 153 ? -2.890  11.997  -4.497  1.00 50.49 ? 151 ARG A NE  1 
ATOM   1015 C CZ  . ARG A 1 153 ? -3.496  12.763  -5.399  1.00 51.76 ? 151 ARG A CZ  1 
ATOM   1016 N NH1 . ARG A 1 153 ? -4.102  13.888  -5.026  1.00 51.56 ? 151 ARG A NH1 1 
ATOM   1017 N NH2 . ARG A 1 153 ? -3.507  12.387  -6.670  1.00 52.40 ? 151 ARG A NH2 1 
ATOM   1018 N N   . GLY A 1 154 ? -1.806  11.272  2.363   1.00 39.80 ? 152 GLY A N   1 
ATOM   1019 C CA  . GLY A 1 154 ? -1.421  11.901  3.612   1.00 41.94 ? 152 GLY A CA  1 
ATOM   1020 C C   . GLY A 1 154 ? -0.993  13.346  3.420   1.00 43.90 ? 152 GLY A C   1 
ATOM   1021 O O   . GLY A 1 154 ? -1.312  13.959  2.401   1.00 43.50 ? 152 GLY A O   1 
ATOM   1022 N N   . ILE A 1 155 ? -0.268  13.886  4.400   1.00 44.98 ? 153 ILE A N   1 
ATOM   1023 C CA  . ILE A 1 155 ? 0.301   15.217  4.247   1.00 46.63 ? 153 ILE A CA  1 
ATOM   1024 C C   . ILE A 1 155 ? 1.639   15.126  3.515   1.00 47.86 ? 153 ILE A C   1 
ATOM   1025 O O   . ILE A 1 155 ? 2.558   14.437  3.962   1.00 47.75 ? 153 ILE A O   1 
ATOM   1026 C CB  . ILE A 1 155 ? 0.443   15.933  5.626   1.00 46.41 ? 153 ILE A CB  1 
ATOM   1027 C CG1 . ILE A 1 155 ? -0.930  16.068  6.294   1.00 46.31 ? 153 ILE A CG1 1 
ATOM   1028 C CG2 . ILE A 1 155 ? 1.043   17.302  5.450   1.00 45.96 ? 153 ILE A CG2 1 
ATOM   1029 C CD1 . ILE A 1 155 ? -0.898  16.139  7.796   1.00 42.63 ? 153 ILE A CD1 1 
ATOM   1030 N N   . HIS A 1 156 ? 1.740   15.804  2.378   1.00 49.49 ? 154 HIS A N   1 
ATOM   1031 C CA  . HIS A 1 156 ? 2.994   15.834  1.622   1.00 51.46 ? 154 HIS A CA  1 
ATOM   1032 C C   . HIS A 1 156 ? 4.162   16.584  2.286   1.00 52.25 ? 154 HIS A C   1 
ATOM   1033 O O   . HIS A 1 156 ? 4.056   17.764  2.666   1.00 51.93 ? 154 HIS A O   1 
ATOM   1034 C CB  . HIS A 1 156 ? 2.775   16.434  0.237   1.00 51.98 ? 154 HIS A CB  1 
ATOM   1035 C CG  . HIS A 1 156 ? 3.943   16.253  -0.683  1.00 54.85 ? 154 HIS A CG  1 
ATOM   1036 N ND1 . HIS A 1 156 ? 4.752   17.300  -1.078  1.00 57.17 ? 154 HIS A ND1 1 
ATOM   1037 C CD2 . HIS A 1 156 ? 4.435   15.146  -1.296  1.00 56.85 ? 154 HIS A CD2 1 
ATOM   1038 C CE1 . HIS A 1 156 ? 5.690   16.845  -1.892  1.00 58.34 ? 154 HIS A CE1 1 
ATOM   1039 N NE2 . HIS A 1 156 ? 5.530   15.539  -2.028  1.00 58.05 ? 154 HIS A NE2 1 
ATOM   1040 N N   . ILE A 1 157 ? 5.274   15.879  2.438   1.00 53.30 ? 155 ILE A N   1 
ATOM   1041 C CA  . ILE A 1 157 ? 6.514   16.482  2.898   1.00 54.86 ? 155 ILE A CA  1 
ATOM   1042 C C   . ILE A 1 157 ? 7.511   16.319  1.751   1.00 56.97 ? 155 ILE A C   1 
ATOM   1043 O O   . ILE A 1 157 ? 7.883   15.206  1.371   1.00 56.44 ? 155 ILE A O   1 
ATOM   1044 C CB  . ILE A 1 157 ? 7.069   15.810  4.160   1.00 54.10 ? 155 ILE A CB  1 
ATOM   1045 C CG1 . ILE A 1 157 ? 6.001   15.714  5.267   1.00 53.19 ? 155 ILE A CG1 1 
ATOM   1046 C CG2 . ILE A 1 157 ? 8.364   16.506  4.594   1.00 54.46 ? 155 ILE A CG2 1 
ATOM   1047 C CD1 . ILE A 1 157 ? 5.483   17.033  5.804   1.00 49.53 ? 155 ILE A CD1 1 
ATOM   1048 N N   . GLU A 1 158 ? 7.928   17.453  1.213   1.00 59.51 ? 156 GLU A N   1 
ATOM   1049 C CA  . GLU A 1 158 ? 8.726   17.536  0.006   1.00 62.07 ? 156 GLU A CA  1 
ATOM   1050 C C   . GLU A 1 158 ? 10.094  16.857  0.139   1.00 62.91 ? 156 GLU A C   1 
ATOM   1051 O O   . GLU A 1 158 ? 10.804  17.039  1.135   1.00 62.29 ? 156 GLU A O   1 
ATOM   1052 C CB  . GLU A 1 158 ? 8.903   19.025  -0.347  1.00 62.77 ? 156 GLU A CB  1 
ATOM   1053 C CG  . GLU A 1 158 ? 9.378   19.285  -1.755  1.00 66.66 ? 156 GLU A CG  1 
ATOM   1054 C CD  . GLU A 1 158 ? 8.422   18.727  -2.773  1.00 71.76 ? 156 GLU A CD  1 
ATOM   1055 O OE1 . GLU A 1 158 ? 7.333   19.335  -2.943  1.00 74.39 ? 156 GLU A OE1 1 
ATOM   1056 O OE2 . GLU A 1 158 ? 8.757   17.683  -3.390  1.00 72.94 ? 156 GLU A OE2 1 
ATOM   1057 N N   . GLY A 1 159 ? 10.446  16.064  -0.873  1.00 64.78 ? 157 GLY A N   1 
ATOM   1058 C CA  . GLY A 1 159 ? 11.813  15.567  -1.033  1.00 66.78 ? 157 GLY A CA  1 
ATOM   1059 C C   . GLY A 1 159 ? 12.707  16.699  -1.514  1.00 68.49 ? 157 GLY A C   1 
ATOM   1060 O O   . GLY A 1 159 ? 12.232  17.821  -1.695  1.00 68.41 ? 157 GLY A O   1 
ATOM   1061 N N   . PHE A 1 160 ? 13.998  16.419  -1.713  1.00 69.99 ? 158 PHE A N   1 
ATOM   1062 C CA  . PHE A 1 160 ? 14.973  17.463  -2.069  1.00 71.66 ? 158 PHE A CA  1 
ATOM   1063 C C   . PHE A 1 160 ? 16.299  16.905  -2.603  1.00 72.37 ? 158 PHE A C   1 
ATOM   1064 O O   . PHE A 1 160 ? 16.545  15.699  -2.531  1.00 72.32 ? 158 PHE A O   1 
ATOM   1065 C CB  . PHE A 1 160 ? 15.246  18.398  -0.869  1.00 71.67 ? 158 PHE A CB  1 
ATOM   1066 C CG  . PHE A 1 160 ? 15.658  17.677  0.387   1.00 72.52 ? 158 PHE A CG  1 
ATOM   1067 C CD1 . PHE A 1 160 ? 17.002  17.436  0.655   1.00 72.78 ? 158 PHE A CD1 1 
ATOM   1068 C CD2 . PHE A 1 160 ? 14.702  17.247  1.305   1.00 73.94 ? 158 PHE A CD2 1 
ATOM   1069 C CE1 . PHE A 1 160 ? 17.398  16.771  1.811   1.00 73.58 ? 158 PHE A CE1 1 
ATOM   1070 C CE2 . PHE A 1 160 ? 15.084  16.578  2.475   1.00 75.34 ? 158 PHE A CE2 1 
ATOM   1071 C CZ  . PHE A 1 160 ? 16.444  16.339  2.727   1.00 74.95 ? 158 PHE A CZ  1 
ATOM   1072 N N   . LYS A 1 161 ? 17.151  17.801  -3.111  1.00 73.38 ? 159 LYS A N   1 
ATOM   1073 C CA  . LYS A 1 161 ? 18.498  17.429  -3.574  1.00 74.18 ? 159 LYS A CA  1 
ATOM   1074 C C   . LYS A 1 161 ? 19.591  17.916  -2.613  1.00 74.50 ? 159 LYS A C   1 
ATOM   1075 O O   . LYS A 1 161 ? 19.520  19.037  -2.090  1.00 74.29 ? 159 LYS A O   1 
ATOM   1076 C CB  . LYS A 1 161 ? 18.759  17.954  -4.990  1.00 74.40 ? 159 LYS A CB  1 
ATOM   1077 N N   . THR A 1 162 ? 20.589  17.053  -2.390  1.00 74.98 ? 160 THR A N   1 
ATOM   1078 C CA  . THR A 1 162 ? 21.727  17.331  -1.504  1.00 75.49 ? 160 THR A CA  1 
ATOM   1079 C C   . THR A 1 162 ? 22.985  17.766  -2.274  1.00 75.86 ? 160 THR A C   1 
ATOM   1080 O O   . THR A 1 162 ? 23.623  16.973  -2.978  1.00 76.12 ? 160 THR A O   1 
ATOM   1081 C CB  . THR A 1 162 ? 22.072  16.109  -0.612  1.00 75.39 ? 160 THR A CB  1 
ATOM   1082 N N   . ARG A 1 165 ? 22.822  13.495  -3.935  1.00 66.28 ? 163 ARG A N   1 
ATOM   1083 C CA  . ARG A 1 165 ? 21.720  12.601  -3.553  1.00 66.39 ? 163 ARG A CA  1 
ATOM   1084 C C   . ARG A 1 165 ? 20.367  13.312  -3.590  1.00 65.99 ? 163 ARG A C   1 
ATOM   1085 O O   . ARG A 1 165 ? 20.228  14.447  -3.140  1.00 65.93 ? 163 ARG A O   1 
ATOM   1086 C CB  . ARG A 1 165 ? 21.943  11.991  -2.154  1.00 66.51 ? 163 ARG A CB  1 
ATOM   1087 N N   . THR A 1 166 ? 19.375  12.631  -4.138  1.00 65.65 ? 164 THR A N   1 
ATOM   1088 C CA  . THR A 1 166 ? 18.011  13.127  -4.097  1.00 64.91 ? 164 THR A CA  1 
ATOM   1089 C C   . THR A 1 166 ? 17.259  12.332  -3.027  1.00 64.22 ? 164 THR A C   1 
ATOM   1090 O O   . THR A 1 166 ? 17.230  11.092  -3.053  1.00 64.07 ? 164 THR A O   1 
ATOM   1091 C CB  . THR A 1 166 ? 17.311  13.017  -5.480  1.00 65.20 ? 164 THR A CB  1 
ATOM   1092 N N   . PHE A 1 167 ? 16.683  13.057  -2.071  1.00 62.61 ? 165 PHE A N   1 
ATOM   1093 C CA  . PHE A 1 167 ? 15.907  12.446  -0.991  1.00 61.08 ? 165 PHE A CA  1 
ATOM   1094 C C   . PHE A 1 167 ? 14.414  12.457  -1.328  1.00 59.00 ? 165 PHE A C   1 
ATOM   1095 O O   . PHE A 1 167 ? 13.882  13.488  -1.749  1.00 58.30 ? 165 PHE A O   1 
ATOM   1096 C CB  . PHE A 1 167 ? 16.173  13.171  0.333   1.00 61.30 ? 165 PHE A CB  1 
ATOM   1097 C CG  . PHE A 1 167 ? 17.546  12.932  0.874   1.00 62.90 ? 165 PHE A CG  1 
ATOM   1098 C CD1 . PHE A 1 167 ? 17.772  11.917  1.797   1.00 65.26 ? 165 PHE A CD1 1 
ATOM   1099 C CD2 . PHE A 1 167 ? 18.616  13.704  0.457   1.00 63.80 ? 165 PHE A CD2 1 
ATOM   1100 C CE1 . PHE A 1 167 ? 19.059  11.681  2.303   1.00 65.88 ? 165 PHE A CE1 1 
ATOM   1101 C CE2 . PHE A 1 167 ? 19.905  13.472  0.953   1.00 65.86 ? 165 PHE A CE2 1 
ATOM   1102 C CZ  . PHE A 1 167 ? 20.124  12.462  1.878   1.00 65.24 ? 165 PHE A CZ  1 
ATOM   1103 N N   . GLY A 1 168 ? 13.750  11.316  -1.142  1.00 56.77 ? 166 GLY A N   1 
ATOM   1104 C CA  . GLY A 1 168 ? 12.337  11.190  -1.530  1.00 54.47 ? 166 GLY A CA  1 
ATOM   1105 C C   . GLY A 1 168 ? 11.412  12.040  -0.678  1.00 52.39 ? 166 GLY A C   1 
ATOM   1106 O O   . GLY A 1 168 ? 11.752  12.426  0.444   1.00 51.54 ? 166 GLY A O   1 
ATOM   1107 N N   . SER A 1 169 ? 10.229  12.343  -1.194  1.00 51.22 ? 167 SER A N   1 
ATOM   1108 C CA  . SER A 1 169 ? 9.231   12.973  -0.324  1.00 50.11 ? 167 SER A CA  1 
ATOM   1109 C C   . SER A 1 169 ? 8.658   11.931  0.655   1.00 48.41 ? 167 SER A C   1 
ATOM   1110 O O   . SER A 1 169 ? 8.765   10.724  0.420   1.00 47.36 ? 167 SER A O   1 
ATOM   1111 C CB  . SER A 1 169 ? 8.105   13.655  -1.115  1.00 50.69 ? 167 SER A CB  1 
ATOM   1112 O OG  . SER A 1 169 ? 8.470   13.940  -2.447  1.00 52.48 ? 167 SER A OG  1 
ATOM   1113 N N   . VAL A 1 170 ? 8.104   12.401  1.773   1.00 46.84 ? 168 VAL A N   1 
ATOM   1114 C CA  . VAL A 1 170 ? 7.427   11.511  2.698   1.00 45.21 ? 168 VAL A CA  1 
ATOM   1115 C C   . VAL A 1 170 ? 5.964   11.906  2.850   1.00 43.87 ? 168 VAL A C   1 
ATOM   1116 O O   . VAL A 1 170 ? 5.560   13.013  2.469   1.00 42.51 ? 168 VAL A O   1 
ATOM   1117 C CB  . VAL A 1 170 ? 8.174   11.344  4.080   1.00 45.72 ? 168 VAL A CB  1 
ATOM   1118 C CG1 . VAL A 1 170 ? 9.699   11.381  3.899   1.00 45.06 ? 168 VAL A CG1 1 
ATOM   1119 C CG2 . VAL A 1 170 ? 7.728   12.358  5.113   1.00 45.90 ? 168 VAL A CG2 1 
ATOM   1120 N N   . LYS A 1 171 ? 5.184   10.958  3.354   1.00 41.39 ? 169 LYS A N   1 
ATOM   1121 C CA  . LYS A 1 171 ? 3.782   11.146  3.613   1.00 41.02 ? 169 LYS A CA  1 
ATOM   1122 C C   . LYS A 1 171 ? 3.624   11.177  5.114   1.00 40.07 ? 169 LYS A C   1 
ATOM   1123 O O   . LYS A 1 171 ? 4.236   10.384  5.833   1.00 39.34 ? 169 LYS A O   1 
ATOM   1124 C CB  . LYS A 1 171 ? 2.965   9.974   3.024   1.00 41.11 ? 169 LYS A CB  1 
ATOM   1125 C CG  . LYS A 1 171 ? 3.439   9.563   1.630   1.00 42.26 ? 169 LYS A CG  1 
ATOM   1126 C CD  . LYS A 1 171 ? 2.335   9.000   0.731   1.00 43.10 ? 169 LYS A CD  1 
ATOM   1127 C CE  . LYS A 1 171 ? 1.895   7.613   1.142   1.00 41.96 ? 169 LYS A CE  1 
ATOM   1128 N NZ  . LYS A 1 171 ? 1.263   6.933   -0.066  1.00 40.00 ? 169 LYS A NZ  1 
ATOM   1129 N N   . ALA A 1 172 ? 2.805   12.085  5.602   1.00 39.24 ? 170 ALA A N   1 
ATOM   1130 C CA  . ALA A 1 172 ? 2.569   12.140  7.038   1.00 38.88 ? 170 ALA A CA  1 
ATOM   1131 C C   . ALA A 1 172 ? 1.073   12.018  7.327   1.00 37.84 ? 170 ALA A C   1 
ATOM   1132 O O   . ALA A 1 172 ? 0.281   12.768  6.780   1.00 38.25 ? 170 ALA A O   1 
ATOM   1133 C CB  . ALA A 1 172 ? 3.163   13.434  7.626   1.00 38.71 ? 170 ALA A CB  1 
ATOM   1134 N N   . PHE A 1 173 ? 0.686   11.048  8.159   1.00 37.80 ? 171 PHE A N   1 
ATOM   1135 C CA  . PHE A 1 173 ? -0.733  10.820  8.467   1.00 37.65 ? 171 PHE A CA  1 
ATOM   1136 C C   . PHE A 1 173 ? -1.008  11.184  9.924   1.00 38.24 ? 171 PHE A C   1 
ATOM   1137 O O   . PHE A 1 173 ? -0.454  10.572  10.825  1.00 38.57 ? 171 PHE A O   1 
ATOM   1138 C CB  . PHE A 1 173 ? -1.134  9.355   8.247   1.00 37.53 ? 171 PHE A CB  1 
ATOM   1139 C CG  . PHE A 1 173 ? -1.027  8.889   6.818   1.00 36.47 ? 171 PHE A CG  1 
ATOM   1140 C CD1 . PHE A 1 173 ? -2.137  8.927   5.977   1.00 37.08 ? 171 PHE A CD1 1 
ATOM   1141 C CD2 . PHE A 1 173 ? 0.174   8.394   6.324   1.00 37.50 ? 171 PHE A CD2 1 
ATOM   1142 C CE1 . PHE A 1 173 ? -2.033  8.496   4.659   1.00 39.04 ? 171 PHE A CE1 1 
ATOM   1143 C CE2 . PHE A 1 173 ? 0.288   7.946   4.989   1.00 39.48 ? 171 PHE A CE2 1 
ATOM   1144 C CZ  . PHE A 1 173 ? -0.801  8.013   4.163   1.00 37.75 ? 171 PHE A CZ  1 
ATOM   1145 N N   . PRO A 1 174 ? -1.887  12.173  10.164  1.00 38.83 ? 172 PRO A N   1 
ATOM   1146 C CA  . PRO A 1 174 ? -2.240  12.471  11.550  1.00 38.92 ? 172 PRO A CA  1 
ATOM   1147 C C   . PRO A 1 174 ? -2.751  11.188  12.205  1.00 39.58 ? 172 PRO A C   1 
ATOM   1148 O O   . PRO A 1 174 ? -3.453  10.404  11.560  1.00 39.42 ? 172 PRO A O   1 
ATOM   1149 C CB  . PRO A 1 174 ? -3.386  13.494  11.422  1.00 39.32 ? 172 PRO A CB  1 
ATOM   1150 C CG  . PRO A 1 174 ? -3.278  14.051  10.000  1.00 37.73 ? 172 PRO A CG  1 
ATOM   1151 C CD  . PRO A 1 174 ? -2.633  12.991  9.176   1.00 38.78 ? 172 PRO A CD  1 
ATOM   1152 N N   . ALA A 1 175 ? -2.369  10.946  13.453  1.00 39.43 ? 173 ALA A N   1 
ATOM   1153 C CA  . ALA A 1 175 ? -2.720  9.709   14.111  1.00 40.29 ? 173 ALA A CA  1 
ATOM   1154 C C   . ALA A 1 175 ? -2.929  9.970   15.595  1.00 40.67 ? 173 ALA A C   1 
ATOM   1155 O O   . ALA A 1 175 ? -2.647  11.046  16.080  1.00 39.66 ? 173 ALA A O   1 
ATOM   1156 C CB  . ALA A 1 175 ? -1.594  8.645   13.894  1.00 40.05 ? 173 ALA A CB  1 
ATOM   1157 N N   . LYS A 1 176 ? -3.416  8.971   16.310  1.00 42.26 ? 174 LYS A N   1 
ATOM   1158 C CA  . LYS A 1 176 ? -3.576  9.072   17.755  1.00 44.21 ? 174 LYS A CA  1 
ATOM   1159 C C   . LYS A 1 176 ? -3.243  7.753   18.386  1.00 45.19 ? 174 LYS A C   1 
ATOM   1160 O O   . LYS A 1 176 ? -3.720  6.702   17.940  1.00 45.43 ? 174 LYS A O   1 
ATOM   1161 C CB  . LYS A 1 176 ? -5.016  9.432   18.142  1.00 44.00 ? 174 LYS A CB  1 
ATOM   1162 C CG  . LYS A 1 176 ? -5.361  10.902  18.013  1.00 46.33 ? 174 LYS A CG  1 
ATOM   1163 C CD  . LYS A 1 176 ? -6.692  11.147  18.701  1.00 49.26 ? 174 LYS A CD  1 
ATOM   1164 C CE  . LYS A 1 176 ? -7.131  12.587  18.564  1.00 52.94 ? 174 LYS A CE  1 
ATOM   1165 N NZ  . LYS A 1 176 ? -8.554  12.719  19.028  1.00 55.88 ? 174 LYS A NZ  1 
ATOM   1166 N N   . ILE A 1 177 ? -2.426  7.811   19.425  1.00 46.33 ? 175 ILE A N   1 
ATOM   1167 C CA  . ILE A 1 177 ? -2.169  6.680   20.273  1.00 48.09 ? 175 ILE A CA  1 
ATOM   1168 C C   . ILE A 1 177 ? -2.591  7.075   21.683  1.00 50.01 ? 175 ILE A C   1 
ATOM   1169 O O   . ILE A 1 177 ? -2.094  8.078   22.241  1.00 50.81 ? 175 ILE A O   1 
ATOM   1170 C CB  . ILE A 1 177 ? -0.691  6.344   20.311  1.00 48.34 ? 175 ILE A CB  1 
ATOM   1171 C CG1 . ILE A 1 177 ? -0.191  6.032   18.906  1.00 47.10 ? 175 ILE A CG1 1 
ATOM   1172 C CG2 . ILE A 1 177 ? -0.447  5.171   21.278  1.00 48.86 ? 175 ILE A CG2 1 
ATOM   1173 C CD1 . ILE A 1 177 ? 1.240   5.602   18.829  1.00 45.05 ? 175 ILE A CD1 1 
ATOM   1174 N N   . GLN A 1 178 ? -3.520  6.306   22.247  1.00 51.01 ? 176 GLN A N   1 
ATOM   1175 C CA  . GLN A 1 178 ? -4.102  6.586   23.558  1.00 51.75 ? 176 GLN A CA  1 
ATOM   1176 C C   . GLN A 1 178 ? -4.650  8.011   23.597  1.00 52.41 ? 176 GLN A C   1 
ATOM   1177 O O   . GLN A 1 178 ? -4.532  8.723   24.606  1.00 52.67 ? 176 GLN A O   1 
ATOM   1178 C CB  . GLN A 1 178 ? -3.075  6.340   24.674  1.00 51.90 ? 176 GLN A CB  1 
ATOM   1179 N N   . ASN A 1 179 ? -5.233  8.419   22.475  1.00 52.43 ? 177 ASN A N   1 
ATOM   1180 C CA  . ASN A 1 179 ? -5.813  9.733   22.318  1.00 52.81 ? 177 ASN A CA  1 
ATOM   1181 C C   . ASN A 1 179 ? -4.773  10.877  22.323  1.00 51.96 ? 177 ASN A C   1 
ATOM   1182 O O   . ASN A 1 179 ? -5.128  12.062  22.373  1.00 52.39 ? 177 ASN A O   1 
ATOM   1183 C CB  . ASN A 1 179 ? -6.895  9.936   23.379  1.00 54.67 ? 177 ASN A CB  1 
ATOM   1184 C CG  . ASN A 1 179 ? -8.143  10.578  22.833  1.00 57.18 ? 177 ASN A CG  1 
ATOM   1185 O OD1 . ASN A 1 179 ? -8.535  10.353  21.682  1.00 59.57 ? 177 ASN A OD1 1 
ATOM   1186 N ND2 . ASN A 1 179 ? -8.790  11.380  23.670  1.00 61.04 ? 177 ASN A ND2 1 
ATOM   1187 N N   . ILE A 1 180 ? -3.495  10.517  22.235  1.00 49.57 ? 178 ILE A N   1 
ATOM   1188 C CA  . ILE A 1 180 ? -2.417  11.491  22.060  1.00 48.28 ? 178 ILE A CA  1 
ATOM   1189 C C   . ILE A 1 180 ? -2.060  11.601  20.567  1.00 47.31 ? 178 ILE A C   1 
ATOM   1190 O O   . ILE A 1 180 ? -1.764  10.584  19.934  1.00 46.96 ? 178 ILE A O   1 
ATOM   1191 C CB  . ILE A 1 180 ? -1.129  11.045  22.845  1.00 47.93 ? 178 ILE A CB  1 
ATOM   1192 C CG1 . ILE A 1 180 ? -1.422  10.855  24.338  1.00 48.04 ? 178 ILE A CG1 1 
ATOM   1193 C CG2 . ILE A 1 180 ? 0.034   11.993  22.582  1.00 48.48 ? 178 ILE A CG2 1 
ATOM   1194 C CD1 . ILE A 1 180 ? -1.938  12.116  25.039  1.00 48.02 ? 178 ILE A CD1 1 
ATOM   1195 N N   . PRO A 1 181 ? -2.072  12.827  20.011  1.00 46.27 ? 179 PRO A N   1 
ATOM   1196 C CA  . PRO A 1 181 ? -1.851  13.030  18.599  1.00 45.13 ? 179 PRO A CA  1 
ATOM   1197 C C   . PRO A 1 181 ? -0.399  12.852  18.217  1.00 44.74 ? 179 PRO A C   1 
ATOM   1198 O O   . PRO A 1 181 ? 0.500   13.216  18.977  1.00 44.54 ? 179 PRO A O   1 
ATOM   1199 C CB  . PRO A 1 181 ? -2.244  14.496  18.378  1.00 46.14 ? 179 PRO A CB  1 
ATOM   1200 C CG  . PRO A 1 181 ? -2.894  14.952  19.665  1.00 45.72 ? 179 PRO A CG  1 
ATOM   1201 C CD  . PRO A 1 181 ? -2.322  14.095  20.719  1.00 46.59 ? 179 PRO A CD  1 
ATOM   1202 N N   . CYS A 1 182 ? -0.188  12.313  17.020  1.00 43.77 ? 180 CYS A N   1 
ATOM   1203 C CA  . CYS A 1 182 ? 1.131   12.040  16.472  1.00 42.94 ? 180 CYS A CA  1 
ATOM   1204 C C   . CYS A 1 182 ? 0.934   11.832  14.975  1.00 42.42 ? 180 CYS A C   1 
ATOM   1205 O O   . CYS A 1 182 ? -0.177  11.995  14.466  1.00 42.04 ? 180 CYS A O   1 
ATOM   1206 C CB  . CYS A 1 182 ? 1.709   10.778  17.104  1.00 42.50 ? 180 CYS A CB  1 
ATOM   1207 S SG  . CYS A 1 182 ? 0.559   9.371   17.218  1.00 44.47 ? 180 CYS A SG  1 
ATOM   1208 N N   . PHE A 1 183 ? 1.998   11.476  14.269  1.00 40.70 ? 181 PHE A N   1 
ATOM   1209 C CA  . PHE A 1 183 ? 1.883   11.270  12.847  1.00 40.09 ? 181 PHE A CA  1 
ATOM   1210 C C   . PHE A 1 183 ? 2.605   9.989   12.463  1.00 39.67 ? 181 PHE A C   1 
ATOM   1211 O O   . PHE A 1 183 ? 3.687   9.708   12.964  1.00 38.99 ? 181 PHE A O   1 
ATOM   1212 C CB  . PHE A 1 183 ? 2.492   12.448  12.093  1.00 40.33 ? 181 PHE A CB  1 
ATOM   1213 C CG  . PHE A 1 183 ? 1.837   13.773  12.404  1.00 40.39 ? 181 PHE A CG  1 
ATOM   1214 C CD1 . PHE A 1 183 ? 0.859   14.273  11.570  1.00 40.91 ? 181 PHE A CD1 1 
ATOM   1215 C CD2 . PHE A 1 183 ? 2.206   14.512  13.531  1.00 40.59 ? 181 PHE A CD2 1 
ATOM   1216 C CE1 . PHE A 1 183 ? 0.236   15.498  11.847  1.00 45.01 ? 181 PHE A CE1 1 
ATOM   1217 C CE2 . PHE A 1 183 ? 1.581   15.744  13.836  1.00 43.97 ? 181 PHE A CE2 1 
ATOM   1218 C CZ  . PHE A 1 183 ? 0.599   16.245  12.981  1.00 43.10 ? 181 PHE A CZ  1 
ATOM   1219 N N   . VAL A 1 184 ? 1.995   9.216   11.581  1.00 38.26 ? 182 VAL A N   1 
ATOM   1220 C CA  . VAL A 1 184 ? 2.688   8.119   10.953  1.00 37.87 ? 182 VAL A CA  1 
ATOM   1221 C C   . VAL A 1 184 ? 3.435   8.664   9.737   1.00 37.86 ? 182 VAL A C   1 
ATOM   1222 O O   . VAL A 1 184 ? 2.829   9.276   8.877   1.00 38.52 ? 182 VAL A O   1 
ATOM   1223 C CB  . VAL A 1 184 ? 1.688   7.017   10.544  1.00 38.19 ? 182 VAL A CB  1 
ATOM   1224 C CG1 . VAL A 1 184 ? 2.381   5.903   9.800   1.00 35.08 ? 182 VAL A CG1 1 
ATOM   1225 C CG2 . VAL A 1 184 ? 0.956   6.478   11.783  1.00 36.14 ? 182 VAL A CG2 1 
ATOM   1226 N N   . ILE A 1 185 ? 4.748   8.435   9.689   1.00 37.94 ? 183 ILE A N   1 
ATOM   1227 C CA  . ILE A 1 185 ? 5.669   8.866   8.624   1.00 39.46 ? 183 ILE A CA  1 
ATOM   1228 C C   . ILE A 1 185 ? 6.039   7.690   7.670   1.00 39.43 ? 183 ILE A C   1 
ATOM   1229 O O   . ILE A 1 185 ? 6.400   6.613   8.137   1.00 39.69 ? 183 ILE A O   1 
ATOM   1230 C CB  . ILE A 1 185 ? 7.009   9.431   9.272   1.00 39.69 ? 183 ILE A CB  1 
ATOM   1231 C CG1 . ILE A 1 185 ? 6.723   10.681  10.101  1.00 41.96 ? 183 ILE A CG1 1 
ATOM   1232 C CG2 . ILE A 1 185 ? 8.027   9.794   8.233   1.00 41.52 ? 183 ILE A CG2 1 
ATOM   1233 C CD1 . ILE A 1 185 ? 5.910   11.750  9.345   1.00 43.11 ? 183 ILE A CD1 1 
ATOM   1234 N N   . MET A 1 186 ? 6.009   7.923   6.355   1.00 39.00 ? 184 MET A N   1 
ATOM   1235 C CA  . MET A 1 186 ? 6.197   6.876   5.354   1.00 39.83 ? 184 MET A CA  1 
ATOM   1236 C C   . MET A 1 186 ? 6.886   7.485   4.142   1.00 39.15 ? 184 MET A C   1 
ATOM   1237 O O   . MET A 1 186 ? 6.580   8.607   3.813   1.00 38.85 ? 184 MET A O   1 
ATOM   1238 C CB  . MET A 1 186 ? 4.803   6.431   4.912   1.00 39.95 ? 184 MET A CB  1 
ATOM   1239 C CG  . MET A 1 186 ? 4.644   5.023   4.551   1.00 44.74 ? 184 MET A CG  1 
ATOM   1240 S SD  . MET A 1 186 ? 2.878   4.714   4.283   1.00 42.90 ? 184 MET A SD  1 
ATOM   1241 C CE  . MET A 1 186 ? 2.452   4.369   5.992   1.00 40.39 ? 184 MET A CE  1 
ATOM   1242 N N   . PRO A 1 187 ? 7.808   6.749   3.467   1.00 39.52 ? 185 PRO A N   1 
ATOM   1243 C CA  . PRO A 1 187 ? 8.290   7.241   2.178   1.00 39.23 ? 185 PRO A CA  1 
ATOM   1244 C C   . PRO A 1 187 ? 7.163   7.260   1.179   1.00 39.42 ? 185 PRO A C   1 
ATOM   1245 O O   . PRO A 1 187 ? 6.262   6.409   1.220   1.00 39.11 ? 185 PRO A O   1 
ATOM   1246 C CB  . PRO A 1 187 ? 9.358   6.211   1.755   1.00 39.46 ? 185 PRO A CB  1 
ATOM   1247 C CG  . PRO A 1 187 ? 9.748   5.479   3.025   1.00 40.31 ? 185 PRO A CG  1 
ATOM   1248 C CD  . PRO A 1 187 ? 8.528   5.532   3.917   1.00 39.33 ? 185 PRO A CD  1 
ATOM   1249 N N   . GLU A 1 188 ? 7.178   8.249   0.301   1.00 39.97 ? 186 GLU A N   1 
ATOM   1250 C CA  . GLU A 1 188 ? 6.188   8.325   -0.758  1.00 41.01 ? 186 GLU A CA  1 
ATOM   1251 C C   . GLU A 1 188 ? 6.335   7.145   -1.737  1.00 40.96 ? 186 GLU A C   1 
ATOM   1252 O O   . GLU A 1 188 ? 5.344   6.586   -2.216  1.00 42.02 ? 186 GLU A O   1 
ATOM   1253 C CB  . GLU A 1 188 ? 6.304   9.665   -1.506  1.00 41.53 ? 186 GLU A CB  1 
ATOM   1254 N N   . ARG A 1 189 ? 7.576   6.795   -2.041  1.00 41.08 ? 187 ARG A N   1 
ATOM   1255 C CA  . ARG A 1 189 ? 7.898   5.588   -2.783  1.00 40.67 ? 187 ARG A CA  1 
ATOM   1256 C C   . ARG A 1 189 ? 7.678   4.430   -1.802  1.00 39.95 ? 187 ARG A C   1 
ATOM   1257 O O   . ARG A 1 189 ? 8.550   4.114   -1.001  1.00 40.31 ? 187 ARG A O   1 
ATOM   1258 C CB  . ARG A 1 189 ? 9.368   5.645   -3.251  1.00 40.65 ? 187 ARG A CB  1 
ATOM   1259 N N   . THR A 1 190 ? 6.498   3.826   -1.844  1.00 39.66 ? 188 THR A N   1 
ATOM   1260 C CA  . THR A 1 190 ? 6.108   2.894   -0.802  1.00 38.96 ? 188 THR A CA  1 
ATOM   1261 C C   . THR A 1 190 ? 7.136   1.793   -0.587  1.00 38.16 ? 188 THR A C   1 
ATOM   1262 O O   . THR A 1 190 ? 7.592   1.167   -1.533  1.00 38.90 ? 188 THR A O   1 
ATOM   1263 C CB  . THR A 1 190 ? 4.743   2.253   -1.108  1.00 39.49 ? 188 THR A CB  1 
ATOM   1264 O OG1 . THR A 1 190 ? 3.805   3.269   -1.523  1.00 42.15 ? 188 THR A OG1 1 
ATOM   1265 C CG2 . THR A 1 190 ? 4.182   1.525   0.127   1.00 38.08 ? 188 THR A CG2 1 
ATOM   1266 N N   . VAL A 1 191 ? 7.486   1.548   0.665   1.00 36.96 ? 189 VAL A N   1 
ATOM   1267 C CA  . VAL A 1 191 ? 8.258   0.378   1.072   1.00 36.58 ? 189 VAL A CA  1 
ATOM   1268 C C   . VAL A 1 191 ? 7.297   -0.613  1.773   1.00 35.59 ? 189 VAL A C   1 
ATOM   1269 O O   . VAL A 1 191 ? 6.476   -0.202  2.606   1.00 36.58 ? 189 VAL A O   1 
ATOM   1270 C CB  . VAL A 1 191 ? 9.398   0.798   2.045   1.00 37.09 ? 189 VAL A CB  1 
ATOM   1271 C CG1 . VAL A 1 191 ? 10.056  -0.419  2.703   1.00 40.29 ? 189 VAL A CG1 1 
ATOM   1272 C CG2 . VAL A 1 191 ? 10.438  1.575   1.302   1.00 35.52 ? 189 VAL A CG2 1 
ATOM   1273 N N   . TYR A 1 192 ? 7.386   -1.904  1.462   1.00 33.40 ? 190 TYR A N   1 
ATOM   1274 C CA  . TYR A 1 192 ? 6.447   -2.880  2.021   1.00 32.99 ? 190 TYR A CA  1 
ATOM   1275 C C   . TYR A 1 192 ? 7.070   -3.547  3.231   1.00 33.52 ? 190 TYR A C   1 
ATOM   1276 O O   . TYR A 1 192 ? 7.972   -4.374  3.124   1.00 33.08 ? 190 TYR A O   1 
ATOM   1277 C CB  . TYR A 1 192 ? 5.937   -3.844  0.930   1.00 32.26 ? 190 TYR A CB  1 
ATOM   1278 C CG  . TYR A 1 192 ? 5.394   -3.052  -0.252  1.00 30.42 ? 190 TYR A CG  1 
ATOM   1279 C CD1 . TYR A 1 192 ? 4.140   -2.407  -0.163  1.00 26.53 ? 190 TYR A CD1 1 
ATOM   1280 C CD2 . TYR A 1 192 ? 6.149   -2.910  -1.433  1.00 27.32 ? 190 TYR A CD2 1 
ATOM   1281 C CE1 . TYR A 1 192 ? 3.654   -1.650  -1.213  1.00 26.81 ? 190 TYR A CE1 1 
ATOM   1282 C CE2 . TYR A 1 192 ? 5.671   -2.169  -2.510  1.00 29.23 ? 190 TYR A CE2 1 
ATOM   1283 C CZ  . TYR A 1 192 ? 4.414   -1.533  -2.388  1.00 27.63 ? 190 TYR A CZ  1 
ATOM   1284 O OH  . TYR A 1 192 ? 3.908   -0.802  -3.443  1.00 28.83 ? 190 TYR A OH  1 
ATOM   1285 N N   . THR A 1 193 ? 6.637   -3.094  4.398   1.00 34.40 ? 191 THR A N   1 
ATOM   1286 C CA  . THR A 1 193 ? 7.215   -3.549  5.665   1.00 36.19 ? 191 THR A CA  1 
ATOM   1287 C C   . THR A 1 193 ? 6.101   -3.547  6.670   1.00 36.58 ? 191 THR A C   1 
ATOM   1288 O O   . THR A 1 193 ? 5.103   -2.867  6.469   1.00 36.91 ? 191 THR A O   1 
ATOM   1289 C CB  . THR A 1 193 ? 8.402   -2.666  6.127   1.00 36.60 ? 191 THR A CB  1 
ATOM   1290 O OG1 . THR A 1 193 ? 8.763   -3.029  7.477   1.00 39.35 ? 191 THR A OG1 1 
ATOM   1291 C CG2 . THR A 1 193 ? 8.029   -1.167  6.083   1.00 36.13 ? 191 THR A CG2 1 
ATOM   1292 N N   . ASP A 1 194 ? 6.220   -4.342  7.722   1.00 38.15 ? 192 ASP A N   1 
ATOM   1293 C CA  . ASP A 1 194 ? 5.214   -4.295  8.738   1.00 39.25 ? 192 ASP A CA  1 
ATOM   1294 C C   . ASP A 1 194 ? 5.608   -3.285  9.819   1.00 39.32 ? 192 ASP A C   1 
ATOM   1295 O O   . ASP A 1 194 ? 4.892   -3.100  10.767  1.00 40.48 ? 192 ASP A O   1 
ATOM   1296 C CB  . ASP A 1 194 ? 4.875   -5.692  9.274   1.00 40.56 ? 192 ASP A CB  1 
ATOM   1297 C CG  . ASP A 1 194 ? 6.091   -6.431  9.829   1.00 43.70 ? 192 ASP A CG  1 
ATOM   1298 O OD1 . ASP A 1 194 ? 7.178   -5.803  10.014  1.00 47.45 ? 192 ASP A OD1 1 
ATOM   1299 O OD2 . ASP A 1 194 ? 5.946   -7.649  10.095  1.00 46.77 ? 192 ASP A OD2 1 
ATOM   1300 N N   . VAL A 1 195 ? 6.709   -2.578  9.641   1.00 39.55 ? 193 VAL A N   1 
ATOM   1301 C CA  . VAL A 1 195 ? 7.158   -1.617  10.654  1.00 40.40 ? 193 VAL A CA  1 
ATOM   1302 C C   . VAL A 1 195 ? 6.775   -0.186  10.269  1.00 41.03 ? 193 VAL A C   1 
ATOM   1303 O O   . VAL A 1 195 ? 7.151   0.290   9.206   1.00 40.74 ? 193 VAL A O   1 
ATOM   1304 C CB  . VAL A 1 195 ? 8.690   -1.678  10.864  1.00 40.22 ? 193 VAL A CB  1 
ATOM   1305 C CG1 . VAL A 1 195 ? 9.167   -0.615  11.874  1.00 41.71 ? 193 VAL A CG1 1 
ATOM   1306 C CG2 . VAL A 1 195 ? 9.124   -3.054  11.321  1.00 41.02 ? 193 VAL A CG2 1 
ATOM   1307 N N   . ILE A 1 196 ? 6.026   0.490   11.138  1.00 41.44 ? 194 ILE A N   1 
ATOM   1308 C CA  . ILE A 1 196 ? 5.714   1.898   10.944  1.00 41.06 ? 194 ILE A CA  1 
ATOM   1309 C C   . ILE A 1 196 ? 6.452   2.819   11.912  1.00 41.26 ? 194 ILE A C   1 
ATOM   1310 O O   . ILE A 1 196 ? 6.772   2.451   13.031  1.00 40.45 ? 194 ILE A O   1 
ATOM   1311 C CB  . ILE A 1 196 ? 4.199   2.175   11.031  1.00 42.06 ? 194 ILE A CB  1 
ATOM   1312 C CG1 . ILE A 1 196 ? 3.631   1.737   12.384  1.00 39.75 ? 194 ILE A CG1 1 
ATOM   1313 C CG2 . ILE A 1 196 ? 3.438   1.502   9.870   1.00 41.70 ? 194 ILE A CG2 1 
ATOM   1314 C CD1 . ILE A 1 196 ? 2.361   2.448   12.683  1.00 38.95 ? 194 ILE A CD1 1 
ATOM   1315 N N   . GLU A 1 197 ? 6.713   4.030   11.456  1.00 42.05 ? 195 GLU A N   1 
ATOM   1316 C CA  . GLU A 1 197 ? 7.405   5.003   12.251  1.00 43.39 ? 195 GLU A CA  1 
ATOM   1317 C C   . GLU A 1 197 ? 6.432   6.113   12.620  1.00 43.15 ? 195 GLU A C   1 
ATOM   1318 O O   . GLU A 1 197 ? 5.668   6.583   11.785  1.00 42.73 ? 195 GLU A O   1 
ATOM   1319 C CB  . GLU A 1 197 ? 8.550   5.618   11.460  1.00 43.99 ? 195 GLU A CB  1 
ATOM   1320 C CG  . GLU A 1 197 ? 9.222   4.664   10.502  1.00 48.92 ? 195 GLU A CG  1 
ATOM   1321 C CD  . GLU A 1 197 ? 10.719  4.770   10.575  1.00 57.10 ? 195 GLU A CD  1 
ATOM   1322 O OE1 . GLU A 1 197 ? 11.310  5.439   9.685   1.00 61.25 ? 195 GLU A OE1 1 
ATOM   1323 O OE2 . GLU A 1 197 ? 11.293  4.196   11.547  1.00 61.18 ? 195 GLU A OE2 1 
ATOM   1324 N N   . ILE A 1 198 ? 6.485   6.537   13.870  1.00 43.28 ? 196 ILE A N   1 
ATOM   1325 C CA  . ILE A 1 198 ? 5.640   7.616   14.344  1.00 44.20 ? 196 ILE A CA  1 
ATOM   1326 C C   . ILE A 1 198 ? 6.487   8.761   14.859  1.00 45.11 ? 196 ILE A C   1 
ATOM   1327 O O   . ILE A 1 198 ? 7.428   8.564   15.602  1.00 44.60 ? 196 ILE A O   1 
ATOM   1328 C CB  . ILE A 1 198 ? 4.683   7.133   15.448  1.00 43.98 ? 196 ILE A CB  1 
ATOM   1329 C CG1 . ILE A 1 198 ? 3.697   6.126   14.854  1.00 42.40 ? 196 ILE A CG1 1 
ATOM   1330 C CG2 . ILE A 1 198 ? 3.898   8.313   16.027  1.00 45.84 ? 196 ILE A CG2 1 
ATOM   1331 C CD1 . ILE A 1 198 ? 2.936   5.407   15.833  1.00 42.76 ? 196 ILE A CD1 1 
ATOM   1332 N N   . ILE A 1 199 ? 6.166   9.971   14.436  1.00 46.88 ? 197 ILE A N   1 
ATOM   1333 C CA  . ILE A 1 199 ? 6.777   11.138  15.064  1.00 48.71 ? 197 ILE A CA  1 
ATOM   1334 C C   . ILE A 1 199 ? 5.716   11.916  15.849  1.00 50.01 ? 197 ILE A C   1 
ATOM   1335 O O   . ILE A 1 199 ? 4.525   11.843  15.540  1.00 49.98 ? 197 ILE A O   1 
ATOM   1336 C CB  . ILE A 1 199 ? 7.532   12.027  14.067  1.00 48.56 ? 197 ILE A CB  1 
ATOM   1337 C CG1 . ILE A 1 199 ? 6.573   12.623  13.035  1.00 49.25 ? 197 ILE A CG1 1 
ATOM   1338 C CG2 . ILE A 1 199 ? 8.692   11.238  13.432  1.00 49.11 ? 197 ILE A CG2 1 
ATOM   1339 C CD1 . ILE A 1 199 ? 7.193   13.701  12.206  1.00 52.27 ? 197 ILE A CD1 1 
ATOM   1340 N N   . SER A 1 200 ? 6.162   12.636  16.874  1.00 51.58 ? 198 SER A N   1 
ATOM   1341 C CA  . SER A 1 200 ? 5.274   13.349  17.787  1.00 52.94 ? 198 SER A CA  1 
ATOM   1342 C C   . SER A 1 200 ? 5.890   14.702  18.111  1.00 53.42 ? 198 SER A C   1 
ATOM   1343 O O   . SER A 1 200 ? 7.061   14.943  17.811  1.00 53.35 ? 198 SER A O   1 
ATOM   1344 C CB  . SER A 1 200 ? 5.121   12.543  19.090  1.00 53.06 ? 198 SER A CB  1 
ATOM   1345 N N   . ASP A 1 201 ? 5.100   15.575  18.731  1.00 54.53 ? 199 ASP A N   1 
ATOM   1346 C CA  . ASP A 1 201 ? 5.632   16.773  19.419  1.00 55.22 ? 199 ASP A CA  1 
ATOM   1347 C C   . ASP A 1 201 ? 6.456   16.322  20.643  1.00 54.81 ? 199 ASP A C   1 
ATOM   1348 O O   . ASP A 1 201 ? 7.674   16.545  20.705  1.00 54.84 ? 199 ASP A O   1 
ATOM   1349 C CB  . ASP A 1 201 ? 4.485   17.710  19.862  1.00 55.34 ? 199 ASP A CB  1 
ATOM   1350 C CG  . ASP A 1 201 ? 4.962   19.134  20.181  1.00 54.89 ? 199 ASP A CG  1 
ATOM   1351 N N   . ASP A 1 214 ? 5.374   -3.786  24.496  1.00 56.73 ? 212 ASP A N   1 
ATOM   1352 C CA  . ASP A 1 214 ? 4.079   -3.144  24.755  1.00 57.63 ? 212 ASP A CA  1 
ATOM   1353 C C   . ASP A 1 214 ? 3.198   -3.193  23.507  1.00 57.54 ? 212 ASP A C   1 
ATOM   1354 O O   . ASP A 1 214 ? 3.601   -2.764  22.413  1.00 57.89 ? 212 ASP A O   1 
ATOM   1355 C CB  . ASP A 1 214 ? 4.232   -1.685  25.217  1.00 57.94 ? 212 ASP A CB  1 
ATOM   1356 C CG  . ASP A 1 214 ? 4.595   -1.552  26.710  1.00 59.81 ? 212 ASP A CG  1 
ATOM   1357 O OD1 . ASP A 1 214 ? 4.340   -2.509  27.485  1.00 60.61 ? 212 ASP A OD1 1 
ATOM   1358 O OD2 . ASP A 1 214 ? 5.130   -0.477  27.097  1.00 58.84 ? 212 ASP A OD2 1 
ATOM   1359 N N   . ARG A 1 215 ? 1.995   -3.728  23.680  1.00 56.78 ? 213 ARG A N   1 
ATOM   1360 C CA  . ARG A 1 215 ? 0.991   -3.758  22.633  1.00 55.94 ? 213 ARG A CA  1 
ATOM   1361 C C   . ARG A 1 215 ? 0.467   -2.336  22.417  1.00 55.11 ? 213 ARG A C   1 
ATOM   1362 O O   . ARG A 1 215 ? 0.508   -1.520  23.338  1.00 54.96 ? 213 ARG A O   1 
ATOM   1363 C CB  . ARG A 1 215 ? -0.138  -4.686  23.050  1.00 55.93 ? 213 ARG A CB  1 
ATOM   1364 C CG  . ARG A 1 215 ? 0.273   -6.159  23.119  1.00 58.37 ? 213 ARG A CG  1 
ATOM   1365 C CD  . ARG A 1 215 ? 0.282   -6.818  21.747  1.00 58.95 ? 213 ARG A CD  1 
ATOM   1366 N NE  . ARG A 1 215 ? -0.993  -6.588  21.077  1.00 60.68 ? 213 ARG A NE  1 
ATOM   1367 C CZ  . ARG A 1 215 ? -1.227  -6.846  19.795  1.00 60.85 ? 213 ARG A CZ  1 
ATOM   1368 N NH1 . ARG A 1 215 ? -0.271  -7.346  19.024  1.00 61.80 ? 213 ARG A NH1 1 
ATOM   1369 N NH2 . ARG A 1 215 ? -2.418  -6.592  19.285  1.00 60.35 ? 213 ARG A NH2 1 
ATOM   1370 N N   . VAL A 1 216 ? 0.001   -2.019  21.210  1.00 53.49 ? 214 VAL A N   1 
ATOM   1371 C CA  . VAL A 1 216 ? -0.411  -0.647  20.930  1.00 52.23 ? 214 VAL A CA  1 
ATOM   1372 C C   . VAL A 1 216 ? -1.485  -0.560  19.852  1.00 51.43 ? 214 VAL A C   1 
ATOM   1373 O O   . VAL A 1 216 ? -1.547  -1.390  18.933  1.00 51.03 ? 214 VAL A O   1 
ATOM   1374 C CB  . VAL A 1 216 ? 0.792   0.273   20.567  1.00 52.31 ? 214 VAL A CB  1 
ATOM   1375 C CG1 . VAL A 1 216 ? 1.573   -0.307  19.411  1.00 52.02 ? 214 VAL A CG1 1 
ATOM   1376 C CG2 . VAL A 1 216 ? 0.314   1.706   20.267  1.00 53.01 ? 214 VAL A CG2 1 
ATOM   1377 N N   . SER A 1 217 ? -2.323  0.459   19.981  1.00 49.66 ? 215 SER A N   1 
ATOM   1378 C CA  . SER A 1 217 ? -3.398  0.689   19.041  1.00 49.02 ? 215 SER A CA  1 
ATOM   1379 C C   . SER A 1 217 ? -3.261  2.110   18.493  1.00 47.52 ? 215 SER A C   1 
ATOM   1380 O O   . SER A 1 217 ? -3.141  3.073   19.256  1.00 47.74 ? 215 SER A O   1 
ATOM   1381 C CB  . SER A 1 217 ? -4.745  0.481   19.737  1.00 49.04 ? 215 SER A CB  1 
ATOM   1382 O OG  . SER A 1 217 ? -5.808  0.554   18.811  1.00 51.57 ? 215 SER A OG  1 
ATOM   1383 N N   . VAL A 1 218 ? -3.231  2.238   17.167  1.00 45.63 ? 216 VAL A N   1 
ATOM   1384 C CA  . VAL A 1 218 ? -3.078  3.540   16.535  1.00 43.58 ? 216 VAL A CA  1 
ATOM   1385 C C   . VAL A 1 218 ? -4.283  3.777   15.628  1.00 43.13 ? 216 VAL A C   1 
ATOM   1386 O O   . VAL A 1 218 ? -4.625  2.919   14.799  1.00 42.10 ? 216 VAL A O   1 
ATOM   1387 C CB  . VAL A 1 218 ? -1.760  3.619   15.714  1.00 43.97 ? 216 VAL A CB  1 
ATOM   1388 C CG1 . VAL A 1 218 ? -1.451  5.058   15.234  1.00 41.34 ? 216 VAL A CG1 1 
ATOM   1389 C CG2 . VAL A 1 218 ? -0.572  3.042   16.534  1.00 43.10 ? 216 VAL A CG2 1 
ATOM   1390 N N   . GLU A 1 219 ? -4.931  4.928   15.802  1.00 41.52 ? 217 GLU A N   1 
ATOM   1391 C CA  . GLU A 1 219 ? -5.973  5.371   14.895  1.00 42.06 ? 217 GLU A CA  1 
ATOM   1392 C C   . GLU A 1 219 ? -5.270  6.228   13.890  1.00 40.69 ? 217 GLU A C   1 
ATOM   1393 O O   . GLU A 1 219 ? -4.467  7.065   14.283  1.00 41.27 ? 217 GLU A O   1 
ATOM   1394 C CB  . GLU A 1 219 ? -6.975  6.295   15.580  1.00 42.36 ? 217 GLU A CB  1 
ATOM   1395 C CG  . GLU A 1 219 ? -7.581  5.825   16.884  1.00 47.77 ? 217 GLU A CG  1 
ATOM   1396 C CD  . GLU A 1 219 ? -8.623  6.843   17.353  1.00 54.14 ? 217 GLU A CD  1 
ATOM   1397 O OE1 . GLU A 1 219 ? -9.602  7.091   16.581  1.00 52.71 ? 217 GLU A OE1 1 
ATOM   1398 O OE2 . GLU A 1 219 ? -8.415  7.425   18.450  1.00 54.53 ? 217 GLU A OE2 1 
ATOM   1399 N N   . VAL A 1 220 ? -5.581  6.074   12.610  1.00 39.05 ? 218 VAL A N   1 
ATOM   1400 C CA  . VAL A 1 220 ? -4.844  6.813   11.614  1.00 38.34 ? 218 VAL A CA  1 
ATOM   1401 C C   . VAL A 1 220 ? -5.857  7.496   10.724  1.00 39.50 ? 218 VAL A C   1 
ATOM   1402 O O   . VAL A 1 220 ? -6.827  6.868   10.307  1.00 39.22 ? 218 VAL A O   1 
ATOM   1403 C CB  . VAL A 1 220 ? -3.874  5.911   10.776  1.00 38.50 ? 218 VAL A CB  1 
ATOM   1404 C CG1 . VAL A 1 220 ? -3.098  6.753   9.808   1.00 35.96 ? 218 VAL A CG1 1 
ATOM   1405 C CG2 . VAL A 1 220 ? -2.917  5.103   11.695  1.00 35.69 ? 218 VAL A CG2 1 
ATOM   1406 N N   . TYR A 1 221 ? -5.630  8.787   10.466  1.00 39.80 ? 219 TYR A N   1 
ATOM   1407 C CA  . TYR A 1 221 ? -6.563  9.613   9.727   1.00 40.91 ? 219 TYR A CA  1 
ATOM   1408 C C   . TYR A 1 221 ? -6.097  9.807   8.295   1.00 40.91 ? 219 TYR A C   1 
ATOM   1409 O O   . TYR A 1 221 ? -5.029  10.363  8.028   1.00 40.32 ? 219 TYR A O   1 
ATOM   1410 C CB  . TYR A 1 221 ? -6.802  10.960  10.451  1.00 41.56 ? 219 TYR A CB  1 
ATOM   1411 C CG  . TYR A 1 221 ? -7.310  10.723  11.870  1.00 45.06 ? 219 TYR A CG  1 
ATOM   1412 C CD1 . TYR A 1 221 ? -6.477  10.890  12.973  1.00 49.16 ? 219 TYR A CD1 1 
ATOM   1413 C CD2 . TYR A 1 221 ? -8.598  10.253  12.088  1.00 45.82 ? 219 TYR A CD2 1 
ATOM   1414 C CE1 . TYR A 1 221 ? -6.922  10.623  14.258  1.00 51.84 ? 219 TYR A CE1 1 
ATOM   1415 C CE2 . TYR A 1 221 ? -9.053  9.989   13.357  1.00 51.84 ? 219 TYR A CE2 1 
ATOM   1416 C CZ  . TYR A 1 221 ? -8.213  10.170  14.441  1.00 53.84 ? 219 TYR A CZ  1 
ATOM   1417 O OH  . TYR A 1 221 ? -8.684  9.895   15.712  1.00 58.12 ? 219 TYR A OH  1 
ATOM   1418 N N   . THR A 1 222 ? -6.924  9.324   7.388   1.00 41.05 ? 220 THR A N   1 
ATOM   1419 C CA  . THR A 1 222 ? -6.675  9.432   5.955   1.00 42.54 ? 220 THR A CA  1 
ATOM   1420 C C   . THR A 1 222 ? -7.465  10.638  5.430   1.00 42.43 ? 220 THR A C   1 
ATOM   1421 O O   . THR A 1 222 ? -7.340  11.030  4.269   1.00 44.08 ? 220 THR A O   1 
ATOM   1422 C CB  . THR A 1 222 ? -7.106  8.110   5.254   1.00 42.21 ? 220 THR A CB  1 
ATOM   1423 O OG1 . THR A 1 222 ? -8.466  7.818   5.599   1.00 43.19 ? 220 THR A OG1 1 
ATOM   1424 C CG2 . THR A 1 222 ? -6.240  6.936   5.747   1.00 41.54 ? 220 THR A CG2 1 
HETATM 1425 O O   . HOH B 2 .   ? 6.053   -6.337  -3.604  1.00 33.73 ? 301 HOH A O   1 
HETATM 1426 O O   . HOH B 2 .   ? -6.478  2.463   0.481   1.00 29.87 ? 302 HOH A O   1 
HETATM 1427 O O   . HOH B 2 .   ? -4.127  -13.970 -29.416 1.00 64.16 ? 303 HOH A O   1 
HETATM 1428 O O   . HOH B 2 .   ? -0.767  6.427   -2.644  1.00 40.00 ? 304 HOH A O   1 
HETATM 1429 O O   . HOH B 2 .   ? 3.423   5.129   0.458   1.00 45.25 ? 305 HOH A O   1 
HETATM 1430 O O   . HOH B 2 .   ? 8.129   -6.724  -19.197 1.00 41.32 ? 306 HOH A O   1 
HETATM 1431 O O   . HOH B 2 .   ? -19.745 10.138  -1.580  1.00 40.13 ? 307 HOH A O   1 
HETATM 1432 O O   . HOH B 2 .   ? -11.761 14.010  0.109   1.00 45.49 ? 308 HOH A O   1 
HETATM 1433 O O   . HOH B 2 .   ? -10.948 10.028  1.897   1.00 42.67 ? 309 HOH A O   1 
HETATM 1434 O O   . HOH B 2 .   ? -0.303  -19.051 -19.576 1.00 56.41 ? 310 HOH A O   1 
HETATM 1435 O O   . HOH B 2 .   ? -3.801  2.555   -8.623  1.00 39.73 ? 311 HOH A O   1 
HETATM 1436 O O   . HOH B 2 .   ? 5.781   17.431  14.326  1.00 58.86 ? 312 HOH A O   1 
HETATM 1437 O O   . HOH B 2 .   ? -4.734  -6.781  2.269   1.00 36.40 ? 313 HOH A O   1 
HETATM 1438 O O   . HOH B 2 .   ? 2.960   -7.007  16.231  1.00 58.95 ? 314 HOH A O   1 
HETATM 1439 O O   . HOH B 2 .   ? -9.850  -0.180  10.788  1.00 53.36 ? 315 HOH A O   1 
HETATM 1440 O O   . HOH B 2 .   ? 7.368   -6.769  6.974   1.00 46.97 ? 316 HOH A O   1 
HETATM 1441 O O   . HOH B 2 .   ? -0.980  15.060  -0.344  1.00 63.91 ? 317 HOH A O   1 
HETATM 1442 O O   . HOH B 2 .   ? -4.815  5.018   -8.888  1.00 42.07 ? 318 HOH A O   1 
HETATM 1443 O O   . HOH B 2 .   ? 7.104   -14.883 -10.997 1.00 38.96 ? 319 HOH A O   1 
HETATM 1444 O O   . HOH B 2 .   ? -10.440 8.785   4.398   1.00 49.71 ? 320 HOH A O   1 
HETATM 1445 O O   . HOH B 2 .   ? 7.314   22.162  -1.571  1.00 57.49 ? 321 HOH A O   1 
HETATM 1446 O O   . HOH B 2 .   ? 9.249   -1.470  -12.609 1.00 44.56 ? 322 HOH A O   1 
HETATM 1447 O O   . HOH B 2 .   ? 5.730   -0.193  -13.504 1.00 53.40 ? 323 HOH A O   1 
HETATM 1448 O O   . HOH B 2 .   ? -9.576  12.655  16.678  1.00 64.29 ? 324 HOH A O   1 
HETATM 1449 O O   . HOH B 2 .   ? 7.405   -10.641 -9.579  1.00 44.72 ? 325 HOH A O   1 
HETATM 1450 O O   . HOH B 2 .   ? -3.366  -10.017 4.678   1.00 53.38 ? 326 HOH A O   1 
HETATM 1451 O O   . HOH B 2 .   ? 8.176   -9.347  -7.027  0.50 37.58 ? 327 HOH A O   1 
HETATM 1452 O O   . HOH B 2 .   ? 4.401   3.785   -4.687  1.00 60.71 ? 328 HOH A O   1 
HETATM 1453 O O   . HOH B 2 .   ? 4.223   14.523  23.473  1.00 68.96 ? 329 HOH A O   1 
HETATM 1454 O O   . HOH B 2 .   ? 7.289   12.102  22.896  1.00 65.29 ? 330 HOH A O   1 
HETATM 1455 O O   . HOH B 2 .   ? -1.224  -0.330  -0.265  1.00 30.23 ? 331 HOH A O   1 
HETATM 1456 O O   . HOH B 2 .   ? 0.556   -3.368  -0.109  1.00 44.05 ? 332 HOH A O   1 
HETATM 1457 O O   . HOH B 2 .   ? 4.939   -9.210  -1.955  1.00 33.26 ? 333 HOH A O   1 
HETATM 1458 O O   . HOH B 2 .   ? 5.719   4.382   8.781   1.00 48.31 ? 334 HOH A O   1 
HETATM 1459 O O   . HOH B 2 .   ? -6.093  9.693   -2.340  1.00 32.37 ? 335 HOH A O   1 
HETATM 1460 O O   . HOH B 2 .   ? -4.403  7.853   -3.267  1.00 31.55 ? 336 HOH A O   1 
HETATM 1461 O O   . HOH B 2 .   ? 4.235   12.593  -0.058  1.00 50.52 ? 337 HOH A O   1 
HETATM 1462 O O   . HOH B 2 .   ? -8.777  15.465  -4.865  1.00 45.30 ? 338 HOH A O   1 
HETATM 1463 O O   . HOH B 2 .   ? 3.785   -8.329  11.736  1.00 57.01 ? 339 HOH A O   1 
HETATM 1464 O O   . HOH B 2 .   ? 10.612  2.206   18.864  1.00 52.70 ? 340 HOH A O   1 
HETATM 1465 O O   . HOH B 2 .   ? -13.219 -3.894  -13.937 1.00 46.80 ? 341 HOH A O   1 
HETATM 1466 O O   . HOH B 2 .   ? -10.951 -6.055  -14.023 1.00 38.33 ? 342 HOH A O   1 
HETATM 1467 O O   . HOH B 2 .   ? 7.014   -6.978  -5.970  1.00 35.24 ? 343 HOH A O   1 
HETATM 1468 O O   . HOH B 2 .   ? -5.395  14.198  23.518  1.00 49.97 ? 344 HOH A O   1 
HETATM 1469 O O   . HOH B 2 .   ? 13.865  8.675   0.061   1.00 65.65 ? 345 HOH A O   1 
HETATM 1470 O O   . HOH B 2 .   ? 0.423   4.666   -4.002  1.00 41.45 ? 346 HOH A O   1 
HETATM 1471 O O   . HOH B 2 .   ? -8.783  11.347  1.742   1.00 56.95 ? 347 HOH A O   1 
HETATM 1472 O O   . HOH B 2 .   ? 6.893   -0.312  -11.319 1.00 48.12 ? 348 HOH A O   1 
HETATM 1473 O O   . HOH B 2 .   ? -13.357 -11.323 -5.048  1.00 49.03 ? 349 HOH A O   1 
HETATM 1474 O O   . HOH B 2 .   ? 3.099   -5.454  4.379   1.00 48.69 ? 350 HOH A O   1 
HETATM 1475 O O   . HOH B 2 .   ? 10.170  -2.420  -10.279 1.00 39.36 ? 351 HOH A O   1 
HETATM 1476 O O   . HOH B 2 .   ? 8.627   -4.576  -6.642  0.50 30.48 ? 352 HOH A O   1 
# 
